data_5OMW
#
_entry.id   5OMW
#
_cell.length_a   158.250
_cell.length_b   68.910
_cell.length_c   228.330
_cell.angle_alpha   90.00
_cell.angle_beta   104.93
_cell.angle_gamma   90.00
#
_symmetry.space_group_name_H-M   'C 1 2 1'
#
loop_
_entity.id
_entity.type
_entity.pdbx_description
1 polymer 'Leucine--tRNA ligase'
2 polymer L-leucyl-tRNA
3 non-polymer 'ZINC ION'
4 non-polymer "5'-O-(L-leucylsulfamoyl)adenosine"
5 non-polymer 'MAGNESIUM ION'
#
loop_
_entity_poly.entity_id
_entity_poly.type
_entity_poly.pdbx_seq_one_letter_code
_entity_poly.pdbx_strand_id
1 'polypeptide(L)'
;MGSSHHHHHHSSGLVPRGSHMQEQYRPEEIESKVQLHWDEKRTFEVTEDESKEKYYCLSMLPYPSGRLHMGHVRNYTIGD
VIARYQRMLGKNVLQPIGWDAFGLPAEGAAVKNNTAPAPWTYDNIAYMKNQLKMLGFGYDWSRELATCTPEYYRWEQKFF
TELYKKGLVYKKTSAVNWCPNDQTVLANEQVIDGCCWRCDTKVERKEIPQWFIKITAYADELLNDLDKLDHWPDTVKTMQ
RNWIGRSEGVEITFNVNDYDNTLTVYTTRPDAFMGCTYLAVAAGHPLAQKAAENNPELAAFIDECRNTKVAEAEMATMEK
KGVDTGFKAVHPLTGEEIPVWAANFVLMEYGTGAVMAVPGHDQRDYEFASKYGLNIKPVILAADGSEPDLSQQALTEKGV
LFNSGEFNGLDHEAAFNAIADKLTAMGVGERKVNYRLRDWGVSRQRYWGAPIPMVTLEDGTVMPTPDDQLPVILPEDVVM
DGITSPIKADPEWAKTTVNGMPALRETDTFDTFMESSWYYARYTCPQYKEGMLDSEAANYWLPVDIYIGGIEHAIMHLLY
FRFFHKLMRDAGMVNSDEPAKQLLCQGMVLADAFYYVGENGERNWVSPVDAIVERDEKGRIVKAKDAAGHELVYTGMSKM
SKSKNNGIDPQVMVERYGADTVRLFMMFASPADMTLEWQESGVEGANRFLKRVWKLVYEHTAKGDVAALNVDALTENQKA
LRRDVHKTIAKVTDDIGRRQTFNTAIAAIMELMNKLAKAPTDGEQDRALMQEALLAVVRMLNPFTPHICFTLWQELKGEG
DIDNAPWPVADEKAMVEDSTLVVVQVNGKVRAKITVPVDATEEQVRERAGQEHLVAKYLDGVTVRKVIYVPGKLLNLVVG
;
A,D
2 'polyribonucleotide'
;GCCCGGAUGGUGGAAUCGGUAGACACAAGGGAUUUAAAAUCCCUCGGCGUUCGCGCUGUGCGGGUUCAAGUCCCGCUCCG
GGUACCA
;
B,E
#
# COMPACT_ATOMS: atom_id res chain seq x y z
N MET A 21 29.18 21.28 20.92
CA MET A 21 28.60 21.13 19.54
C MET A 21 29.32 20.06 18.74
N GLN A 22 28.55 19.13 18.18
CA GLN A 22 29.09 18.10 17.30
C GLN A 22 29.29 18.70 15.90
N GLU A 23 30.18 18.09 15.11
CA GLU A 23 30.35 18.48 13.70
C GLU A 23 29.08 18.24 12.88
N GLN A 24 28.42 17.11 13.14
CA GLN A 24 27.23 16.70 12.40
C GLN A 24 25.96 17.22 13.08
N TYR A 25 25.10 17.88 12.30
CA TYR A 25 23.74 18.23 12.72
C TYR A 25 22.93 16.95 12.96
N ARG A 26 22.55 16.71 14.22
CA ARG A 26 21.78 15.52 14.60
C ARG A 26 20.43 15.90 15.22
N PRO A 27 19.39 16.06 14.38
CA PRO A 27 18.09 16.56 14.87
C PRO A 27 17.51 15.75 16.03
N GLU A 28 17.62 14.42 15.92
CA GLU A 28 17.17 13.50 16.96
C GLU A 28 17.76 13.77 18.35
N GLU A 29 18.95 14.36 18.42
CA GLU A 29 19.59 14.72 19.71
C GLU A 29 19.46 16.21 20.10
N ILE A 30 18.54 16.92 19.46
CA ILE A 30 18.34 18.36 19.66
C ILE A 30 16.88 18.68 19.98
N GLU A 31 15.97 18.20 19.13
CA GLU A 31 14.57 18.63 19.14
C GLU A 31 13.84 18.22 20.41
N SER A 32 13.93 16.94 20.76
CA SER A 32 13.35 16.42 22.02
C SER A 32 13.95 17.10 23.25
N LYS A 33 15.25 17.36 23.17
CA LYS A 33 15.99 18.09 24.20
C LYS A 33 15.46 19.52 24.38
N VAL A 34 15.29 20.25 23.27
CA VAL A 34 14.78 21.63 23.29
C VAL A 34 13.27 21.69 23.63
N GLN A 35 12.51 20.70 23.18
CA GLN A 35 11.09 20.59 23.48
C GLN A 35 10.85 20.46 24.98
N LEU A 36 11.63 19.59 25.62
CA LEU A 36 11.55 19.41 27.08
C LEU A 36 11.87 20.71 27.82
N HIS A 37 12.90 21.42 27.37
CA HIS A 37 13.25 22.72 27.95
C HIS A 37 12.04 23.65 27.95
N TRP A 38 11.37 23.77 26.81
CA TRP A 38 10.18 24.64 26.70
C TRP A 38 9.08 24.24 27.68
N ASP A 39 8.87 22.93 27.86
CA ASP A 39 7.88 22.42 28.81
C ASP A 39 8.22 22.79 30.25
N GLU A 40 9.44 22.49 30.67
CA GLU A 40 9.86 22.73 32.05
C GLU A 40 9.92 24.22 32.40
N LYS A 41 10.44 25.04 31.50
CA LYS A 41 10.48 26.49 31.70
C LYS A 41 9.12 27.16 31.50
N ARG A 42 8.17 26.47 30.88
CA ARG A 42 6.85 27.03 30.56
C ARG A 42 6.99 28.30 29.70
N THR A 43 7.86 28.21 28.67
CA THR A 43 8.23 29.33 27.80
C THR A 43 7.04 30.06 27.18
N PHE A 44 6.12 29.27 26.64
CA PHE A 44 4.96 29.79 25.90
C PHE A 44 3.68 29.84 26.71
N GLU A 45 3.76 29.65 28.03
CA GLU A 45 2.64 29.94 28.91
C GLU A 45 2.62 31.42 29.22
N VAL A 46 1.47 32.04 29.01
CA VAL A 46 1.32 33.48 29.15
C VAL A 46 0.13 33.78 30.06
N THR A 47 0.22 34.89 30.79
CA THR A 47 -0.86 35.42 31.60
C THR A 47 -1.26 36.78 31.03
N GLU A 48 -2.20 37.45 31.68
CA GLU A 48 -2.67 38.78 31.24
C GLU A 48 -1.76 39.87 31.81
N ASP A 49 -0.59 39.99 31.20
CA ASP A 49 0.49 40.85 31.69
C ASP A 49 0.32 42.28 31.18
N GLU A 50 0.02 43.19 32.10
CA GLU A 50 -0.24 44.60 31.77
C GLU A 50 1.03 45.41 31.44
N SER A 51 2.21 44.88 31.77
CA SER A 51 3.47 45.55 31.42
C SER A 51 3.78 45.39 29.93
N LYS A 52 3.57 44.18 29.40
CA LYS A 52 3.89 43.87 28.01
C LYS A 52 2.71 44.21 27.12
N GLU A 53 2.99 44.55 25.86
CA GLU A 53 1.99 44.70 24.82
C GLU A 53 1.58 43.31 24.31
N LYS A 54 0.29 43.10 24.12
CA LYS A 54 -0.26 41.78 23.77
C LYS A 54 -0.28 41.52 22.26
N TYR A 55 -0.21 40.24 21.88
CA TYR A 55 -0.47 39.80 20.50
C TYR A 55 -1.13 38.42 20.54
N TYR A 56 -2.36 38.31 20.01
CA TYR A 56 -3.11 37.04 20.02
C TYR A 56 -3.01 36.43 18.62
N CYS A 57 -2.21 35.35 18.49
CA CYS A 57 -2.00 34.66 17.22
C CYS A 57 -2.76 33.33 17.23
N LEU A 58 -3.92 33.31 16.60
CA LEU A 58 -4.84 32.18 16.66
C LEU A 58 -4.79 31.38 15.38
N SER A 59 -4.59 30.07 15.51
CA SER A 59 -4.85 29.16 14.39
C SER A 59 -6.12 28.37 14.66
N MET A 60 -6.92 28.18 13.61
CA MET A 60 -8.17 27.39 13.67
C MET A 60 -7.89 25.98 14.22
N LEU A 61 -8.63 25.61 15.27
CA LEU A 61 -8.38 24.38 16.04
C LEU A 61 -8.81 23.09 15.33
N PRO A 62 -7.99 22.02 15.44
CA PRO A 62 -8.23 20.80 14.65
C PRO A 62 -9.37 19.95 15.16
N TYR A 63 -10.04 19.25 14.27
CA TYR A 63 -10.92 18.15 14.62
C TYR A 63 -10.00 16.93 14.90
N PRO A 64 -10.19 16.22 16.03
CA PRO A 64 -9.30 15.06 16.29
C PRO A 64 -9.71 13.83 15.47
N SER A 65 -9.24 13.79 14.22
CA SER A 65 -9.58 12.74 13.24
C SER A 65 -8.72 11.47 13.31
N GLY A 66 -7.52 11.56 13.90
CA GLY A 66 -6.67 10.39 14.10
C GLY A 66 -5.20 10.78 14.11
N ARG A 67 -4.71 11.19 12.94
CA ARG A 67 -3.36 11.72 12.77
C ARG A 67 -3.46 13.10 12.13
N LEU A 68 -2.39 13.87 12.27
CA LEU A 68 -2.21 15.08 11.47
C LEU A 68 -1.92 14.69 10.03
N HIS A 69 -2.19 15.62 9.11
CA HIS A 69 -1.73 15.51 7.73
C HIS A 69 -1.01 16.84 7.39
N MET A 70 -0.52 17.00 6.17
CA MET A 70 0.30 18.17 5.83
C MET A 70 -0.49 19.48 5.78
N GLY A 71 -1.80 19.37 5.59
CA GLY A 71 -2.72 20.50 5.76
C GLY A 71 -2.61 21.13 7.13
N HIS A 72 -2.62 20.28 8.15
CA HIS A 72 -2.47 20.71 9.53
C HIS A 72 -1.11 21.33 9.76
N VAL A 73 -0.08 20.73 9.16
CA VAL A 73 1.29 21.19 9.35
C VAL A 73 1.48 22.59 8.74
N ARG A 74 0.85 22.83 7.61
CA ARG A 74 0.98 24.13 6.96
C ARG A 74 0.30 25.22 7.81
N ASN A 75 -0.85 24.89 8.40
CA ASN A 75 -1.65 25.85 9.19
C ASN A 75 -0.88 26.27 10.44
N TYR A 76 -0.41 25.25 11.15
CA TYR A 76 0.21 25.42 12.44
C TYR A 76 1.67 25.85 12.39
N THR A 77 2.35 25.68 11.25
CA THR A 77 3.68 26.25 11.04
C THR A 77 3.58 27.74 10.71
N ILE A 78 2.63 28.12 9.87
CA ILE A 78 2.37 29.52 9.60
C ILE A 78 2.03 30.26 10.90
N GLY A 79 1.19 29.67 11.73
CA GLY A 79 0.88 30.24 13.03
C GLY A 79 2.10 30.46 13.90
N ASP A 80 2.94 29.42 13.98
CA ASP A 80 4.10 29.40 14.86
C ASP A 80 5.16 30.43 14.43
N VAL A 81 5.34 30.59 13.12
CA VAL A 81 6.22 31.61 12.57
C VAL A 81 5.82 33.01 13.05
N ILE A 82 4.53 33.34 12.96
CA ILE A 82 4.07 34.65 13.42
C ILE A 82 4.10 34.74 14.95
N ALA A 83 3.83 33.62 15.62
CA ALA A 83 3.91 33.60 17.08
C ALA A 83 5.33 33.89 17.57
N ARG A 84 6.32 33.27 16.94
CA ARG A 84 7.72 33.43 17.35
C ARG A 84 8.30 34.76 16.87
N TYR A 85 7.93 35.21 15.68
CA TYR A 85 8.37 36.51 15.16
C TYR A 85 7.92 37.66 16.07
N GLN A 86 6.66 37.60 16.50
CA GLN A 86 6.08 38.67 17.33
C GLN A 86 6.59 38.64 18.76
N ARG A 87 6.84 37.44 19.29
CA ARG A 87 7.51 37.29 20.59
C ARG A 87 8.87 37.96 20.56
N MET A 88 9.61 37.74 19.46
CA MET A 88 10.93 38.32 19.26
C MET A 88 10.91 39.85 19.11
N LEU A 89 9.80 40.41 18.61
CA LEU A 89 9.59 41.87 18.65
C LEU A 89 9.22 42.44 20.04
N GLY A 90 9.04 41.59 21.04
CA GLY A 90 8.88 42.01 22.44
C GLY A 90 7.47 41.96 22.99
N LYS A 91 6.58 41.22 22.33
CA LYS A 91 5.17 41.20 22.70
C LYS A 91 4.83 39.95 23.53
N ASN A 92 3.73 40.05 24.27
CA ASN A 92 3.17 38.94 25.02
C ASN A 92 2.22 38.18 24.08
N VAL A 93 2.69 37.06 23.55
CA VAL A 93 2.00 36.33 22.49
C VAL A 93 1.16 35.17 23.03
N LEU A 94 -0.15 35.23 22.86
CA LEU A 94 -1.01 34.07 23.14
C LEU A 94 -1.10 33.23 21.86
N GLN A 95 -0.71 31.96 21.94
CA GLN A 95 -0.87 30.99 20.85
C GLN A 95 -1.48 29.72 21.43
N PRO A 96 -2.81 29.61 21.41
CA PRO A 96 -3.47 28.49 22.06
C PRO A 96 -3.82 27.35 21.09
N ILE A 97 -4.04 26.16 21.66
CA ILE A 97 -4.46 24.98 20.91
C ILE A 97 -5.55 24.25 21.70
N GLY A 98 -6.43 23.54 20.98
CA GLY A 98 -7.50 22.78 21.59
C GLY A 98 -8.10 21.85 20.56
N TRP A 99 -9.24 21.26 20.87
CA TRP A 99 -9.81 20.22 20.03
C TRP A 99 -11.28 20.47 19.81
N ASP A 100 -11.65 20.68 18.55
CA ASP A 100 -13.06 20.79 18.11
C ASP A 100 -13.57 19.37 18.02
N ALA A 101 -13.92 18.81 19.18
CA ALA A 101 -14.00 17.36 19.37
C ALA A 101 -15.35 16.65 19.05
N PHE A 102 -16.47 17.38 18.95
CA PHE A 102 -17.72 16.76 18.48
C PHE A 102 -17.68 16.66 16.96
N GLY A 103 -18.49 15.75 16.42
CA GLY A 103 -18.57 15.54 14.98
C GLY A 103 -19.14 14.19 14.54
N LEU A 104 -19.46 14.11 13.25
CA LEU A 104 -19.97 12.91 12.61
C LEU A 104 -18.93 11.79 12.49
N PRO A 105 -17.69 12.12 12.07
CA PRO A 105 -16.71 11.03 11.85
C PRO A 105 -16.57 10.05 13.02
N ALA A 106 -16.65 10.54 14.25
CA ALA A 106 -16.52 9.68 15.43
C ALA A 106 -17.60 8.59 15.59
N GLU A 107 -18.79 8.82 15.03
CA GLU A 107 -19.89 7.85 15.16
C GLU A 107 -19.66 6.60 14.29
N GLY A 108 -19.37 6.80 13.01
CA GLY A 108 -19.07 5.71 12.08
C GLY A 108 -17.77 4.98 12.37
N ALA A 109 -16.78 5.69 12.94
CA ALA A 109 -15.52 5.08 13.35
C ALA A 109 -15.70 4.22 14.61
N ALA A 110 -16.42 4.76 15.60
CA ALA A 110 -16.66 4.05 16.87
C ALA A 110 -17.41 2.73 16.67
N VAL A 111 -18.42 2.75 15.81
CA VAL A 111 -19.19 1.55 15.45
C VAL A 111 -18.28 0.51 14.81
N LYS A 112 -17.60 0.95 13.74
CA LYS A 112 -16.71 0.08 12.97
C LYS A 112 -15.57 -0.55 13.80
N ASN A 113 -15.06 0.15 14.81
CA ASN A 113 -13.97 -0.36 15.67
C ASN A 113 -14.42 -0.91 17.03
N ASN A 114 -15.74 -0.98 17.26
CA ASN A 114 -16.30 -1.55 18.48
C ASN A 114 -15.92 -0.76 19.76
N THR A 115 -16.10 0.56 19.69
CA THR A 115 -15.89 1.48 20.81
C THR A 115 -17.12 2.40 20.90
N ALA A 116 -17.06 3.39 21.79
CA ALA A 116 -18.00 4.52 21.78
C ALA A 116 -17.26 5.75 21.23
N PRO A 117 -18.01 6.78 20.75
CA PRO A 117 -17.36 8.00 20.27
C PRO A 117 -16.42 8.71 21.25
N ALA A 118 -16.75 8.74 22.54
CA ALA A 118 -15.90 9.46 23.51
C ALA A 118 -14.46 8.91 23.63
N PRO A 119 -14.29 7.60 23.89
CA PRO A 119 -12.91 7.06 23.97
C PRO A 119 -12.11 7.10 22.67
N TRP A 120 -12.78 6.91 21.53
CA TRP A 120 -12.12 7.05 20.23
C TRP A 120 -11.56 8.46 20.04
N THR A 121 -12.40 9.46 20.33
CA THR A 121 -12.03 10.88 20.30
C THR A 121 -10.87 11.24 21.24
N TYR A 122 -10.92 10.79 22.50
CA TYR A 122 -9.83 11.11 23.44
C TYR A 122 -8.51 10.42 23.09
N ASP A 123 -8.59 9.27 22.42
CA ASP A 123 -7.38 8.58 21.92
C ASP A 123 -6.69 9.39 20.83
N ASN A 124 -7.49 9.79 19.84
CA ASN A 124 -7.05 10.69 18.77
C ASN A 124 -6.42 11.98 19.32
N ILE A 125 -7.07 12.61 20.29
CA ILE A 125 -6.55 13.84 20.90
C ILE A 125 -5.12 13.61 21.45
N ALA A 126 -4.91 12.51 22.18
CA ALA A 126 -3.60 12.18 22.77
C ALA A 126 -2.56 11.91 21.70
N TYR A 127 -2.94 11.18 20.67
CA TYR A 127 -2.05 10.85 19.56
C TYR A 127 -1.59 12.14 18.87
N MET A 128 -2.54 12.99 18.49
CA MET A 128 -2.24 14.24 17.78
C MET A 128 -1.56 15.26 18.67
N LYS A 129 -1.98 15.36 19.93
CA LYS A 129 -1.27 16.19 20.90
C LYS A 129 0.23 15.91 20.85
N ASN A 130 0.56 14.63 20.80
CA ASN A 130 1.95 14.19 20.78
C ASN A 130 2.66 14.57 19.47
N GLN A 131 1.95 14.46 18.35
CA GLN A 131 2.49 14.89 17.06
C GLN A 131 2.78 16.38 17.03
N LEU A 132 1.87 17.18 17.58
CA LEU A 132 2.01 18.63 17.62
C LEU A 132 3.18 19.06 18.50
N LYS A 133 3.36 18.36 19.61
CA LYS A 133 4.49 18.62 20.49
C LYS A 133 5.83 18.23 19.87
N MET A 134 5.84 17.22 19.00
CA MET A 134 7.05 16.80 18.27
C MET A 134 7.43 17.72 17.11
N LEU A 135 6.48 18.51 16.62
CA LEU A 135 6.76 19.58 15.64
C LEU A 135 7.25 20.88 16.27
N GLY A 136 7.14 20.99 17.59
CA GLY A 136 7.77 22.11 18.33
C GLY A 136 7.04 23.43 18.25
N PHE A 137 5.72 23.38 18.10
CA PHE A 137 4.92 24.60 18.02
C PHE A 137 4.79 25.16 19.43
N GLY A 138 5.14 26.42 19.62
CA GLY A 138 5.12 27.04 20.94
C GLY A 138 3.73 27.44 21.39
N TYR A 139 2.97 26.47 21.87
CA TYR A 139 1.61 26.68 22.34
C TYR A 139 1.58 26.92 23.83
N ASP A 140 0.55 27.63 24.31
CA ASP A 140 0.23 27.69 25.73
C ASP A 140 -0.64 26.49 26.07
N TRP A 141 0.00 25.37 26.37
CA TRP A 141 -0.71 24.13 26.72
C TRP A 141 -1.54 24.23 28.00
N SER A 142 -1.24 25.22 28.85
CA SER A 142 -2.06 25.48 30.02
C SER A 142 -3.52 25.82 29.64
N ARG A 143 -3.74 26.42 28.47
CA ARG A 143 -5.09 26.80 28.04
C ARG A 143 -5.79 25.79 27.10
N GLU A 144 -5.38 24.52 27.14
CA GLU A 144 -5.91 23.49 26.25
C GLU A 144 -7.40 23.22 26.56
N LEU A 145 -8.21 23.18 25.50
CA LEU A 145 -9.65 22.99 25.57
C LEU A 145 -10.03 21.75 24.80
N ALA A 146 -10.99 20.97 25.29
CA ALA A 146 -11.73 20.01 24.46
C ALA A 146 -13.20 20.42 24.38
N THR A 147 -13.73 20.59 23.17
CA THR A 147 -15.10 21.09 23.01
C THR A 147 -16.18 20.05 23.40
N CYS A 148 -15.80 18.77 23.50
CA CYS A 148 -16.72 17.71 23.90
C CYS A 148 -16.88 17.55 25.40
N THR A 149 -16.11 18.30 26.19
CA THR A 149 -16.23 18.24 27.67
C THR A 149 -17.38 19.14 28.18
N PRO A 150 -18.11 18.70 29.23
CA PRO A 150 -19.18 19.55 29.77
C PRO A 150 -18.71 20.87 30.42
N GLU A 151 -17.42 20.98 30.75
CA GLU A 151 -16.83 22.22 31.27
C GLU A 151 -16.84 23.33 30.20
N TYR A 152 -16.82 22.90 28.94
CA TYR A 152 -16.94 23.77 27.78
C TYR A 152 -18.38 24.00 27.32
N TYR A 153 -19.09 22.92 26.94
CA TYR A 153 -20.39 23.07 26.25
C TYR A 153 -21.53 23.57 27.12
N ARG A 154 -21.41 23.43 28.44
CA ARG A 154 -22.40 24.01 29.34
C ARG A 154 -22.65 25.48 29.07
N TRP A 155 -21.62 26.22 28.64
CA TRP A 155 -21.74 27.66 28.46
C TRP A 155 -22.50 28.04 27.20
N GLU A 156 -22.28 27.30 26.12
CA GLU A 156 -23.07 27.49 24.89
C GLU A 156 -24.51 27.06 25.10
N GLN A 157 -24.72 26.05 25.94
CA GLN A 157 -26.07 25.66 26.39
C GLN A 157 -26.77 26.80 27.12
N LYS A 158 -26.10 27.33 28.14
CA LYS A 158 -26.57 28.50 28.87
C LYS A 158 -26.81 29.67 27.90
N PHE A 159 -25.83 29.93 27.04
CA PHE A 159 -25.95 31.01 26.06
C PHE A 159 -27.19 30.84 25.15
N PHE A 160 -27.46 29.61 24.70
CA PHE A 160 -28.58 29.35 23.78
C PHE A 160 -29.93 29.69 24.39
N THR A 161 -30.06 29.45 25.71
CA THR A 161 -31.30 29.78 26.42
C THR A 161 -31.50 31.29 26.56
N GLU A 162 -30.40 32.02 26.77
CA GLU A 162 -30.44 33.49 26.73
C GLU A 162 -30.84 34.00 25.34
N LEU A 163 -30.35 33.33 24.29
CA LEU A 163 -30.74 33.67 22.91
C LEU A 163 -32.22 33.41 22.64
N TYR A 164 -32.76 32.32 23.17
CA TYR A 164 -34.18 32.05 23.07
C TYR A 164 -34.98 33.17 23.73
N LYS A 165 -34.67 33.45 25.00
CA LYS A 165 -35.29 34.54 25.78
C LYS A 165 -35.26 35.90 25.10
N LYS A 166 -34.22 36.18 24.31
CA LYS A 166 -34.11 37.43 23.54
C LYS A 166 -34.87 37.44 22.19
N GLY A 167 -35.54 36.34 21.84
CA GLY A 167 -36.29 36.26 20.59
C GLY A 167 -35.48 35.91 19.35
N LEU A 168 -34.22 35.51 19.55
CA LEU A 168 -33.32 35.17 18.44
C LEU A 168 -33.32 33.67 18.09
N VAL A 169 -34.22 32.88 18.67
CA VAL A 169 -34.35 31.46 18.36
C VAL A 169 -35.82 31.07 18.13
N TYR A 170 -36.09 30.39 17.03
CA TYR A 170 -37.42 29.89 16.72
C TYR A 170 -37.30 28.48 16.15
N LYS A 171 -38.45 27.79 16.06
CA LYS A 171 -38.51 26.46 15.48
C LYS A 171 -39.33 26.51 14.19
N LYS A 172 -38.85 25.83 13.17
CA LYS A 172 -39.65 25.58 11.98
C LYS A 172 -39.25 24.29 11.29
N THR A 173 -40.13 23.85 10.39
CA THR A 173 -39.96 22.64 9.63
C THR A 173 -38.91 22.84 8.52
N SER A 174 -38.02 21.86 8.35
CA SER A 174 -36.88 21.96 7.43
C SER A 174 -36.49 20.62 6.78
N ALA A 175 -36.07 20.68 5.52
CA ALA A 175 -35.76 19.48 4.72
C ALA A 175 -34.49 18.78 5.18
N VAL A 176 -34.58 17.47 5.37
CA VAL A 176 -33.45 16.66 5.79
C VAL A 176 -33.36 15.39 4.93
N ASN A 177 -32.14 14.88 4.70
CA ASN A 177 -31.94 13.64 3.93
C ASN A 177 -32.36 12.51 4.86
N TRP A 178 -33.35 11.73 4.43
CA TRP A 178 -34.02 10.75 5.28
C TRP A 178 -33.98 9.39 4.60
N CYS A 179 -33.57 8.37 5.37
CA CYS A 179 -33.65 6.98 4.92
C CYS A 179 -34.92 6.36 5.50
N PRO A 180 -35.94 6.13 4.64
CA PRO A 180 -37.25 5.67 5.16
C PRO A 180 -37.20 4.26 5.76
N ASN A 181 -36.27 3.43 5.31
CA ASN A 181 -36.07 2.08 5.84
C ASN A 181 -35.48 2.14 7.25
N ASP A 182 -34.28 2.73 7.36
CA ASP A 182 -33.57 2.82 8.65
C ASP A 182 -34.21 3.81 9.63
N GLN A 183 -34.89 4.83 9.11
CA GLN A 183 -35.43 5.98 9.87
C GLN A 183 -34.33 6.82 10.57
N THR A 184 -33.23 6.99 9.84
CA THR A 184 -32.07 7.77 10.28
C THR A 184 -31.95 8.98 9.37
N VAL A 185 -31.34 10.04 9.91
CA VAL A 185 -30.99 11.23 9.12
C VAL A 185 -29.53 11.11 8.64
N LEU A 186 -29.28 11.54 7.40
CA LEU A 186 -27.97 11.45 6.76
C LEU A 186 -27.45 12.82 6.39
N ALA A 187 -26.15 13.01 6.55
CA ALA A 187 -25.51 14.25 6.11
C ALA A 187 -25.27 14.16 4.60
N ASN A 188 -25.13 15.30 3.95
CA ASN A 188 -24.95 15.36 2.48
C ASN A 188 -23.77 14.52 2.02
N GLU A 189 -22.69 14.53 2.80
CA GLU A 189 -21.49 13.70 2.57
C GLU A 189 -21.81 12.20 2.52
N GLN A 190 -22.70 11.75 3.40
CA GLN A 190 -23.11 10.33 3.47
C GLN A 190 -24.07 9.87 2.37
N VAL A 191 -24.59 10.79 1.57
CA VAL A 191 -25.38 10.46 0.38
C VAL A 191 -24.44 10.57 -0.82
N ILE A 192 -24.22 9.46 -1.53
CA ILE A 192 -23.28 9.41 -2.67
C ILE A 192 -23.89 8.64 -3.85
N ASP A 193 -23.79 9.23 -5.05
CA ASP A 193 -24.38 8.70 -6.29
C ASP A 193 -25.91 8.46 -6.22
N GLY A 194 -26.62 9.29 -5.45
CA GLY A 194 -28.08 9.16 -5.29
C GLY A 194 -28.52 8.31 -4.11
N CYS A 195 -28.11 7.04 -4.11
CA CYS A 195 -28.37 6.12 -2.99
C CYS A 195 -27.53 6.49 -1.76
N CYS A 196 -27.81 5.82 -0.63
CA CYS A 196 -26.98 5.91 0.56
C CYS A 196 -25.67 5.13 0.37
N TRP A 197 -24.66 5.48 1.15
CA TRP A 197 -23.35 4.81 1.11
C TRP A 197 -23.27 3.47 1.87
N ARG A 198 -24.37 3.06 2.53
CA ARG A 198 -24.44 1.75 3.19
C ARG A 198 -24.97 0.64 2.26
N CYS A 199 -26.22 0.80 1.78
CA CYS A 199 -26.90 -0.19 0.93
C CYS A 199 -27.74 0.50 -0.16
N ASP A 200 -28.31 -0.30 -1.07
CA ASP A 200 -29.06 0.22 -2.22
C ASP A 200 -30.57 0.36 -1.99
N THR A 201 -31.00 1.59 -1.71
CA THR A 201 -32.43 2.01 -1.67
C THR A 201 -32.47 3.55 -1.54
N LYS A 202 -33.51 4.16 -2.09
CA LYS A 202 -33.54 5.63 -2.23
C LYS A 202 -33.51 6.42 -0.91
N VAL A 203 -32.96 7.64 -1.00
CA VAL A 203 -32.93 8.60 0.10
C VAL A 203 -33.92 9.71 -0.27
N GLU A 204 -34.84 10.02 0.64
CA GLU A 204 -35.91 10.98 0.37
C GLU A 204 -35.83 12.26 1.20
N ARG A 205 -36.40 13.35 0.68
CA ARG A 205 -36.63 14.56 1.47
C ARG A 205 -37.71 14.30 2.52
N LYS A 206 -37.44 14.78 3.74
CA LYS A 206 -38.43 14.78 4.80
C LYS A 206 -38.33 16.10 5.55
N GLU A 207 -39.44 16.83 5.58
CA GLU A 207 -39.55 18.05 6.34
C GLU A 207 -39.69 17.68 7.81
N ILE A 208 -38.79 18.17 8.65
CA ILE A 208 -38.73 17.81 10.07
C ILE A 208 -38.59 19.08 10.91
N PRO A 209 -39.35 19.22 12.01
CA PRO A 209 -39.24 20.45 12.82
C PRO A 209 -37.87 20.57 13.53
N GLN A 210 -37.26 21.76 13.46
CA GLN A 210 -35.88 21.97 13.93
C GLN A 210 -35.62 23.39 14.42
N TRP A 211 -34.56 23.55 15.20
CA TRP A 211 -34.20 24.84 15.83
C TRP A 211 -33.29 25.74 14.97
N PHE A 212 -33.67 27.02 14.83
CA PHE A 212 -32.89 28.01 14.06
C PHE A 212 -32.53 29.22 14.90
N ILE A 213 -31.42 29.86 14.55
CA ILE A 213 -30.97 31.10 15.18
C ILE A 213 -31.03 32.18 14.10
N LYS A 214 -31.59 33.35 14.46
CA LYS A 214 -31.88 34.41 13.49
C LYS A 214 -30.63 35.21 13.14
N ILE A 215 -29.72 34.58 12.40
CA ILE A 215 -28.52 35.26 11.88
C ILE A 215 -28.89 36.37 10.88
N THR A 216 -30.02 36.20 10.19
CA THR A 216 -30.57 37.24 9.30
C THR A 216 -30.88 38.54 10.02
N ALA A 217 -31.15 38.47 11.33
CA ALA A 217 -31.31 39.69 12.15
C ALA A 217 -30.06 40.58 12.19
N TYR A 218 -28.88 40.02 11.94
CA TYR A 218 -27.62 40.75 11.91
C TYR A 218 -27.05 40.87 10.48
N ALA A 219 -27.79 40.43 9.48
CA ALA A 219 -27.31 40.40 8.10
C ALA A 219 -26.72 41.73 7.64
N ASP A 220 -27.40 42.84 7.95
CA ASP A 220 -26.91 44.18 7.59
C ASP A 220 -25.65 44.56 8.34
N GLU A 221 -25.56 44.22 9.61
CA GLU A 221 -24.34 44.50 10.36
C GLU A 221 -23.18 43.69 9.81
N LEU A 222 -23.45 42.42 9.53
CA LEU A 222 -22.44 41.53 8.95
C LEU A 222 -22.02 42.00 7.57
N LEU A 223 -22.98 42.48 6.80
CA LEU A 223 -22.69 43.00 5.46
C LEU A 223 -21.91 44.32 5.50
N ASN A 224 -22.41 45.29 6.26
CA ASN A 224 -21.79 46.63 6.34
C ASN A 224 -20.37 46.61 6.90
N ASP A 225 -20.15 45.82 7.96
CA ASP A 225 -18.84 45.78 8.64
C ASP A 225 -17.69 45.18 7.83
N LEU A 226 -17.96 44.53 6.68
CA LEU A 226 -16.87 44.12 5.77
C LEU A 226 -16.02 45.30 5.24
N ASP A 227 -16.63 46.49 5.17
CA ASP A 227 -15.94 47.72 4.77
C ASP A 227 -14.97 48.27 5.85
N LYS A 228 -15.01 47.72 7.07
CA LYS A 228 -14.04 48.06 8.14
C LYS A 228 -12.85 47.08 8.23
N LEU A 229 -12.91 45.96 7.51
CA LEU A 229 -11.92 44.88 7.66
C LEU A 229 -10.88 44.96 6.59
N ASP A 230 -10.08 46.02 6.65
CA ASP A 230 -9.08 46.29 5.60
C ASP A 230 -7.86 45.35 5.64
N HIS A 231 -7.67 44.63 6.74
CA HIS A 231 -6.67 43.57 6.82
C HIS A 231 -7.25 42.15 6.67
N TRP A 232 -8.49 42.04 6.17
CA TRP A 232 -9.03 40.78 5.67
C TRP A 232 -8.87 40.80 4.15
N PRO A 233 -8.49 39.67 3.53
CA PRO A 233 -8.38 39.68 2.07
C PRO A 233 -9.74 39.82 1.35
N ASP A 234 -9.71 40.37 0.14
CA ASP A 234 -10.91 40.59 -0.68
C ASP A 234 -11.54 39.31 -1.22
N THR A 235 -10.76 38.24 -1.38
CA THR A 235 -11.33 36.93 -1.72
C THR A 235 -12.43 36.57 -0.73
N VAL A 236 -12.12 36.74 0.56
CA VAL A 236 -13.02 36.36 1.65
C VAL A 236 -14.17 37.36 1.76
N LYS A 237 -13.86 38.66 1.73
CA LYS A 237 -14.89 39.67 1.84
C LYS A 237 -15.92 39.60 0.71
N THR A 238 -15.47 39.43 -0.54
CA THR A 238 -16.37 39.34 -1.68
C THR A 238 -17.22 38.06 -1.67
N MET A 239 -16.60 36.92 -1.32
CA MET A 239 -17.36 35.68 -1.13
C MET A 239 -18.48 35.89 -0.10
N GLN A 240 -18.18 36.55 1.02
CA GLN A 240 -19.19 36.81 2.07
C GLN A 240 -20.34 37.75 1.65
N ARG A 241 -20.04 38.81 0.91
CA ARG A 241 -21.10 39.69 0.35
C ARG A 241 -22.08 38.90 -0.50
N ASN A 242 -21.53 38.10 -1.40
CA ASN A 242 -22.32 37.28 -2.34
C ASN A 242 -23.11 36.18 -1.66
N TRP A 243 -22.60 35.69 -0.51
CA TRP A 243 -23.30 34.70 0.28
C TRP A 243 -24.52 35.27 0.98
N ILE A 244 -24.35 36.43 1.60
CA ILE A 244 -25.44 37.13 2.27
C ILE A 244 -26.50 37.60 1.25
N GLY A 245 -26.06 38.18 0.15
CA GLY A 245 -26.93 38.47 -0.99
C GLY A 245 -28.06 39.46 -0.77
N ARG A 246 -27.73 40.65 -0.31
CA ARG A 246 -28.76 41.64 -0.03
C ARG A 246 -29.35 42.16 -1.33
N SER A 247 -30.69 42.19 -1.43
CA SER A 247 -31.39 42.78 -2.56
C SER A 247 -32.60 43.59 -2.09
N GLU A 248 -32.84 44.74 -2.71
CA GLU A 248 -34.04 45.56 -2.47
C GLU A 248 -35.03 45.31 -3.60
N GLY A 249 -36.23 44.83 -3.24
CA GLY A 249 -37.24 44.44 -4.24
C GLY A 249 -38.65 44.73 -3.77
N VAL A 250 -39.58 43.86 -4.20
CA VAL A 250 -41.01 44.03 -3.98
C VAL A 250 -41.68 42.66 -3.84
N GLU A 251 -42.50 42.49 -2.79
CA GLU A 251 -43.33 41.31 -2.63
C GLU A 251 -44.70 41.59 -3.26
N ILE A 252 -45.19 40.65 -4.07
CA ILE A 252 -46.42 40.84 -4.87
C ILE A 252 -47.36 39.67 -4.62
N THR A 253 -48.63 39.98 -4.35
CA THR A 253 -49.64 38.97 -4.00
C THR A 253 -50.67 38.82 -5.14
N PHE A 254 -50.99 37.57 -5.49
CA PHE A 254 -51.92 37.24 -6.57
C PHE A 254 -53.07 36.43 -6.00
N ASN A 255 -54.28 36.79 -6.40
CA ASN A 255 -55.43 35.93 -6.23
C ASN A 255 -55.37 34.79 -7.27
N VAL A 256 -55.86 33.62 -6.91
CA VAL A 256 -55.97 32.50 -7.84
C VAL A 256 -57.45 32.09 -8.00
N ASN A 257 -57.91 31.97 -9.25
CA ASN A 257 -59.29 31.50 -9.54
C ASN A 257 -59.53 30.09 -8.98
N ASP A 258 -60.63 29.94 -8.22
CA ASP A 258 -61.04 28.68 -7.56
C ASP A 258 -60.06 28.12 -6.52
N TYR A 259 -59.52 29.04 -5.72
CA TYR A 259 -58.62 28.70 -4.62
C TYR A 259 -58.76 29.87 -3.66
N ASP A 260 -58.95 29.57 -2.38
CA ASP A 260 -59.34 30.59 -1.39
C ASP A 260 -58.16 31.39 -0.85
N ASN A 261 -56.98 30.77 -0.80
CA ASN A 261 -55.73 31.45 -0.39
C ASN A 261 -55.05 32.18 -1.54
N THR A 262 -54.14 33.09 -1.20
CA THR A 262 -53.32 33.83 -2.16
C THR A 262 -51.91 33.21 -2.29
N LEU A 263 -51.21 33.64 -3.34
CA LEU A 263 -49.81 33.30 -3.61
C LEU A 263 -49.01 34.58 -3.52
N THR A 264 -47.92 34.60 -2.76
CA THR A 264 -47.02 35.78 -2.69
C THR A 264 -45.66 35.43 -3.28
N VAL A 265 -45.15 36.31 -4.13
CA VAL A 265 -43.82 36.16 -4.73
C VAL A 265 -42.94 37.37 -4.40
N TYR A 266 -41.64 37.20 -4.58
CA TYR A 266 -40.65 38.26 -4.40
C TYR A 266 -39.83 38.39 -5.68
N THR A 267 -39.83 39.60 -6.25
CA THR A 267 -39.00 39.93 -7.39
C THR A 267 -38.14 41.16 -7.10
N THR A 268 -36.94 41.18 -7.66
CA THR A 268 -36.11 42.37 -7.71
C THR A 268 -36.29 43.11 -9.04
N ARG A 269 -37.10 42.55 -9.96
CA ARG A 269 -37.37 43.14 -11.27
C ARG A 269 -38.86 43.50 -11.45
N PRO A 270 -39.42 44.34 -10.56
CA PRO A 270 -40.81 44.75 -10.78
C PRO A 270 -41.01 45.60 -12.07
N ASP A 271 -39.92 46.15 -12.63
CA ASP A 271 -39.95 46.83 -13.93
C ASP A 271 -40.39 45.95 -15.11
N ALA A 272 -40.09 44.65 -15.06
CA ALA A 272 -40.52 43.72 -16.10
C ALA A 272 -41.78 42.94 -15.70
N PHE A 273 -42.55 43.46 -14.75
CA PHE A 273 -43.70 42.75 -14.22
C PHE A 273 -44.81 42.52 -15.25
N MET A 274 -44.90 43.40 -16.26
CA MET A 274 -45.92 43.27 -17.31
C MET A 274 -45.62 42.13 -18.28
N GLY A 275 -44.39 41.62 -18.25
CA GLY A 275 -44.00 40.45 -19.01
C GLY A 275 -44.00 39.19 -18.18
N CYS A 276 -44.72 39.18 -17.06
CA CYS A 276 -44.94 37.97 -16.26
C CYS A 276 -46.04 37.11 -16.90
N THR A 277 -45.63 36.02 -17.55
CA THR A 277 -46.55 35.13 -18.27
C THR A 277 -46.94 33.82 -17.53
N TYR A 278 -46.27 33.52 -16.42
CA TYR A 278 -46.68 32.40 -15.55
C TYR A 278 -46.06 32.52 -14.15
N LEU A 279 -46.60 31.79 -13.17
CA LEU A 279 -46.02 31.65 -11.82
C LEU A 279 -45.53 30.21 -11.58
N ALA A 280 -44.45 30.09 -10.81
CA ALA A 280 -43.81 28.81 -10.49
C ALA A 280 -43.85 28.52 -8.98
N VAL A 281 -44.55 27.45 -8.61
CA VAL A 281 -44.82 27.07 -7.21
C VAL A 281 -44.12 25.74 -6.86
N ALA A 282 -43.84 25.53 -5.57
CA ALA A 282 -43.12 24.33 -5.10
C ALA A 282 -43.99 23.09 -5.13
N ALA A 283 -43.34 21.92 -5.06
CA ALA A 283 -44.05 20.65 -4.96
C ALA A 283 -44.76 20.50 -3.60
N GLY A 284 -44.20 21.11 -2.56
CA GLY A 284 -44.80 21.11 -1.23
C GLY A 284 -45.92 22.12 -1.00
N HIS A 285 -46.10 23.06 -1.93
CA HIS A 285 -47.09 24.13 -1.80
C HIS A 285 -48.53 23.56 -1.73
N PRO A 286 -49.39 24.10 -0.84
CA PRO A 286 -50.76 23.58 -0.72
C PRO A 286 -51.61 23.66 -1.99
N LEU A 287 -51.39 24.71 -2.79
CA LEU A 287 -51.99 24.80 -4.12
C LEU A 287 -51.61 23.62 -5.04
N ALA A 288 -50.35 23.22 -5.01
CA ALA A 288 -49.91 22.00 -5.73
C ALA A 288 -50.57 20.74 -5.16
N GLN A 289 -50.61 20.65 -3.83
CA GLN A 289 -51.23 19.52 -3.11
C GLN A 289 -52.75 19.43 -3.31
N LYS A 290 -53.41 20.59 -3.39
CA LYS A 290 -54.85 20.66 -3.72
C LYS A 290 -55.08 20.15 -5.14
N ALA A 291 -54.33 20.68 -6.09
CA ALA A 291 -54.47 20.31 -7.51
C ALA A 291 -54.08 18.87 -7.80
N ALA A 292 -53.20 18.31 -6.96
CA ALA A 292 -52.78 16.91 -7.09
C ALA A 292 -53.92 15.90 -6.91
N GLU A 293 -54.97 16.28 -6.19
CA GLU A 293 -56.15 15.43 -5.98
C GLU A 293 -56.74 14.90 -7.29
N ASN A 294 -57.06 15.81 -8.21
CA ASN A 294 -57.70 15.49 -9.50
C ASN A 294 -56.73 15.34 -10.68
N ASN A 295 -55.44 15.64 -10.46
CA ASN A 295 -54.43 15.63 -11.52
C ASN A 295 -53.39 14.54 -11.20
N PRO A 296 -53.59 13.32 -11.72
CA PRO A 296 -52.63 12.24 -11.43
C PRO A 296 -51.21 12.45 -12.00
N GLU A 297 -51.08 13.23 -13.07
CA GLU A 297 -49.78 13.58 -13.66
C GLU A 297 -48.97 14.44 -12.68
N LEU A 298 -49.64 15.47 -12.14
CA LEU A 298 -49.07 16.36 -11.13
C LEU A 298 -48.78 15.64 -9.82
N ALA A 299 -49.67 14.71 -9.45
CA ALA A 299 -49.50 13.93 -8.23
C ALA A 299 -48.25 13.06 -8.31
N ALA A 300 -48.00 12.46 -9.47
CA ALA A 300 -46.76 11.70 -9.72
C ALA A 300 -45.50 12.60 -9.68
N PHE A 301 -45.63 13.83 -10.20
CA PHE A 301 -44.53 14.81 -10.19
C PHE A 301 -44.12 15.25 -8.78
N ILE A 302 -45.10 15.53 -7.93
CA ILE A 302 -44.89 15.88 -6.51
C ILE A 302 -44.22 14.72 -5.75
N ASP A 303 -44.74 13.52 -5.94
CA ASP A 303 -44.13 12.29 -5.39
C ASP A 303 -42.69 12.08 -5.89
N GLU A 304 -42.43 12.38 -7.16
CA GLU A 304 -41.08 12.35 -7.74
C GLU A 304 -40.14 13.35 -7.04
N CYS A 305 -40.67 14.54 -6.75
CA CYS A 305 -39.87 15.63 -6.15
C CYS A 305 -39.24 15.34 -4.77
N ARG A 306 -39.74 14.34 -4.05
CA ARG A 306 -39.08 13.86 -2.82
C ARG A 306 -37.68 13.27 -3.04
N ASN A 307 -37.36 12.85 -4.26
CA ASN A 307 -36.00 12.41 -4.61
C ASN A 307 -34.98 13.54 -4.73
N THR A 308 -35.45 14.77 -4.97
CA THR A 308 -34.58 15.95 -5.05
C THR A 308 -33.65 16.04 -3.82
N LYS A 309 -32.36 16.26 -4.05
CA LYS A 309 -31.39 16.25 -2.95
C LYS A 309 -31.38 17.59 -2.24
N VAL A 310 -31.06 17.56 -0.94
CA VAL A 310 -30.95 18.76 -0.10
C VAL A 310 -29.55 19.34 -0.24
N ALA A 311 -29.30 19.96 -1.40
CA ALA A 311 -27.99 20.55 -1.71
C ALA A 311 -28.13 21.43 -2.94
N GLU A 312 -27.76 22.70 -2.81
CA GLU A 312 -27.85 23.70 -3.90
C GLU A 312 -27.18 23.22 -5.19
N ALA A 313 -26.02 22.60 -5.06
CA ALA A 313 -25.25 22.07 -6.18
C ALA A 313 -26.12 21.23 -7.11
N GLU A 314 -26.71 20.16 -6.56
CA GLU A 314 -27.54 19.25 -7.34
C GLU A 314 -28.81 19.89 -7.88
N MET A 315 -29.40 20.81 -7.12
CA MET A 315 -30.64 21.45 -7.56
C MET A 315 -30.52 22.45 -8.73
N ALA A 316 -29.32 22.99 -8.95
CA ALA A 316 -29.05 23.89 -10.09
C ALA A 316 -28.61 23.13 -11.34
N THR A 317 -28.02 21.94 -11.16
CA THR A 317 -27.52 21.11 -12.25
C THR A 317 -28.58 20.17 -12.81
N MET A 318 -29.56 19.78 -11.98
CA MET A 318 -30.67 18.95 -12.43
C MET A 318 -31.45 19.60 -13.57
N GLU A 319 -32.14 18.76 -14.34
CA GLU A 319 -32.94 19.21 -15.48
C GLU A 319 -34.18 19.91 -14.90
N LYS A 320 -34.45 21.12 -15.37
CA LYS A 320 -35.59 21.89 -14.87
C LYS A 320 -36.87 21.25 -15.39
N LYS A 321 -37.73 20.82 -14.47
CA LYS A 321 -38.95 20.06 -14.79
C LYS A 321 -40.16 20.67 -14.11
N GLY A 322 -41.33 20.46 -14.72
CA GLY A 322 -42.58 20.95 -14.16
C GLY A 322 -43.84 20.45 -14.83
N VAL A 323 -44.95 20.62 -14.12
CA VAL A 323 -46.28 20.22 -14.57
C VAL A 323 -47.24 21.36 -14.28
N ASP A 324 -48.21 21.55 -15.18
CA ASP A 324 -49.25 22.55 -14.99
C ASP A 324 -50.17 22.13 -13.86
N THR A 325 -50.51 23.06 -12.98
CA THR A 325 -51.40 22.71 -11.87
C THR A 325 -52.86 22.82 -12.28
N GLY A 326 -53.13 23.56 -13.34
CA GLY A 326 -54.52 23.75 -13.76
C GLY A 326 -55.10 25.04 -13.19
N PHE A 327 -54.42 25.65 -12.22
CA PHE A 327 -54.90 26.86 -11.56
C PHE A 327 -54.31 28.07 -12.26
N LYS A 328 -55.15 29.09 -12.42
CA LYS A 328 -54.80 30.27 -13.17
C LYS A 328 -54.81 31.44 -12.19
N ALA A 329 -53.66 32.11 -12.05
CA ALA A 329 -53.55 33.32 -11.21
C ALA A 329 -53.96 34.54 -12.00
N VAL A 330 -54.51 35.54 -11.32
CA VAL A 330 -54.90 36.79 -11.97
C VAL A 330 -53.72 37.76 -11.88
N HIS A 331 -53.26 38.23 -13.04
CA HIS A 331 -52.23 39.26 -13.10
C HIS A 331 -52.90 40.55 -12.62
N PRO A 332 -52.39 41.15 -11.52
CA PRO A 332 -53.11 42.28 -10.94
C PRO A 332 -53.20 43.56 -11.77
N LEU A 333 -52.36 43.71 -12.80
CA LEU A 333 -52.32 44.92 -13.65
C LEU A 333 -52.89 44.73 -15.06
N THR A 334 -52.73 43.56 -15.66
CA THR A 334 -53.38 43.27 -16.97
C THR A 334 -54.73 42.59 -16.82
N GLY A 335 -54.99 41.97 -15.67
CA GLY A 335 -56.19 41.15 -15.46
C GLY A 335 -56.19 39.80 -16.17
N GLU A 336 -55.10 39.46 -16.84
CA GLU A 336 -55.01 38.22 -17.62
C GLU A 336 -54.77 37.02 -16.69
N GLU A 337 -55.40 35.90 -17.04
CA GLU A 337 -55.18 34.63 -16.33
C GLU A 337 -53.86 34.01 -16.78
N ILE A 338 -52.96 33.75 -15.82
CA ILE A 338 -51.66 33.14 -16.10
C ILE A 338 -51.48 31.80 -15.36
N PRO A 339 -50.99 30.76 -16.06
CA PRO A 339 -50.90 29.43 -15.45
C PRO A 339 -49.97 29.36 -14.23
N VAL A 340 -50.38 28.60 -13.22
CA VAL A 340 -49.49 28.27 -12.12
C VAL A 340 -48.90 26.89 -12.41
N TRP A 341 -47.58 26.82 -12.53
CA TRP A 341 -46.85 25.57 -12.73
C TRP A 341 -46.11 25.16 -11.45
N ALA A 342 -46.13 23.86 -11.15
CA ALA A 342 -45.32 23.29 -10.07
C ALA A 342 -43.98 22.93 -10.66
N ALA A 343 -42.89 23.34 -10.02
CA ALA A 343 -41.54 23.13 -10.55
C ALA A 343 -40.63 22.53 -9.50
N ASN A 344 -39.59 21.81 -9.94
CA ASN A 344 -38.69 21.07 -9.02
C ASN A 344 -37.54 21.90 -8.41
N PHE A 345 -37.41 23.15 -8.85
CA PHE A 345 -36.37 24.08 -8.33
C PHE A 345 -36.91 25.09 -7.30
N VAL A 346 -38.23 25.18 -7.16
CA VAL A 346 -38.88 26.06 -6.19
C VAL A 346 -39.17 25.25 -4.94
N LEU A 347 -38.81 25.78 -3.77
CA LEU A 347 -38.94 25.03 -2.51
C LEU A 347 -39.65 25.82 -1.40
N MET A 348 -40.33 25.06 -0.54
CA MET A 348 -41.23 25.61 0.48
C MET A 348 -40.51 26.20 1.68
N GLU A 349 -39.43 25.53 2.09
CA GLU A 349 -38.60 25.96 3.22
C GLU A 349 -38.02 27.36 3.01
N TYR A 350 -37.54 27.63 1.79
CA TYR A 350 -36.94 28.93 1.44
C TYR A 350 -38.03 29.84 0.88
N GLY A 351 -38.09 31.09 1.37
CA GLY A 351 -39.01 32.10 0.86
C GLY A 351 -40.49 31.76 0.95
N THR A 352 -41.28 32.33 0.05
CA THR A 352 -42.74 32.14 0.05
C THR A 352 -43.20 30.79 -0.52
N GLY A 353 -42.30 30.08 -1.21
CA GLY A 353 -42.64 28.84 -1.89
C GLY A 353 -43.34 29.06 -3.21
N ALA A 354 -43.09 30.23 -3.81
CA ALA A 354 -43.68 30.62 -5.09
C ALA A 354 -42.90 31.79 -5.66
N VAL A 355 -42.65 31.76 -6.98
CA VAL A 355 -41.96 32.85 -7.68
C VAL A 355 -42.71 33.21 -8.95
N MET A 356 -42.38 34.36 -9.51
CA MET A 356 -42.96 34.82 -10.75
C MET A 356 -41.93 34.66 -11.85
N ALA A 357 -42.39 34.40 -13.06
CA ALA A 357 -41.52 34.16 -14.18
C ALA A 357 -41.72 35.24 -15.24
N VAL A 358 -40.61 35.82 -15.70
CA VAL A 358 -40.58 36.74 -16.81
C VAL A 358 -39.59 36.18 -17.83
N PRO A 359 -40.05 35.24 -18.69
CA PRO A 359 -39.14 34.54 -19.58
C PRO A 359 -38.42 35.40 -20.62
N GLY A 360 -39.02 36.52 -21.01
CA GLY A 360 -38.36 37.44 -21.93
C GLY A 360 -37.10 38.10 -21.39
N HIS A 361 -36.95 38.20 -20.07
CA HIS A 361 -35.80 38.89 -19.47
C HIS A 361 -35.13 38.16 -18.29
N ASP A 362 -35.40 36.86 -18.17
CA ASP A 362 -34.71 36.00 -17.21
C ASP A 362 -34.37 34.72 -17.95
N GLN A 363 -33.10 34.35 -17.94
CA GLN A 363 -32.61 33.23 -18.75
C GLN A 363 -33.10 31.86 -18.26
N ARG A 364 -33.14 31.66 -16.94
CA ARG A 364 -33.71 30.42 -16.37
C ARG A 364 -35.20 30.26 -16.73
N ASP A 365 -35.97 31.34 -16.65
CA ASP A 365 -37.38 31.36 -17.08
C ASP A 365 -37.55 31.16 -18.59
N TYR A 366 -36.61 31.68 -19.38
CA TYR A 366 -36.56 31.50 -20.84
C TYR A 366 -36.43 30.02 -21.24
N GLU A 367 -35.49 29.32 -20.58
CA GLU A 367 -35.27 27.89 -20.79
C GLU A 367 -36.48 27.02 -20.42
N PHE A 368 -37.18 27.41 -19.35
CA PHE A 368 -38.35 26.69 -18.86
C PHE A 368 -39.53 26.88 -19.82
N ALA A 369 -39.83 28.14 -20.13
CA ALA A 369 -40.95 28.48 -21.01
C ALA A 369 -40.77 27.92 -22.43
N SER A 370 -39.54 27.90 -22.92
CA SER A 370 -39.20 27.31 -24.22
C SER A 370 -39.52 25.83 -24.27
N LYS A 371 -39.14 25.12 -23.21
CA LYS A 371 -39.32 23.67 -23.08
C LYS A 371 -40.79 23.24 -23.06
N TYR A 372 -41.65 24.04 -22.42
CA TYR A 372 -43.06 23.71 -22.20
C TYR A 372 -44.05 24.55 -23.02
N GLY A 373 -43.55 25.33 -23.97
CA GLY A 373 -44.42 26.12 -24.84
C GLY A 373 -45.19 27.21 -24.11
N LEU A 374 -44.58 27.82 -23.10
CA LEU A 374 -45.21 28.96 -22.41
C LEU A 374 -44.88 30.25 -23.13
N ASN A 375 -45.69 31.27 -22.89
CA ASN A 375 -45.57 32.55 -23.58
C ASN A 375 -44.30 33.31 -23.17
N ILE A 376 -43.55 33.79 -24.17
CA ILE A 376 -42.33 34.60 -23.98
C ILE A 376 -42.62 36.04 -24.43
N LYS A 377 -43.21 36.83 -23.54
CA LYS A 377 -43.59 38.22 -23.81
C LYS A 377 -42.39 39.17 -23.55
N PRO A 378 -42.07 40.06 -24.53
CA PRO A 378 -41.06 41.11 -24.36
C PRO A 378 -41.65 42.42 -23.82
N VAL A 379 -41.02 42.97 -22.78
CA VAL A 379 -41.41 44.27 -22.19
C VAL A 379 -40.26 45.26 -21.94
N ILE A 380 -39.04 44.95 -22.38
CA ILE A 380 -37.86 45.80 -22.17
C ILE A 380 -37.14 46.05 -23.50
N LEU A 381 -37.04 47.32 -23.92
CA LEU A 381 -36.31 47.68 -25.13
C LEU A 381 -34.82 47.45 -24.95
N ALA A 382 -34.13 47.16 -26.04
CA ALA A 382 -32.67 47.05 -26.04
C ALA A 382 -32.05 48.45 -25.96
N ALA A 383 -30.73 48.50 -25.79
CA ALA A 383 -30.04 49.77 -25.47
C ALA A 383 -30.27 50.88 -26.49
N ASP A 384 -30.43 50.50 -27.76
CA ASP A 384 -30.73 51.44 -28.84
C ASP A 384 -32.20 51.84 -28.98
N GLY A 385 -33.08 51.36 -28.09
CA GLY A 385 -34.52 51.60 -28.22
C GLY A 385 -35.25 50.69 -29.20
N SER A 386 -34.60 49.57 -29.59
CA SER A 386 -35.23 48.55 -30.44
C SER A 386 -35.96 47.52 -29.61
N GLU A 387 -37.01 46.94 -30.19
CA GLU A 387 -37.69 45.79 -29.58
C GLU A 387 -36.73 44.61 -29.69
N PRO A 388 -36.45 43.93 -28.56
CA PRO A 388 -35.38 42.93 -28.54
C PRO A 388 -35.66 41.64 -29.29
N ASP A 389 -34.58 40.99 -29.73
CA ASP A 389 -34.66 39.68 -30.39
C ASP A 389 -34.57 38.60 -29.32
N LEU A 390 -35.71 37.98 -29.02
CA LEU A 390 -35.79 36.92 -28.03
C LEU A 390 -35.97 35.56 -28.68
N SER A 391 -35.27 35.35 -29.79
CA SER A 391 -35.38 34.11 -30.57
C SER A 391 -34.32 33.07 -30.19
N GLN A 392 -33.20 33.50 -29.59
CA GLN A 392 -32.19 32.57 -29.05
C GLN A 392 -32.02 32.63 -27.52
N GLN A 393 -32.27 33.79 -26.91
CA GLN A 393 -32.12 33.96 -25.45
C GLN A 393 -32.94 35.16 -24.92
N ALA A 394 -32.93 35.34 -23.59
CA ALA A 394 -33.63 36.46 -22.94
C ALA A 394 -32.77 37.73 -22.90
N LEU A 395 -33.42 38.90 -22.96
CA LEU A 395 -32.74 40.20 -22.83
C LEU A 395 -32.66 40.55 -21.35
N THR A 396 -31.56 40.14 -20.74
CA THR A 396 -31.37 40.27 -19.30
C THR A 396 -31.02 41.70 -18.83
N GLU A 397 -30.39 42.49 -19.70
CA GLU A 397 -30.05 43.89 -19.40
C GLU A 397 -31.30 44.77 -19.23
N LYS A 398 -31.18 45.77 -18.34
CA LYS A 398 -32.29 46.66 -18.01
C LYS A 398 -32.48 47.72 -19.08
N GLY A 399 -33.68 48.28 -19.13
CA GLY A 399 -33.97 49.34 -20.10
C GLY A 399 -35.36 49.92 -19.99
N VAL A 400 -35.72 50.66 -21.03
CA VAL A 400 -37.03 51.29 -21.17
C VAL A 400 -38.11 50.24 -21.45
N LEU A 401 -39.31 50.47 -20.93
CA LEU A 401 -40.42 49.54 -21.11
C LEU A 401 -41.19 49.82 -22.39
N PHE A 402 -41.63 48.75 -23.03
CA PHE A 402 -42.73 48.82 -24.00
C PHE A 402 -43.66 47.65 -23.68
N ASN A 403 -44.86 47.67 -24.25
CA ASN A 403 -45.83 46.58 -24.05
C ASN A 403 -46.33 46.51 -22.58
N SER A 404 -46.43 47.67 -21.95
CA SER A 404 -46.63 47.78 -20.49
C SER A 404 -47.72 48.77 -20.09
N GLY A 405 -48.69 49.03 -20.98
CA GLY A 405 -49.85 49.87 -20.67
C GLY A 405 -49.45 51.26 -20.24
N GLU A 406 -49.87 51.68 -19.05
CA GLU A 406 -49.50 53.00 -18.52
C GLU A 406 -48.02 53.22 -18.17
N PHE A 407 -47.20 52.17 -18.19
CA PHE A 407 -45.79 52.25 -17.81
C PHE A 407 -44.81 52.31 -18.98
N ASN A 408 -45.33 52.28 -20.22
CA ASN A 408 -44.49 52.40 -21.43
C ASN A 408 -43.62 53.66 -21.40
N GLY A 409 -42.39 53.53 -21.89
CA GLY A 409 -41.48 54.65 -21.98
C GLY A 409 -40.70 55.02 -20.72
N LEU A 410 -41.06 54.47 -19.56
CA LEU A 410 -40.32 54.71 -18.32
C LEU A 410 -39.01 53.90 -18.34
N ASP A 411 -37.93 54.54 -17.85
CA ASP A 411 -36.62 53.87 -17.71
C ASP A 411 -36.64 52.89 -16.54
N HIS A 412 -35.55 52.15 -16.32
CA HIS A 412 -35.53 51.15 -15.24
C HIS A 412 -35.95 51.68 -13.87
N GLU A 413 -35.26 52.73 -13.40
CA GLU A 413 -35.55 53.33 -12.08
C GLU A 413 -37.01 53.76 -11.95
N ALA A 414 -37.47 54.56 -12.89
CA ALA A 414 -38.84 55.08 -12.81
C ALA A 414 -39.88 53.95 -12.93
N ALA A 415 -39.61 52.95 -13.77
CA ALA A 415 -40.47 51.78 -13.89
C ALA A 415 -40.55 50.99 -12.59
N PHE A 416 -39.42 50.81 -11.91
CA PHE A 416 -39.38 50.14 -10.60
C PHE A 416 -40.34 50.83 -9.65
N ASN A 417 -40.14 52.13 -9.48
CA ASN A 417 -40.93 52.90 -8.52
C ASN A 417 -42.40 53.02 -8.90
N ALA A 418 -42.69 53.29 -10.18
CA ALA A 418 -44.08 53.41 -10.66
C ALA A 418 -44.90 52.17 -10.39
N ILE A 419 -44.37 51.01 -10.75
CA ILE A 419 -45.08 49.73 -10.56
C ILE A 419 -45.19 49.37 -9.07
N ALA A 420 -44.12 49.61 -8.31
CA ALA A 420 -44.15 49.44 -6.85
C ALA A 420 -45.24 50.29 -6.17
N ASP A 421 -45.30 51.58 -6.52
CA ASP A 421 -46.29 52.49 -5.95
C ASP A 421 -47.72 52.07 -6.28
N LYS A 422 -47.96 51.74 -7.54
CA LYS A 422 -49.27 51.27 -7.98
C LYS A 422 -49.65 49.99 -7.23
N LEU A 423 -48.72 49.03 -7.14
CA LEU A 423 -49.00 47.80 -6.39
C LEU A 423 -49.19 48.03 -4.87
N THR A 424 -48.41 48.94 -4.29
CA THR A 424 -48.64 49.34 -2.90
C THR A 424 -50.03 49.97 -2.71
N ALA A 425 -50.39 50.91 -3.57
CA ALA A 425 -51.71 51.58 -3.46
C ALA A 425 -52.90 50.63 -3.61
N MET A 426 -52.73 49.61 -4.45
CA MET A 426 -53.73 48.55 -4.60
C MET A 426 -53.78 47.62 -3.37
N GLY A 427 -52.73 47.65 -2.55
CA GLY A 427 -52.67 46.84 -1.34
C GLY A 427 -52.34 45.39 -1.65
N VAL A 428 -51.56 45.15 -2.70
CA VAL A 428 -51.10 43.80 -3.07
C VAL A 428 -49.59 43.76 -3.39
N GLY A 429 -48.87 44.79 -2.97
CA GLY A 429 -47.45 44.86 -3.16
C GLY A 429 -46.81 45.62 -2.03
N GLU A 430 -45.62 45.19 -1.60
CA GLU A 430 -44.83 45.99 -0.68
C GLU A 430 -43.34 45.83 -0.90
N ARG A 431 -42.63 46.95 -0.84
CA ARG A 431 -41.18 46.99 -0.95
C ARG A 431 -40.58 46.17 0.17
N LYS A 432 -39.49 45.51 -0.12
CA LYS A 432 -38.90 44.61 0.86
C LYS A 432 -37.44 44.33 0.55
N VAL A 433 -36.63 44.32 1.60
CA VAL A 433 -35.25 43.88 1.53
C VAL A 433 -35.24 42.36 1.73
N ASN A 434 -34.46 41.67 0.91
CA ASN A 434 -34.32 40.22 1.04
C ASN A 434 -32.83 39.87 1.17
N TYR A 435 -32.56 38.69 1.70
CA TYR A 435 -31.21 38.15 1.77
C TYR A 435 -31.21 36.74 1.26
N ARG A 436 -30.21 36.42 0.44
CA ARG A 436 -29.87 35.05 0.10
C ARG A 436 -29.64 34.26 1.39
N LEU A 437 -28.96 34.89 2.35
CA LEU A 437 -28.75 34.34 3.69
C LEU A 437 -30.02 33.81 4.35
N ARG A 438 -30.09 32.50 4.50
CA ARG A 438 -31.11 31.85 5.30
C ARG A 438 -30.61 31.80 6.73
N ASP A 439 -31.52 31.50 7.66
CA ASP A 439 -31.16 31.36 9.07
C ASP A 439 -30.39 30.07 9.29
N TRP A 440 -29.79 30.01 10.47
CA TRP A 440 -28.84 28.97 10.86
C TRP A 440 -29.59 27.87 11.61
N GLY A 441 -29.73 26.71 10.96
CA GLY A 441 -30.34 25.54 11.56
C GLY A 441 -29.32 24.77 12.35
N VAL A 442 -29.50 24.74 13.67
CA VAL A 442 -28.52 24.17 14.60
C VAL A 442 -28.88 22.78 15.12
N SER A 443 -30.08 22.29 14.80
CA SER A 443 -30.51 20.94 15.19
C SER A 443 -29.83 19.85 14.36
N ARG A 444 -29.34 18.82 15.02
CA ARG A 444 -28.84 17.62 14.36
C ARG A 444 -29.43 16.46 15.10
N GLN A 445 -29.76 15.39 14.39
CA GLN A 445 -30.35 14.21 15.04
C GLN A 445 -29.28 13.12 15.12
N ARG A 446 -28.26 13.42 15.93
CA ARG A 446 -27.05 12.62 16.09
C ARG A 446 -26.72 12.54 17.58
N TYR A 447 -25.97 11.50 17.94
CA TYR A 447 -25.55 11.33 19.34
C TYR A 447 -24.41 12.27 19.76
N TRP A 448 -23.30 12.26 19.01
CA TRP A 448 -22.04 12.90 19.45
C TRP A 448 -22.01 14.42 19.23
N GLY A 449 -22.71 15.11 20.12
CA GLY A 449 -22.86 16.57 20.10
C GLY A 449 -23.38 17.05 21.44
N ALA A 450 -23.21 18.34 21.73
CA ALA A 450 -23.82 18.95 22.90
C ALA A 450 -25.35 18.86 22.75
N PRO A 451 -26.06 18.39 23.79
CA PRO A 451 -27.52 18.41 23.72
C PRO A 451 -28.11 19.82 23.73
N ILE A 452 -29.18 20.03 22.96
CA ILE A 452 -29.86 21.33 22.91
C ILE A 452 -30.69 21.50 24.20
N PRO A 453 -30.55 22.65 24.91
CA PRO A 453 -31.22 22.82 26.19
C PRO A 453 -32.65 23.38 26.06
N MET A 454 -33.53 22.57 25.50
CA MET A 454 -34.94 22.86 25.44
C MET A 454 -35.68 21.65 25.97
N VAL A 455 -36.92 21.92 26.41
CA VAL A 455 -37.73 20.99 27.17
C VAL A 455 -39.18 21.05 26.69
N THR A 456 -39.84 19.88 26.62
CA THR A 456 -41.27 19.79 26.36
C THR A 456 -41.95 19.29 27.63
N LEU A 457 -42.89 20.08 28.14
CA LEU A 457 -43.57 19.75 29.39
C LEU A 457 -44.73 18.82 29.12
N GLU A 458 -45.24 18.22 30.19
CA GLU A 458 -46.40 17.32 30.16
C GLU A 458 -47.63 17.98 29.52
N ASP A 459 -47.75 19.30 29.70
CA ASP A 459 -48.90 20.08 29.19
C ASP A 459 -48.83 20.53 27.71
N GLY A 460 -47.79 20.13 26.98
CA GLY A 460 -47.61 20.52 25.56
C GLY A 460 -46.75 21.74 25.29
N THR A 461 -46.41 22.53 26.31
CA THR A 461 -45.59 23.73 26.11
C THR A 461 -44.09 23.39 26.03
N VAL A 462 -43.37 24.19 25.24
CA VAL A 462 -41.96 24.05 25.01
C VAL A 462 -41.28 25.28 25.62
N MET A 463 -40.12 25.07 26.23
CA MET A 463 -39.36 26.15 26.88
C MET A 463 -37.90 25.75 27.15
N PRO A 464 -37.04 26.73 27.51
CA PRO A 464 -35.65 26.39 27.81
C PRO A 464 -35.49 25.53 29.04
N THR A 465 -34.49 24.66 29.02
CA THR A 465 -34.03 23.93 30.21
C THR A 465 -33.72 24.97 31.30
N PRO A 466 -34.22 24.76 32.53
CA PRO A 466 -33.87 25.71 33.60
C PRO A 466 -32.37 25.74 33.93
N ASP A 467 -31.91 26.90 34.42
CA ASP A 467 -30.49 27.12 34.70
C ASP A 467 -29.92 26.14 35.71
N ASP A 468 -30.69 25.84 36.76
CA ASP A 468 -30.34 24.81 37.75
C ASP A 468 -30.04 23.42 37.16
N GLN A 469 -30.61 23.10 36.01
CA GLN A 469 -30.36 21.84 35.28
C GLN A 469 -29.27 21.89 34.19
N LEU A 470 -28.54 23.00 34.08
CA LEU A 470 -27.43 23.09 33.12
C LEU A 470 -26.10 22.73 33.82
N PRO A 471 -25.17 22.01 33.17
CA PRO A 471 -25.30 21.50 31.79
C PRO A 471 -26.23 20.31 31.64
N VAL A 472 -26.84 20.14 30.47
CA VAL A 472 -27.47 18.88 30.09
C VAL A 472 -26.33 17.99 29.57
N ILE A 473 -25.85 17.08 30.43
CA ILE A 473 -24.71 16.21 30.10
C ILE A 473 -25.06 15.14 29.07
N LEU A 474 -24.20 15.01 28.07
CA LEU A 474 -24.25 13.89 27.14
C LEU A 474 -23.56 12.70 27.80
N PRO A 475 -24.26 11.56 27.97
CA PRO A 475 -23.56 10.39 28.51
C PRO A 475 -22.51 9.88 27.54
N GLU A 476 -21.36 9.45 28.07
CA GLU A 476 -20.26 8.93 27.25
C GLU A 476 -20.18 7.41 27.25
N ASP A 477 -20.69 6.78 28.30
CA ASP A 477 -20.67 5.34 28.48
C ASP A 477 -21.90 4.71 27.80
N VAL A 478 -21.80 4.50 26.49
CA VAL A 478 -22.93 4.08 25.64
C VAL A 478 -22.56 2.94 24.70
N VAL A 479 -23.59 2.32 24.12
CA VAL A 479 -23.44 1.29 23.09
C VAL A 479 -24.16 1.73 21.82
N MET A 480 -23.44 1.66 20.70
CA MET A 480 -23.90 2.22 19.42
C MET A 480 -24.31 1.10 18.49
N ASP A 481 -25.54 1.17 17.97
CA ASP A 481 -25.97 0.28 16.88
C ASP A 481 -25.71 0.90 15.50
N GLY A 482 -25.31 2.17 15.46
CA GLY A 482 -25.05 2.88 14.21
C GLY A 482 -26.27 3.58 13.67
N ILE A 483 -27.44 2.97 13.82
CA ILE A 483 -28.70 3.50 13.32
C ILE A 483 -29.17 4.68 14.21
N THR A 484 -29.62 4.36 15.43
CA THR A 484 -30.27 5.32 16.33
C THR A 484 -29.29 5.87 17.37
N SER A 485 -29.59 7.06 17.87
CA SER A 485 -28.81 7.71 18.92
C SER A 485 -29.16 7.12 20.28
N PRO A 486 -28.15 6.71 21.08
CA PRO A 486 -28.39 6.24 22.43
C PRO A 486 -29.36 7.07 23.28
N ILE A 487 -29.29 8.39 23.18
CA ILE A 487 -30.19 9.24 23.99
C ILE A 487 -31.63 9.35 23.43
N LYS A 488 -31.82 9.05 22.14
CA LYS A 488 -33.18 8.87 21.57
C LYS A 488 -33.75 7.47 21.82
N ALA A 489 -32.90 6.45 21.70
CA ALA A 489 -33.31 5.05 21.85
C ALA A 489 -33.72 4.67 23.26
N ASP A 490 -33.02 5.22 24.27
CA ASP A 490 -33.34 4.97 25.67
C ASP A 490 -34.35 6.01 26.16
N PRO A 491 -35.59 5.58 26.50
CA PRO A 491 -36.61 6.56 26.85
C PRO A 491 -36.50 7.13 28.29
N GLU A 492 -35.65 6.53 29.12
CA GLU A 492 -35.39 7.07 30.46
C GLU A 492 -34.58 8.37 30.44
N TRP A 493 -33.63 8.50 29.50
CA TRP A 493 -32.70 9.63 29.49
C TRP A 493 -33.38 11.00 29.38
N ALA A 494 -34.37 11.11 28.50
CA ALA A 494 -35.09 12.36 28.26
C ALA A 494 -35.96 12.87 29.44
N LYS A 495 -36.22 12.02 30.43
CA LYS A 495 -37.14 12.34 31.50
C LYS A 495 -36.52 13.22 32.56
N THR A 496 -37.10 14.40 32.73
CA THR A 496 -36.75 15.31 33.82
C THR A 496 -38.05 15.88 34.37
N THR A 497 -37.95 16.76 35.36
CA THR A 497 -39.10 17.44 35.96
C THR A 497 -38.88 18.96 35.96
N VAL A 498 -39.84 19.71 35.40
CA VAL A 498 -39.73 21.18 35.20
C VAL A 498 -41.06 21.86 35.58
N ASN A 499 -40.97 22.96 36.31
CA ASN A 499 -42.12 23.69 36.87
C ASN A 499 -43.07 22.83 37.71
N GLY A 500 -42.51 21.79 38.33
CA GLY A 500 -43.28 20.87 39.15
C GLY A 500 -43.87 19.66 38.46
N MET A 501 -43.72 19.54 37.13
CA MET A 501 -44.36 18.44 36.37
C MET A 501 -43.34 17.66 35.53
N PRO A 502 -43.75 16.50 34.98
CA PRO A 502 -42.86 15.80 34.06
C PRO A 502 -42.60 16.55 32.76
N ALA A 503 -41.36 16.48 32.30
CA ALA A 503 -40.96 17.04 31.01
C ALA A 503 -40.07 16.04 30.27
N LEU A 504 -39.95 16.25 28.97
CA LEU A 504 -39.05 15.49 28.13
C LEU A 504 -38.06 16.48 27.52
N ARG A 505 -36.78 16.31 27.81
CA ARG A 505 -35.77 17.16 27.22
C ARG A 505 -35.43 16.75 25.80
N GLU A 506 -34.97 17.73 25.03
CA GLU A 506 -34.59 17.56 23.65
C GLU A 506 -33.50 16.50 23.50
N THR A 507 -33.64 15.62 22.50
CA THR A 507 -32.66 14.58 22.21
C THR A 507 -31.77 14.91 20.98
N ASP A 508 -32.16 15.93 20.21
CA ASP A 508 -31.29 16.53 19.19
C ASP A 508 -30.10 17.21 19.84
N THR A 509 -29.00 17.26 19.09
CA THR A 509 -27.75 17.88 19.51
C THR A 509 -27.38 19.03 18.59
N PHE A 510 -26.44 19.86 19.05
CA PHE A 510 -26.04 21.08 18.31
C PHE A 510 -25.14 20.76 17.11
N ASP A 511 -25.38 21.46 16.01
CA ASP A 511 -24.43 21.66 14.91
C ASP A 511 -23.05 21.92 15.50
N THR A 512 -22.03 21.25 14.97
CA THR A 512 -20.67 21.29 15.51
C THR A 512 -20.00 22.66 15.36
N PHE A 513 -20.48 23.48 14.42
CA PHE A 513 -20.04 24.86 14.28
C PHE A 513 -20.34 25.76 15.49
N MET A 514 -21.26 25.33 16.35
CA MET A 514 -21.61 26.06 17.57
C MET A 514 -20.41 26.16 18.53
N GLU A 515 -19.60 25.12 18.62
CA GLU A 515 -18.45 25.10 19.52
C GLU A 515 -17.28 25.89 18.95
N SER A 516 -17.15 25.87 17.62
CA SER A 516 -16.07 26.60 16.94
C SER A 516 -16.39 28.08 16.69
N SER A 517 -17.54 28.59 17.15
CA SER A 517 -17.90 30.01 16.98
C SER A 517 -17.53 30.89 18.16
N TRP A 518 -17.14 30.31 19.29
CA TRP A 518 -16.70 31.07 20.44
C TRP A 518 -15.45 30.54 21.17
N TYR A 519 -14.82 29.48 20.66
CA TYR A 519 -13.59 28.92 21.28
C TYR A 519 -12.49 29.98 21.46
N TYR A 520 -12.33 30.84 20.45
CA TYR A 520 -11.35 31.92 20.47
C TYR A 520 -11.42 32.82 21.70
N ALA A 521 -12.61 33.04 22.22
CA ALA A 521 -12.84 33.83 23.42
C ALA A 521 -12.63 33.01 24.68
N ARG A 522 -13.09 31.76 24.68
CA ARG A 522 -12.88 30.89 25.82
C ARG A 522 -11.40 30.62 26.11
N TYR A 523 -10.56 30.58 25.06
CA TYR A 523 -9.11 30.45 25.21
C TYR A 523 -8.45 31.48 26.16
N THR A 524 -9.08 32.65 26.33
CA THR A 524 -8.58 33.68 27.21
C THR A 524 -8.78 33.36 28.69
N CYS A 525 -9.68 32.43 29.01
CA CYS A 525 -10.04 32.11 30.38
C CYS A 525 -10.67 30.71 30.46
N PRO A 526 -9.93 29.68 30.04
CA PRO A 526 -10.50 28.34 29.88
C PRO A 526 -10.96 27.64 31.17
N GLN A 527 -10.32 27.95 32.30
CA GLN A 527 -10.65 27.36 33.61
C GLN A 527 -11.59 28.22 34.49
N TYR A 528 -12.24 29.21 33.89
CA TYR A 528 -13.15 30.11 34.60
C TYR A 528 -14.53 29.47 34.76
N LYS A 529 -14.98 29.34 36.00
CA LYS A 529 -16.19 28.59 36.34
C LYS A 529 -17.41 29.46 36.63
N GLU A 530 -17.20 30.76 36.83
CA GLU A 530 -18.29 31.63 37.26
C GLU A 530 -19.12 32.08 36.06
N GLY A 531 -18.57 31.94 34.85
CA GLY A 531 -19.29 32.31 33.62
C GLY A 531 -18.65 31.83 32.33
N MET A 532 -19.30 32.17 31.22
CA MET A 532 -18.81 31.83 29.86
C MET A 532 -17.45 32.47 29.60
N LEU A 533 -17.33 33.76 29.90
CA LEU A 533 -16.07 34.52 29.77
C LEU A 533 -15.77 35.35 31.00
N ASP A 534 -14.51 35.37 31.42
CA ASP A 534 -14.00 36.35 32.38
C ASP A 534 -13.69 37.54 31.51
N SER A 535 -14.50 38.59 31.61
CA SER A 535 -14.37 39.70 30.65
C SER A 535 -13.11 40.57 30.82
N GLU A 536 -12.49 40.54 32.00
CA GLU A 536 -11.16 41.16 32.17
C GLU A 536 -10.10 40.46 31.31
N ALA A 537 -10.07 39.12 31.37
CA ALA A 537 -9.14 38.33 30.55
C ALA A 537 -9.48 38.43 29.08
N ALA A 538 -10.77 38.33 28.77
CA ALA A 538 -11.24 38.44 27.38
C ALA A 538 -10.95 39.81 26.77
N ASN A 539 -11.11 40.89 27.54
CA ASN A 539 -10.82 42.24 26.99
C ASN A 539 -9.34 42.62 26.99
N TYR A 540 -8.49 41.91 27.74
CA TYR A 540 -7.05 42.04 27.57
C TYR A 540 -6.58 41.46 26.22
N TRP A 541 -7.00 40.24 25.92
CA TRP A 541 -6.55 39.51 24.72
C TRP A 541 -7.29 39.83 23.43
N LEU A 542 -8.57 40.20 23.50
CA LEU A 542 -9.37 40.43 22.28
C LEU A 542 -9.28 41.90 21.85
N PRO A 543 -9.44 42.19 20.55
CA PRO A 543 -9.70 41.22 19.48
C PRO A 543 -8.44 40.49 18.99
N VAL A 544 -8.66 39.45 18.17
CA VAL A 544 -7.59 38.59 17.70
C VAL A 544 -6.79 39.39 16.67
N ASP A 545 -5.46 39.35 16.79
CA ASP A 545 -4.60 40.16 15.95
C ASP A 545 -4.48 39.55 14.58
N ILE A 546 -4.20 38.25 14.55
CA ILE A 546 -4.20 37.49 13.32
C ILE A 546 -4.90 36.13 13.50
N TYR A 547 -5.80 35.81 12.56
CA TYR A 547 -6.54 34.54 12.55
C TYR A 547 -6.08 33.76 11.33
N ILE A 548 -5.61 32.54 11.55
CA ILE A 548 -4.98 31.74 10.49
C ILE A 548 -5.72 30.41 10.29
N GLY A 549 -6.26 30.20 9.11
CA GLY A 549 -6.96 28.96 8.80
C GLY A 549 -7.24 28.82 7.34
N GLY A 550 -7.75 27.67 6.93
CA GLY A 550 -7.93 27.41 5.51
C GLY A 550 -8.95 28.29 4.81
N ILE A 551 -8.74 28.57 3.53
CA ILE A 551 -9.74 29.21 2.64
C ILE A 551 -11.08 28.44 2.58
N GLU A 552 -11.08 27.14 2.89
CA GLU A 552 -12.33 26.38 3.01
C GLU A 552 -13.39 27.04 3.92
N HIS A 553 -12.94 27.70 4.98
CA HIS A 553 -13.81 28.34 5.95
C HIS A 553 -14.18 29.80 5.63
N ALA A 554 -13.77 30.30 4.46
CA ALA A 554 -13.98 31.70 4.08
C ALA A 554 -15.36 32.24 4.44
N ILE A 555 -16.38 31.45 4.13
CA ILE A 555 -17.79 31.81 4.35
C ILE A 555 -18.38 31.24 5.65
N MET A 556 -18.71 29.94 5.67
CA MET A 556 -19.53 29.36 6.77
C MET A 556 -18.99 29.66 8.16
N HIS A 557 -17.83 29.10 8.51
CA HIS A 557 -17.29 29.30 9.86
C HIS A 557 -17.00 30.77 10.17
N LEU A 558 -16.30 31.46 9.27
CA LEU A 558 -15.94 32.86 9.53
C LEU A 558 -17.16 33.76 9.73
N LEU A 559 -18.26 33.44 9.05
CA LEU A 559 -19.51 34.18 9.19
C LEU A 559 -20.17 33.89 10.55
N TYR A 560 -20.25 32.61 10.93
CA TYR A 560 -20.78 32.23 12.25
C TYR A 560 -19.96 32.83 13.38
N PHE A 561 -18.65 32.72 13.23
CA PHE A 561 -17.65 33.30 14.13
C PHE A 561 -17.84 34.81 14.33
N ARG A 562 -18.04 35.54 13.25
CA ARG A 562 -18.29 36.99 13.33
C ARG A 562 -19.66 37.33 13.90
N PHE A 563 -20.65 36.50 13.60
CA PHE A 563 -22.01 36.65 14.12
C PHE A 563 -22.07 36.43 15.63
N PHE A 564 -21.47 35.35 16.08
CA PHE A 564 -21.37 35.00 17.49
C PHE A 564 -20.60 36.06 18.31
N HIS A 565 -19.61 36.71 17.73
CA HIS A 565 -18.93 37.81 18.40
C HIS A 565 -19.89 38.96 18.65
N LYS A 566 -20.74 39.26 17.66
CA LYS A 566 -21.73 40.31 17.81
C LYS A 566 -22.80 39.96 18.86
N LEU A 567 -23.15 38.68 18.97
CA LEU A 567 -24.06 38.23 20.03
C LEU A 567 -23.46 38.44 21.43
N MET A 568 -22.19 38.09 21.60
CA MET A 568 -21.50 38.28 22.88
C MET A 568 -21.26 39.76 23.19
N ARG A 569 -21.02 40.58 22.18
CA ARG A 569 -21.02 42.05 22.34
C ARG A 569 -22.39 42.51 22.84
N ASP A 570 -23.46 42.03 22.23
CA ASP A 570 -24.82 42.42 22.63
C ASP A 570 -25.24 41.87 24.01
N ALA A 571 -24.52 40.87 24.51
CA ALA A 571 -24.61 40.46 25.92
C ALA A 571 -23.62 41.21 26.84
N GLY A 572 -22.94 42.24 26.32
CA GLY A 572 -21.97 43.02 27.10
C GLY A 572 -20.71 42.29 27.56
N MET A 573 -20.33 41.23 26.83
CA MET A 573 -19.23 40.35 27.24
C MET A 573 -17.88 40.71 26.63
N VAL A 574 -17.90 41.36 25.46
CA VAL A 574 -16.68 41.77 24.75
C VAL A 574 -16.82 43.21 24.30
N ASN A 575 -15.69 43.86 24.00
CA ASN A 575 -15.68 45.30 23.64
C ASN A 575 -15.77 45.56 22.14
N SER A 576 -14.96 44.84 21.39
CA SER A 576 -14.85 44.97 19.93
C SER A 576 -16.15 44.68 19.17
N ASP A 577 -16.30 45.28 17.99
CA ASP A 577 -17.41 44.96 17.08
C ASP A 577 -17.12 43.74 16.20
N GLU A 578 -15.84 43.57 15.83
CA GLU A 578 -15.36 42.42 15.04
C GLU A 578 -14.33 41.58 15.82
N PRO A 579 -14.33 40.24 15.65
CA PRO A 579 -13.52 39.39 16.49
C PRO A 579 -12.03 39.32 16.12
N ALA A 580 -11.67 39.65 14.87
CA ALA A 580 -10.31 39.43 14.34
C ALA A 580 -9.87 40.59 13.49
N LYS A 581 -8.68 41.15 13.75
CA LYS A 581 -8.17 42.32 13.00
C LYS A 581 -7.64 41.92 11.63
N GLN A 582 -6.70 40.98 11.60
CA GLN A 582 -6.17 40.42 10.35
C GLN A 582 -6.63 38.97 10.18
N LEU A 583 -6.82 38.54 8.94
CA LEU A 583 -7.16 37.16 8.62
C LEU A 583 -6.21 36.68 7.54
N LEU A 584 -5.60 35.53 7.75
CA LEU A 584 -4.72 34.91 6.75
C LEU A 584 -5.29 33.55 6.35
N CYS A 585 -5.91 33.49 5.18
CA CYS A 585 -6.45 32.22 4.68
C CYS A 585 -5.40 31.53 3.81
N GLN A 586 -4.80 30.50 4.36
CA GLN A 586 -3.86 29.67 3.60
C GLN A 586 -4.59 28.84 2.54
N GLY A 587 -3.88 28.54 1.47
CA GLY A 587 -4.38 27.62 0.45
C GLY A 587 -4.46 26.19 0.95
N MET A 588 -5.28 25.39 0.27
CA MET A 588 -5.43 24.00 0.59
C MET A 588 -4.20 23.25 0.10
N VAL A 589 -3.77 22.28 0.91
CA VAL A 589 -2.78 21.32 0.50
C VAL A 589 -3.59 20.16 -0.05
N LEU A 590 -3.38 19.85 -1.33
CA LEU A 590 -4.15 18.81 -2.03
C LEU A 590 -3.36 17.51 -2.15
N ALA A 591 -4.09 16.40 -2.26
CA ALA A 591 -3.50 15.12 -2.71
C ALA A 591 -4.45 14.33 -3.58
N ASP A 592 -3.88 13.39 -4.35
CA ASP A 592 -4.65 12.47 -5.19
C ASP A 592 -5.58 11.60 -4.35
N ALA A 593 -6.78 11.36 -4.85
CA ALA A 593 -7.77 10.57 -4.14
C ALA A 593 -8.34 9.45 -5.03
N PHE A 594 -8.46 8.26 -4.45
CA PHE A 594 -8.94 7.08 -5.16
C PHE A 594 -9.98 6.35 -4.33
N TYR A 595 -10.88 5.63 -5.00
CA TYR A 595 -11.78 4.70 -4.30
C TYR A 595 -12.17 3.52 -5.20
N TYR A 596 -12.81 2.52 -4.60
CA TYR A 596 -13.51 1.43 -5.32
C TYR A 596 -14.88 1.19 -4.68
N VAL A 597 -15.84 0.73 -5.48
CA VAL A 597 -17.18 0.39 -4.98
C VAL A 597 -17.13 -1.00 -4.33
N GLY A 598 -17.78 -1.11 -3.17
CA GLY A 598 -17.78 -2.34 -2.37
C GLY A 598 -18.87 -3.31 -2.76
N GLU A 599 -18.96 -4.40 -2.00
CA GLU A 599 -19.88 -5.50 -2.32
C GLU A 599 -21.37 -5.21 -2.10
N ASN A 600 -21.72 -4.04 -1.53
CA ASN A 600 -23.11 -3.56 -1.51
C ASN A 600 -23.20 -2.03 -1.75
N GLY A 601 -22.44 -1.54 -2.73
CA GLY A 601 -22.49 -0.14 -3.16
C GLY A 601 -21.77 0.89 -2.30
N GLU A 602 -20.95 0.44 -1.35
CA GLU A 602 -20.23 1.35 -0.43
C GLU A 602 -18.88 1.77 -1.01
N ARG A 603 -18.65 3.08 -1.10
CA ARG A 603 -17.34 3.62 -1.51
C ARG A 603 -16.27 3.29 -0.46
N ASN A 604 -15.11 2.85 -0.93
CA ASN A 604 -13.96 2.54 -0.08
C ASN A 604 -12.76 3.32 -0.59
N TRP A 605 -12.38 4.35 0.16
CA TRP A 605 -11.29 5.23 -0.26
C TRP A 605 -9.96 4.59 0.06
N VAL A 606 -9.05 4.64 -0.91
CA VAL A 606 -7.71 4.09 -0.78
C VAL A 606 -6.71 5.24 -0.81
N SER A 607 -5.68 5.14 0.02
CA SER A 607 -4.64 6.17 0.10
C SER A 607 -3.75 6.14 -1.13
N PRO A 608 -3.27 7.32 -1.61
CA PRO A 608 -2.32 7.33 -2.72
C PRO A 608 -1.01 6.56 -2.49
N VAL A 609 -0.62 6.36 -1.23
CA VAL A 609 0.54 5.52 -0.89
C VAL A 609 0.30 4.04 -1.27
N ASP A 610 -0.94 3.58 -1.15
CA ASP A 610 -1.33 2.18 -1.42
C ASP A 610 -1.84 1.93 -2.85
N ALA A 611 -1.63 2.86 -3.78
CA ALA A 611 -2.24 2.79 -5.12
C ALA A 611 -1.18 2.78 -6.22
N ILE A 612 -1.11 1.67 -6.95
CA ILE A 612 -0.17 1.54 -8.06
C ILE A 612 -0.75 2.31 -9.24
N VAL A 613 0.01 3.24 -9.77
CA VAL A 613 -0.47 4.27 -10.70
C VAL A 613 0.36 4.30 -11.98
N GLU A 614 -0.31 4.56 -13.11
CA GLU A 614 0.32 4.65 -14.43
C GLU A 614 -0.08 5.99 -15.06
N ARG A 615 0.91 6.79 -15.46
CA ARG A 615 0.69 8.19 -15.87
C ARG A 615 0.81 8.46 -17.38
N ASP A 616 0.24 9.60 -17.78
CA ASP A 616 0.08 10.02 -19.17
C ASP A 616 1.37 10.69 -19.69
N GLU A 617 1.34 11.12 -20.96
CA GLU A 617 2.36 12.03 -21.51
C GLU A 617 2.40 13.38 -20.77
N LYS A 618 1.22 13.92 -20.42
CA LYS A 618 1.11 15.22 -19.70
C LYS A 618 1.29 15.11 -18.18
N GLY A 619 1.51 13.91 -17.65
CA GLY A 619 1.65 13.66 -16.21
C GLY A 619 0.36 13.29 -15.50
N ARG A 620 -0.75 13.22 -16.23
CA ARG A 620 -2.05 12.88 -15.65
C ARG A 620 -2.17 11.37 -15.40
N ILE A 621 -2.87 11.01 -14.32
CA ILE A 621 -3.10 9.60 -13.96
C ILE A 621 -4.14 9.00 -14.89
N VAL A 622 -3.76 7.93 -15.60
CA VAL A 622 -4.63 7.28 -16.58
C VAL A 622 -5.16 5.90 -16.11
N LYS A 623 -4.40 5.18 -15.28
CA LYS A 623 -4.82 3.89 -14.71
C LYS A 623 -4.41 3.80 -13.25
N ALA A 624 -5.22 3.13 -12.44
CA ALA A 624 -4.94 3.01 -11.01
C ALA A 624 -5.51 1.71 -10.42
N LYS A 625 -4.68 1.01 -9.64
CA LYS A 625 -5.10 -0.20 -8.90
C LYS A 625 -4.46 -0.22 -7.52
N ASP A 626 -5.19 -0.75 -6.53
CA ASP A 626 -4.64 -1.00 -5.19
C ASP A 626 -3.80 -2.28 -5.13
N ALA A 627 -3.13 -2.50 -4.01
CA ALA A 627 -2.24 -3.66 -3.81
C ALA A 627 -2.98 -5.01 -3.90
N ALA A 628 -4.25 -5.05 -3.49
CA ALA A 628 -5.06 -6.28 -3.53
C ALA A 628 -5.44 -6.69 -4.95
N GLY A 629 -6.06 -5.76 -5.67
CA GLY A 629 -6.52 -5.98 -7.05
C GLY A 629 -7.92 -5.46 -7.30
N HIS A 630 -8.14 -4.17 -7.01
CA HIS A 630 -9.37 -3.46 -7.28
C HIS A 630 -9.05 -2.35 -8.26
N GLU A 631 -9.76 -2.28 -9.38
CA GLU A 631 -9.63 -1.14 -10.29
C GLU A 631 -10.16 0.11 -9.57
N LEU A 632 -9.27 1.05 -9.29
CA LEU A 632 -9.62 2.27 -8.53
C LEU A 632 -10.20 3.33 -9.44
N VAL A 633 -11.24 4.03 -8.97
CA VAL A 633 -11.72 5.25 -9.60
C VAL A 633 -10.90 6.42 -9.06
N TYR A 634 -10.24 7.16 -9.96
CA TYR A 634 -9.45 8.33 -9.62
C TYR A 634 -10.32 9.60 -9.67
N THR A 635 -10.67 10.15 -8.50
CA THR A 635 -11.46 11.40 -8.41
C THR A 635 -10.67 12.68 -8.68
N GLY A 636 -9.34 12.62 -8.54
CA GLY A 636 -8.49 13.78 -8.79
C GLY A 636 -7.76 14.28 -7.57
N MET A 637 -7.10 15.42 -7.72
CA MET A 637 -6.53 16.16 -6.60
C MET A 637 -7.71 16.75 -5.82
N SER A 638 -7.73 16.54 -4.51
CA SER A 638 -8.71 17.20 -3.65
C SER A 638 -8.02 17.46 -2.31
N LYS A 639 -8.69 18.15 -1.40
CA LYS A 639 -8.04 18.52 -0.16
C LYS A 639 -7.67 17.26 0.64
N MET A 640 -6.54 17.31 1.31
CA MET A 640 -6.19 16.27 2.26
C MET A 640 -7.22 16.19 3.37
N SER A 641 -7.81 15.03 3.55
CA SER A 641 -8.60 14.74 4.73
C SER A 641 -8.75 13.23 4.94
N LYS A 642 -9.17 12.88 6.15
CA LYS A 642 -9.49 11.50 6.53
C LYS A 642 -10.73 10.95 5.80
N SER A 643 -11.62 11.83 5.34
CA SER A 643 -12.83 11.40 4.63
C SER A 643 -12.54 10.69 3.32
N LYS A 644 -11.68 11.26 2.49
CA LYS A 644 -11.24 10.64 1.24
C LYS A 644 -9.93 9.87 1.40
N ASN A 645 -9.42 9.83 2.63
CA ASN A 645 -8.31 8.95 3.03
C ASN A 645 -7.00 9.28 2.33
N ASN A 646 -6.86 10.53 1.88
CA ASN A 646 -5.72 10.95 1.04
C ASN A 646 -4.74 11.86 1.78
N GLY A 647 -4.67 11.74 3.11
CA GLY A 647 -3.85 12.63 3.93
C GLY A 647 -2.49 12.02 4.21
N ILE A 648 -1.44 12.84 4.12
CA ILE A 648 -0.08 12.37 4.34
C ILE A 648 0.34 12.80 5.74
N ASP A 649 0.64 11.81 6.58
CA ASP A 649 1.09 12.00 7.96
C ASP A 649 2.54 12.52 7.96
N PRO A 650 2.82 13.63 8.68
CA PRO A 650 4.22 14.07 8.76
C PRO A 650 5.14 13.16 9.57
N GLN A 651 4.60 12.33 10.45
CA GLN A 651 5.39 11.54 11.42
C GLN A 651 6.61 10.79 10.85
N VAL A 652 6.49 10.28 9.62
CA VAL A 652 7.59 9.53 9.01
C VAL A 652 8.76 10.45 8.65
N MET A 653 8.46 11.55 7.94
CA MET A 653 9.46 12.58 7.63
C MET A 653 10.08 13.23 8.86
N VAL A 654 9.27 13.56 9.87
CA VAL A 654 9.79 14.20 11.08
C VAL A 654 10.85 13.33 11.75
N GLU A 655 10.63 12.02 11.80
CA GLU A 655 11.61 11.07 12.35
C GLU A 655 12.80 10.83 11.44
N ARG A 656 12.64 11.03 10.13
CA ARG A 656 13.77 10.94 9.18
C ARG A 656 14.67 12.18 9.27
N TYR A 657 14.11 13.34 8.91
CA TYR A 657 14.87 14.57 8.73
C TYR A 657 14.79 15.55 9.90
N GLY A 658 13.81 15.40 10.78
CA GLY A 658 13.55 16.37 11.85
C GLY A 658 12.37 17.28 11.56
N ALA A 659 11.76 17.82 12.61
CA ALA A 659 10.70 18.82 12.49
C ALA A 659 11.09 20.11 11.77
N ASP A 660 12.32 20.59 12.01
CA ASP A 660 12.82 21.83 11.39
C ASP A 660 12.84 21.75 9.86
N THR A 661 13.27 20.61 9.34
CA THR A 661 13.28 20.36 7.91
C THR A 661 11.86 20.31 7.35
N VAL A 662 10.97 19.62 8.05
CA VAL A 662 9.57 19.52 7.60
C VAL A 662 8.93 20.91 7.60
N ARG A 663 9.18 21.68 8.65
CA ARG A 663 8.63 23.02 8.77
C ARG A 663 9.16 23.93 7.68
N LEU A 664 10.47 23.97 7.51
CA LEU A 664 11.09 24.83 6.51
C LEU A 664 10.59 24.50 5.11
N PHE A 665 10.56 23.22 4.78
CA PHE A 665 10.05 22.76 3.48
C PHE A 665 8.62 23.21 3.19
N MET A 666 7.73 23.14 4.20
CA MET A 666 6.35 23.59 4.04
C MET A 666 6.26 25.08 3.73
N MET A 667 7.07 25.88 4.43
CA MET A 667 7.05 27.32 4.28
C MET A 667 7.72 27.78 2.98
N PHE A 668 8.69 26.98 2.53
CA PHE A 668 9.44 27.26 1.30
C PHE A 668 8.74 26.79 0.01
N ALA A 669 7.83 25.83 0.11
CA ALA A 669 7.16 25.25 -1.05
C ALA A 669 6.39 26.25 -1.90
N SER A 670 5.69 27.18 -1.24
CA SER A 670 4.70 28.05 -1.89
C SER A 670 4.39 29.23 -0.96
N PRO A 671 3.88 30.34 -1.52
CA PRO A 671 3.37 31.38 -0.61
C PRO A 671 2.13 30.88 0.13
N ALA A 672 1.95 31.36 1.37
CA ALA A 672 0.92 30.84 2.28
C ALA A 672 -0.45 30.74 1.64
N ASP A 673 -0.89 31.83 1.02
CA ASP A 673 -2.25 31.93 0.48
C ASP A 673 -2.56 31.10 -0.78
N MET A 674 -1.57 30.43 -1.37
CA MET A 674 -1.74 29.70 -2.63
C MET A 674 -1.92 28.20 -2.38
N THR A 675 -2.82 27.57 -3.13
CA THR A 675 -3.13 26.16 -2.92
C THR A 675 -2.00 25.27 -3.48
N LEU A 676 -1.66 24.21 -2.74
CA LEU A 676 -0.45 23.44 -3.00
C LEU A 676 -0.82 21.99 -3.36
N GLU A 677 -0.30 21.50 -4.48
CA GLU A 677 -0.40 20.07 -4.78
C GLU A 677 0.79 19.45 -4.07
N TRP A 678 0.53 18.61 -3.07
CA TRP A 678 1.61 18.01 -2.27
C TRP A 678 2.53 17.11 -3.11
N GLN A 679 3.83 17.21 -2.84
CA GLN A 679 4.86 16.29 -3.35
C GLN A 679 6.05 16.20 -2.38
N GLU A 680 6.59 14.99 -2.22
CA GLU A 680 7.74 14.73 -1.34
C GLU A 680 9.03 15.43 -1.83
N SER A 681 9.16 15.55 -3.15
CA SER A 681 10.32 16.20 -3.80
C SER A 681 10.54 17.64 -3.34
N GLY A 682 11.73 17.90 -2.79
CA GLY A 682 12.09 19.22 -2.26
C GLY A 682 12.59 19.18 -0.84
N VAL A 683 12.17 18.17 -0.06
CA VAL A 683 12.52 18.06 1.38
C VAL A 683 14.02 18.04 1.65
N GLU A 684 14.77 17.44 0.72
CA GLU A 684 16.21 17.30 0.87
C GLU A 684 16.88 18.68 0.78
N GLY A 685 16.34 19.55 -0.07
CA GLY A 685 16.82 20.93 -0.20
C GLY A 685 16.83 21.69 1.10
N ALA A 686 15.77 21.49 1.89
CA ALA A 686 15.67 22.08 3.23
C ALA A 686 16.62 21.38 4.22
N ASN A 687 16.69 20.05 4.17
CA ASN A 687 17.59 19.30 5.05
C ASN A 687 19.04 19.69 4.85
N ARG A 688 19.42 19.81 3.57
CA ARG A 688 20.77 20.16 3.18
C ARG A 688 21.12 21.57 3.58
N PHE A 689 20.19 22.50 3.36
CA PHE A 689 20.38 23.90 3.75
C PHE A 689 20.70 24.03 5.23
N LEU A 690 19.94 23.34 6.06
CA LEU A 690 20.17 23.36 7.51
C LEU A 690 21.54 22.79 7.89
N LYS A 691 21.99 21.74 7.17
CA LYS A 691 23.36 21.23 7.33
C LYS A 691 24.45 22.26 6.94
N ARG A 692 24.17 23.07 5.91
CA ARG A 692 25.08 24.14 5.52
C ARG A 692 25.14 25.28 6.56
N VAL A 693 24.00 25.61 7.17
CA VAL A 693 23.97 26.61 8.25
C VAL A 693 24.70 26.09 9.48
N TRP A 694 24.46 24.82 9.82
CA TRP A 694 25.12 24.17 10.96
C TRP A 694 26.64 24.17 10.79
N LYS A 695 27.10 23.74 9.61
CA LYS A 695 28.52 23.70 9.26
C LYS A 695 29.19 25.06 9.44
N LEU A 696 28.60 26.09 8.84
CA LEU A 696 29.18 27.43 8.90
C LEU A 696 29.33 27.97 10.33
N VAL A 697 28.39 27.63 11.20
CA VAL A 697 28.48 28.03 12.61
C VAL A 697 29.51 27.17 13.36
N TYR A 698 29.62 25.88 12.99
CA TYR A 698 30.63 24.99 13.57
C TYR A 698 32.06 25.47 13.28
N GLU A 699 32.32 25.86 12.04
CA GLU A 699 33.64 26.36 11.60
C GLU A 699 33.99 27.72 12.17
N HIS A 700 33.01 28.62 12.25
CA HIS A 700 33.23 29.96 12.78
C HIS A 700 33.52 29.97 14.28
N THR A 701 32.75 29.17 15.04
CA THR A 701 32.86 29.13 16.50
C THR A 701 34.07 28.30 17.00
N ALA A 702 34.48 27.30 16.23
CA ALA A 702 35.73 26.58 16.50
C ALA A 702 36.95 27.53 16.58
N LYS A 703 36.93 28.61 15.79
CA LYS A 703 37.98 29.65 15.83
C LYS A 703 37.89 30.66 17.00
N GLY A 704 36.87 30.55 17.85
CA GLY A 704 36.84 31.26 19.13
C GLY A 704 36.09 32.59 19.19
N ASP A 705 36.34 33.35 20.25
CA ASP A 705 35.69 34.63 20.44
C ASP A 705 36.25 35.65 19.45
N VAL A 706 35.42 36.63 19.07
CA VAL A 706 35.76 37.57 17.99
C VAL A 706 35.94 38.99 18.52
N ALA A 707 36.70 39.79 17.78
CA ALA A 707 36.90 41.21 18.11
C ALA A 707 35.65 42.01 17.77
N ALA A 708 35.54 43.20 18.34
CA ALA A 708 34.47 44.13 18.01
C ALA A 708 34.62 44.59 16.57
N LEU A 709 33.50 44.87 15.92
CA LEU A 709 33.51 45.30 14.51
C LEU A 709 33.79 46.80 14.38
N ASN A 710 34.73 47.14 13.51
CA ASN A 710 35.06 48.53 13.21
C ASN A 710 34.37 48.92 11.89
N VAL A 711 33.24 49.61 12.00
CA VAL A 711 32.40 49.95 10.83
C VAL A 711 33.18 50.83 9.85
N ASP A 712 33.55 52.02 10.29
CA ASP A 712 34.38 52.94 9.47
C ASP A 712 35.83 52.46 9.52
N ALA A 713 36.20 51.64 8.54
CA ALA A 713 37.43 50.82 8.52
C ALA A 713 37.36 49.63 7.56
N LEU A 714 36.15 49.19 7.22
CA LEU A 714 35.92 47.99 6.40
C LEU A 714 36.34 48.19 4.95
N THR A 715 36.81 47.12 4.30
CA THR A 715 37.11 47.14 2.86
C THR A 715 35.81 47.14 2.03
N GLU A 716 35.93 47.37 0.73
CA GLU A 716 34.76 47.45 -0.16
C GLU A 716 34.06 46.10 -0.32
N ASN A 717 34.83 45.01 -0.31
CA ASN A 717 34.26 43.65 -0.20
C ASN A 717 33.49 43.40 1.10
N GLN A 718 34.03 43.89 2.22
CA GLN A 718 33.36 43.79 3.54
C GLN A 718 32.11 44.66 3.61
N LYS A 719 32.24 45.91 3.16
CA LYS A 719 31.12 46.86 3.03
C LYS A 719 29.95 46.31 2.20
N ALA A 720 30.27 45.63 1.10
CA ALA A 720 29.26 45.08 0.20
C ALA A 720 28.49 43.91 0.82
N LEU A 721 29.21 43.08 1.58
CA LEU A 721 28.61 41.95 2.29
C LEU A 721 27.70 42.39 3.43
N ARG A 722 28.15 43.36 4.21
CA ARG A 722 27.35 43.92 5.29
C ARG A 722 26.08 44.62 4.77
N ARG A 723 26.15 45.20 3.57
CA ARG A 723 24.97 45.72 2.88
C ARG A 723 23.95 44.61 2.56
N ASP A 724 24.43 43.47 2.09
CA ASP A 724 23.56 42.35 1.76
C ASP A 724 22.94 41.74 3.03
N VAL A 725 23.71 41.71 4.12
CA VAL A 725 23.22 41.22 5.40
C VAL A 725 22.05 42.09 5.83
N HIS A 726 22.32 43.37 6.05
CA HIS A 726 21.28 44.28 6.51
C HIS A 726 20.09 44.43 5.53
N LYS A 727 20.31 44.22 4.23
CA LYS A 727 19.21 44.21 3.25
C LYS A 727 18.32 42.97 3.34
N THR A 728 18.91 41.83 3.74
CA THR A 728 18.14 40.60 4.03
C THR A 728 17.23 40.76 5.25
N ILE A 729 17.78 41.39 6.30
CA ILE A 729 17.02 41.69 7.51
C ILE A 729 15.79 42.52 7.15
N ALA A 730 15.99 43.57 6.36
CA ALA A 730 14.89 44.45 5.98
C ALA A 730 13.86 43.69 5.14
N LYS A 731 14.33 42.94 4.16
CA LYS A 731 13.43 42.16 3.28
C LYS A 731 12.67 41.04 4.01
N VAL A 732 13.37 40.25 4.84
CA VAL A 732 12.75 39.17 5.62
C VAL A 732 11.70 39.74 6.60
N THR A 733 12.03 40.84 7.26
CA THR A 733 11.11 41.51 8.17
C THR A 733 9.82 41.91 7.45
N ASP A 734 9.96 42.49 6.26
CA ASP A 734 8.82 42.86 5.44
C ASP A 734 8.07 41.63 4.91
N ASP A 735 8.81 40.62 4.49
CA ASP A 735 8.22 39.42 3.92
C ASP A 735 7.39 38.62 4.94
N ILE A 736 7.79 38.62 6.23
CA ILE A 736 7.00 37.96 7.30
C ILE A 736 5.92 38.90 7.85
N GLY A 737 6.34 40.09 8.26
CA GLY A 737 5.45 41.05 8.92
C GLY A 737 4.30 41.61 8.10
N ARG A 738 4.59 42.02 6.87
CA ARG A 738 3.60 42.66 5.99
C ARG A 738 3.02 41.72 4.90
N ARG A 739 3.90 41.13 4.08
CA ARG A 739 3.47 40.33 2.92
C ARG A 739 3.06 38.91 3.25
N GLN A 740 3.59 38.35 4.34
CA GLN A 740 3.43 36.93 4.68
C GLN A 740 3.75 36.02 3.49
N THR A 741 4.87 36.30 2.85
CA THR A 741 5.41 35.50 1.76
C THR A 741 6.67 34.87 2.30
N PHE A 742 6.49 33.80 3.06
CA PHE A 742 7.60 33.15 3.76
C PHE A 742 8.61 32.47 2.84
N ASN A 743 8.15 32.03 1.68
CA ASN A 743 9.02 31.33 0.71
C ASN A 743 10.10 32.25 0.17
N THR A 744 9.74 33.51 -0.09
CA THR A 744 10.69 34.52 -0.52
C THR A 744 11.61 34.96 0.61
N ALA A 745 11.09 35.04 1.83
CA ALA A 745 11.90 35.28 3.03
C ALA A 745 12.99 34.24 3.25
N ILE A 746 12.65 32.96 3.02
CA ILE A 746 13.62 31.88 3.14
C ILE A 746 14.66 31.96 2.01
N ALA A 747 14.18 32.21 0.79
CA ALA A 747 15.05 32.34 -0.40
C ALA A 747 16.09 33.44 -0.24
N ALA A 748 15.66 34.57 0.33
CA ALA A 748 16.57 35.65 0.70
C ALA A 748 17.64 35.20 1.70
N ILE A 749 17.23 34.49 2.76
CA ILE A 749 18.16 33.95 3.75
C ILE A 749 19.12 32.93 3.16
N MET A 750 18.62 32.09 2.25
CA MET A 750 19.47 31.12 1.53
C MET A 750 20.53 31.76 0.67
N GLU A 751 20.17 32.84 -0.02
CA GLU A 751 21.10 33.56 -0.89
C GLU A 751 22.23 34.23 -0.09
N LEU A 752 21.89 34.79 1.07
CA LEU A 752 22.86 35.36 1.99
C LEU A 752 23.83 34.30 2.56
N MET A 753 23.35 33.07 2.74
CA MET A 753 24.20 31.98 3.21
C MET A 753 25.21 31.54 2.16
N ASN A 754 24.84 31.64 0.88
CA ASN A 754 25.78 31.35 -0.21
C ASN A 754 26.84 32.43 -0.34
N LYS A 755 26.47 33.69 -0.09
CA LYS A 755 27.42 34.77 0.01
C LYS A 755 28.35 34.56 1.20
N LEU A 756 27.77 34.22 2.35
CA LEU A 756 28.56 34.07 3.58
C LEU A 756 29.55 32.92 3.52
N ALA A 757 29.19 31.85 2.82
CA ALA A 757 30.07 30.69 2.67
C ALA A 757 31.28 30.94 1.75
N LYS A 758 31.15 31.92 0.85
CA LYS A 758 32.25 32.32 -0.03
C LYS A 758 33.15 33.44 0.53
N ALA A 759 32.79 34.00 1.69
CA ALA A 759 33.55 35.12 2.27
C ALA A 759 34.83 34.65 2.97
N PRO A 760 35.91 35.47 2.95
CA PRO A 760 37.08 35.17 3.78
C PRO A 760 36.79 35.28 5.27
N THR A 761 37.53 34.53 6.09
CA THR A 761 37.29 34.48 7.54
C THR A 761 38.60 34.46 8.35
N ASP A 762 39.63 35.10 7.83
CA ASP A 762 40.97 35.06 8.42
C ASP A 762 41.14 36.22 9.39
N GLY A 763 40.97 37.45 8.87
CA GLY A 763 41.22 38.66 9.64
C GLY A 763 40.23 38.85 10.78
N GLU A 764 40.64 39.65 11.76
CA GLU A 764 39.77 39.99 12.90
C GLU A 764 38.48 40.67 12.46
N GLN A 765 38.56 41.52 11.43
CA GLN A 765 37.39 42.21 10.89
C GLN A 765 36.49 41.28 10.07
N ASP A 766 37.07 40.34 9.34
CA ASP A 766 36.29 39.33 8.60
C ASP A 766 35.49 38.40 9.54
N ARG A 767 36.13 37.97 10.62
CA ARG A 767 35.49 37.16 11.66
C ARG A 767 34.45 37.95 12.46
N ALA A 768 34.68 39.25 12.63
CA ALA A 768 33.71 40.11 13.33
C ALA A 768 32.44 40.32 12.52
N LEU A 769 32.57 40.43 11.20
CA LEU A 769 31.43 40.56 10.32
C LEU A 769 30.67 39.23 10.21
N MET A 770 31.40 38.11 10.15
CA MET A 770 30.79 36.78 10.14
C MET A 770 29.95 36.54 11.40
N GLN A 771 30.44 37.01 12.54
CA GLN A 771 29.68 36.95 13.80
C GLN A 771 28.35 37.69 13.69
N GLU A 772 28.40 38.96 13.28
CA GLU A 772 27.21 39.80 13.13
C GLU A 772 26.18 39.19 12.15
N ALA A 773 26.67 38.63 11.05
CA ALA A 773 25.83 38.03 10.02
C ALA A 773 25.17 36.75 10.50
N LEU A 774 25.91 35.91 11.21
CA LEU A 774 25.38 34.63 11.71
C LEU A 774 24.40 34.80 12.88
N LEU A 775 24.69 35.75 13.75
CA LEU A 775 23.74 36.12 14.80
C LEU A 775 22.40 36.53 14.21
N ALA A 776 22.44 37.18 13.05
CA ALA A 776 21.27 37.68 12.35
C ALA A 776 20.54 36.59 11.53
N VAL A 777 21.29 35.73 10.86
CA VAL A 777 20.73 34.58 10.13
C VAL A 777 20.00 33.65 11.11
N VAL A 778 20.64 33.32 12.22
CA VAL A 778 20.07 32.39 13.19
C VAL A 778 18.75 32.93 13.77
N ARG A 779 18.71 34.22 14.07
CA ARG A 779 17.46 34.83 14.54
C ARG A 779 16.36 34.88 13.45
N MET A 780 16.71 35.21 12.22
CA MET A 780 15.75 35.26 11.11
C MET A 780 15.20 33.89 10.73
N LEU A 781 15.98 32.85 11.01
CA LEU A 781 15.60 31.49 10.67
C LEU A 781 14.84 30.83 11.84
N ASN A 782 14.90 31.44 13.04
CA ASN A 782 14.27 30.89 14.25
C ASN A 782 12.77 30.63 14.17
N PRO A 783 11.97 31.58 13.65
CA PRO A 783 10.54 31.28 13.54
C PRO A 783 10.22 30.02 12.70
N PHE A 784 11.09 29.73 11.73
CA PHE A 784 10.89 28.59 10.84
C PHE A 784 11.41 27.32 11.47
N THR A 785 12.64 27.37 11.96
CA THR A 785 13.39 26.20 12.43
C THR A 785 13.93 26.49 13.83
N PRO A 786 13.05 26.51 14.84
CA PRO A 786 13.41 27.00 16.15
C PRO A 786 14.33 26.09 16.96
N HIS A 787 14.32 24.79 16.68
CA HIS A 787 15.14 23.85 17.45
C HIS A 787 16.62 24.05 17.14
N ILE A 788 16.99 23.94 15.87
CA ILE A 788 18.36 24.14 15.42
C ILE A 788 18.87 25.55 15.77
N CYS A 789 18.00 26.56 15.69
CA CYS A 789 18.37 27.95 16.00
C CYS A 789 18.56 28.17 17.50
N PHE A 790 17.74 27.51 18.33
CA PHE A 790 17.92 27.54 19.79
C PHE A 790 19.32 27.05 20.18
N THR A 791 19.78 25.98 19.53
CA THR A 791 21.08 25.39 19.81
C THR A 791 22.19 26.29 19.30
N LEU A 792 22.08 26.70 18.03
CA LEU A 792 23.12 27.53 17.40
C LEU A 792 23.31 28.90 18.07
N TRP A 793 22.27 29.47 18.67
CA TRP A 793 22.36 30.76 19.35
C TRP A 793 23.23 30.66 20.62
N GLN A 794 23.13 29.52 21.31
CA GLN A 794 24.01 29.21 22.45
C GLN A 794 25.47 29.04 22.03
N GLU A 795 25.71 28.41 20.88
CA GLU A 795 27.08 28.24 20.33
C GLU A 795 27.73 29.54 19.89
N LEU A 796 26.94 30.44 19.33
CA LEU A 796 27.40 31.78 19.00
C LEU A 796 27.47 32.70 20.24
N LYS A 797 27.12 32.18 21.41
CA LYS A 797 27.14 32.92 22.68
C LYS A 797 26.26 34.16 22.65
N GLY A 798 25.03 33.97 22.20
CA GLY A 798 24.02 35.03 22.22
C GLY A 798 23.45 35.18 23.62
N GLU A 799 22.84 36.33 23.89
CA GLU A 799 22.32 36.62 25.23
C GLU A 799 20.97 35.94 25.47
N GLY A 800 20.97 34.89 26.28
CA GLY A 800 19.74 34.21 26.71
C GLY A 800 19.23 33.15 25.75
N ASP A 801 18.01 32.70 26.01
CA ASP A 801 17.31 31.82 25.08
C ASP A 801 16.84 32.63 23.88
N ILE A 802 17.01 32.05 22.69
CA ILE A 802 16.64 32.72 21.43
C ILE A 802 15.15 33.06 21.35
N ASP A 803 14.33 32.39 22.13
CA ASP A 803 12.89 32.64 22.09
C ASP A 803 12.58 34.09 22.47
N ASN A 804 13.33 34.64 23.42
CA ASN A 804 13.18 36.05 23.88
C ASN A 804 14.22 37.02 23.30
N ALA A 805 15.02 36.58 22.32
CA ALA A 805 16.01 37.47 21.70
C ALA A 805 15.32 38.50 20.80
N PRO A 806 15.88 39.73 20.74
CA PRO A 806 15.21 40.74 19.92
C PRO A 806 15.40 40.47 18.42
N TRP A 807 14.40 40.85 17.62
CA TRP A 807 14.42 40.63 16.18
C TRP A 807 15.45 41.59 15.61
N PRO A 808 16.30 41.12 14.67
CA PRO A 808 17.34 42.02 14.16
C PRO A 808 16.75 43.19 13.36
N VAL A 809 17.37 44.35 13.50
CA VAL A 809 16.93 45.57 12.82
C VAL A 809 18.05 45.96 11.86
N ALA A 810 17.65 46.29 10.64
CA ALA A 810 18.58 46.74 9.62
C ALA A 810 19.03 48.18 9.92
N ASP A 811 20.25 48.49 9.47
CA ASP A 811 20.89 49.77 9.73
C ASP A 811 20.93 50.50 8.40
N GLU A 812 20.25 51.64 8.34
CA GLU A 812 20.15 52.43 7.11
C GLU A 812 21.52 52.83 6.52
N LYS A 813 22.47 53.11 7.40
CA LYS A 813 23.83 53.50 7.01
C LYS A 813 24.59 52.36 6.34
N ALA A 814 24.34 51.11 6.75
CA ALA A 814 24.97 49.95 6.12
C ALA A 814 24.37 49.61 4.75
N MET A 815 23.19 50.13 4.44
CA MET A 815 22.43 49.75 3.24
C MET A 815 22.49 50.76 2.09
N VAL A 816 23.34 51.77 2.18
CA VAL A 816 23.37 52.84 1.18
C VAL A 816 24.11 52.35 -0.06
N GLU A 817 23.51 52.60 -1.23
CA GLU A 817 24.03 52.14 -2.53
C GLU A 817 24.87 53.23 -3.18
N ASP A 818 25.96 52.83 -3.84
CA ASP A 818 26.81 53.75 -4.63
C ASP A 818 26.53 53.70 -6.14
N SER A 819 25.90 52.62 -6.61
CA SER A 819 25.51 52.47 -8.00
C SER A 819 24.18 51.71 -8.17
N THR A 820 23.66 51.73 -9.39
CA THR A 820 22.40 51.07 -9.71
C THR A 820 22.47 50.42 -11.10
N LEU A 821 21.67 49.39 -11.31
CA LEU A 821 21.60 48.68 -12.59
C LEU A 821 20.49 49.23 -13.48
N VAL A 822 20.85 49.71 -14.66
CA VAL A 822 19.86 50.15 -15.67
C VAL A 822 19.77 49.09 -16.77
N VAL A 823 18.54 48.73 -17.13
CA VAL A 823 18.26 47.90 -18.29
C VAL A 823 18.05 48.79 -19.52
N VAL A 824 18.70 48.42 -20.63
CA VAL A 824 18.56 49.16 -21.88
C VAL A 824 17.79 48.34 -22.90
N GLN A 825 16.71 48.92 -23.42
CA GLN A 825 15.88 48.30 -24.46
C GLN A 825 15.85 49.16 -25.71
N VAL A 826 15.77 48.46 -26.84
CA VAL A 826 15.50 49.06 -28.13
C VAL A 826 14.14 48.51 -28.56
N ASN A 827 13.19 49.42 -28.81
CA ASN A 827 11.77 49.07 -29.06
C ASN A 827 11.24 47.99 -28.11
N GLY A 828 11.49 48.19 -26.83
CA GLY A 828 11.06 47.26 -25.79
C GLY A 828 11.89 46.00 -25.58
N LYS A 829 12.85 45.67 -26.45
CA LYS A 829 13.66 44.43 -26.31
C LYS A 829 15.01 44.70 -25.66
N VAL A 830 15.31 44.01 -24.56
CA VAL A 830 16.56 44.19 -23.81
C VAL A 830 17.77 43.83 -24.66
N ARG A 831 18.66 44.81 -24.86
CA ARG A 831 19.92 44.64 -25.58
C ARG A 831 21.18 44.78 -24.72
N ALA A 832 21.09 45.48 -23.59
CA ALA A 832 22.20 45.58 -22.65
C ALA A 832 21.76 45.95 -21.22
N LYS A 833 22.64 45.62 -20.28
CA LYS A 833 22.48 45.97 -18.87
C LYS A 833 23.73 46.69 -18.42
N ILE A 834 23.57 47.85 -17.80
CA ILE A 834 24.72 48.67 -17.39
C ILE A 834 24.62 49.01 -15.90
N THR A 835 25.75 49.01 -15.22
CA THR A 835 25.86 49.58 -13.87
C THR A 835 26.17 51.06 -14.06
N VAL A 836 25.58 51.89 -13.21
CA VAL A 836 25.66 53.34 -13.37
C VAL A 836 25.59 53.97 -11.96
N PRO A 837 26.24 55.12 -11.73
CA PRO A 837 26.09 55.72 -10.39
C PRO A 837 24.64 56.11 -10.08
N VAL A 838 24.25 55.99 -8.81
CA VAL A 838 22.88 56.26 -8.36
C VAL A 838 22.42 57.67 -8.72
N ASP A 839 23.33 58.64 -8.64
CA ASP A 839 23.01 60.04 -8.93
C ASP A 839 23.13 60.42 -10.44
N ALA A 840 23.13 59.41 -11.33
CA ALA A 840 23.33 59.65 -12.77
C ALA A 840 22.08 60.22 -13.45
N THR A 841 22.31 61.13 -14.40
CA THR A 841 21.23 61.77 -15.15
C THR A 841 20.89 60.97 -16.41
N GLU A 842 19.75 61.28 -17.02
CA GLU A 842 19.29 60.62 -18.26
C GLU A 842 20.32 60.71 -19.40
N GLU A 843 20.99 61.86 -19.48
CA GLU A 843 21.94 62.19 -20.54
C GLU A 843 23.18 61.33 -20.41
N GLN A 844 23.62 61.11 -19.16
CA GLN A 844 24.74 60.22 -18.87
C GLN A 844 24.40 58.76 -19.15
N VAL A 845 23.18 58.35 -18.80
CA VAL A 845 22.69 56.98 -19.04
C VAL A 845 22.59 56.68 -20.55
N ARG A 846 22.05 57.64 -21.30
CA ARG A 846 22.00 57.55 -22.77
C ARG A 846 23.38 57.38 -23.40
N GLU A 847 24.33 58.17 -22.93
CA GLU A 847 25.68 58.17 -23.48
C GLU A 847 26.38 56.85 -23.15
N ARG A 848 26.15 56.37 -21.93
CA ARG A 848 26.68 55.09 -21.48
C ARG A 848 26.03 53.92 -22.22
N ALA A 849 24.72 54.03 -22.47
CA ALA A 849 24.01 53.01 -23.24
C ALA A 849 24.46 52.95 -24.71
N GLY A 850 24.81 54.11 -25.28
CA GLY A 850 25.34 54.19 -26.65
C GLY A 850 26.70 53.50 -26.86
N GLN A 851 27.51 53.48 -25.80
CA GLN A 851 28.79 52.78 -25.80
C GLN A 851 28.67 51.25 -25.88
N GLU A 852 27.50 50.69 -25.57
CA GLU A 852 27.30 49.25 -25.65
C GLU A 852 27.16 48.83 -27.11
N HIS A 853 27.90 47.79 -27.50
CA HIS A 853 28.00 47.39 -28.90
C HIS A 853 26.71 46.76 -29.42
N LEU A 854 25.97 46.05 -28.57
CA LEU A 854 24.68 45.48 -28.94
C LEU A 854 23.54 46.51 -28.98
N VAL A 855 23.70 47.65 -28.30
CA VAL A 855 22.76 48.76 -28.46
C VAL A 855 23.02 49.48 -29.78
N ALA A 856 24.29 49.74 -30.10
CA ALA A 856 24.68 50.43 -31.33
C ALA A 856 24.29 49.66 -32.59
N LYS A 857 24.44 48.34 -32.52
CA LYS A 857 23.98 47.46 -33.60
C LYS A 857 22.56 47.77 -34.09
N TYR A 858 21.63 48.04 -33.17
CA TYR A 858 20.22 48.33 -33.48
C TYR A 858 19.84 49.83 -33.56
N LEU A 859 20.81 50.73 -33.37
CA LEU A 859 20.59 52.16 -33.64
C LEU A 859 21.12 52.60 -35.01
N ASP A 860 21.75 51.68 -35.74
CA ASP A 860 22.41 52.02 -37.00
C ASP A 860 21.42 52.06 -38.17
N GLY A 861 21.37 53.19 -38.85
CA GLY A 861 20.46 53.39 -39.97
C GLY A 861 19.05 53.76 -39.56
N VAL A 862 18.84 54.11 -38.29
CA VAL A 862 17.50 54.45 -37.78
C VAL A 862 17.59 55.68 -36.90
N THR A 863 16.45 56.32 -36.71
CA THR A 863 16.32 57.53 -35.90
C THR A 863 15.67 57.19 -34.55
N VAL A 864 16.16 57.83 -33.48
CA VAL A 864 15.54 57.72 -32.16
C VAL A 864 14.31 58.64 -32.16
N ARG A 865 13.13 58.03 -32.18
CA ARG A 865 11.87 58.78 -32.25
C ARG A 865 11.42 59.22 -30.85
N LYS A 866 11.51 58.32 -29.88
CA LYS A 866 11.04 58.59 -28.52
C LYS A 866 11.95 57.89 -27.51
N VAL A 867 12.06 58.48 -26.32
CA VAL A 867 12.89 57.93 -25.22
C VAL A 867 12.05 57.76 -23.97
N ILE A 868 12.20 56.63 -23.31
CA ILE A 868 11.51 56.35 -22.06
C ILE A 868 12.59 56.04 -21.04
N TYR A 869 12.65 56.80 -19.95
CA TYR A 869 13.64 56.60 -18.91
C TYR A 869 12.95 56.51 -17.54
N VAL A 870 13.05 55.33 -16.91
CA VAL A 870 12.60 55.12 -15.53
C VAL A 870 13.85 55.22 -14.60
N PRO A 871 13.98 56.33 -13.84
CA PRO A 871 15.22 56.65 -13.07
C PRO A 871 15.88 55.51 -12.27
N GLY A 872 17.14 55.23 -12.58
CA GLY A 872 17.93 54.16 -11.95
C GLY A 872 17.49 52.74 -12.28
N LYS A 873 16.64 52.59 -13.29
CA LYS A 873 15.88 51.37 -13.48
C LYS A 873 15.90 50.89 -14.94
N LEU A 874 15.41 51.73 -15.87
CA LEU A 874 15.25 51.31 -17.28
C LEU A 874 15.30 52.46 -18.30
N LEU A 875 15.91 52.18 -19.44
CA LEU A 875 15.92 53.07 -20.60
C LEU A 875 15.39 52.32 -21.80
N ASN A 876 14.40 52.87 -22.47
CA ASN A 876 13.92 52.31 -23.73
C ASN A 876 14.08 53.36 -24.83
N LEU A 877 14.88 53.02 -25.84
CA LEU A 877 15.05 53.84 -27.00
C LEU A 877 14.07 53.32 -28.05
N VAL A 878 13.03 54.12 -28.33
CA VAL A 878 12.02 53.80 -29.34
C VAL A 878 12.54 54.34 -30.67
N VAL A 879 12.87 53.41 -31.56
CA VAL A 879 13.66 53.68 -32.75
C VAL A 879 12.87 53.23 -33.96
N GLY A 880 13.13 53.86 -35.10
CA GLY A 880 12.54 53.42 -36.36
C GLY A 880 13.11 54.12 -37.57
N MET C 21 12.53 -6.66 -44.10
CA MET C 21 13.18 -6.73 -42.77
C MET C 21 13.78 -5.38 -42.38
N GLN C 22 13.31 -4.82 -41.26
CA GLN C 22 13.87 -3.59 -40.71
C GLN C 22 15.31 -3.79 -40.27
N GLU C 23 16.11 -2.72 -40.33
CA GLU C 23 17.52 -2.78 -39.95
C GLU C 23 17.70 -2.94 -38.45
N GLN C 24 16.97 -2.15 -37.67
CA GLN C 24 17.04 -2.24 -36.21
C GLN C 24 16.14 -3.36 -35.70
N TYR C 25 16.64 -4.12 -34.73
CA TYR C 25 15.87 -5.14 -34.01
C TYR C 25 14.89 -4.43 -33.08
N ARG C 26 13.59 -4.63 -33.30
CA ARG C 26 12.54 -3.96 -32.52
C ARG C 26 11.57 -5.02 -31.96
N PRO C 27 11.70 -5.36 -30.66
CA PRO C 27 10.87 -6.44 -30.08
C PRO C 27 9.37 -6.14 -30.03
N GLU C 28 9.01 -4.91 -29.67
CA GLU C 28 7.60 -4.52 -29.52
C GLU C 28 6.70 -4.77 -30.75
N GLU C 29 7.30 -4.79 -31.94
CA GLU C 29 6.60 -5.11 -33.19
C GLU C 29 6.65 -6.60 -33.52
N ILE C 30 7.81 -7.21 -33.32
CA ILE C 30 8.05 -8.62 -33.70
C ILE C 30 7.33 -9.62 -32.78
N GLU C 31 7.42 -9.42 -31.48
CA GLU C 31 7.05 -10.45 -30.50
C GLU C 31 5.55 -10.70 -30.40
N SER C 32 4.77 -9.63 -30.28
CA SER C 32 3.31 -9.73 -30.23
C SER C 32 2.69 -10.29 -31.52
N LYS C 33 3.30 -9.99 -32.66
CA LYS C 33 2.91 -10.57 -33.95
C LYS C 33 3.05 -12.09 -33.96
N VAL C 34 4.19 -12.58 -33.48
CA VAL C 34 4.47 -14.02 -33.45
C VAL C 34 3.58 -14.73 -32.43
N GLN C 35 3.36 -14.11 -31.27
CA GLN C 35 2.46 -14.65 -30.25
C GLN C 35 1.06 -14.88 -30.81
N LEU C 36 0.56 -13.90 -31.56
CA LEU C 36 -0.75 -13.99 -32.21
C LEU C 36 -0.81 -15.11 -33.25
N HIS C 37 0.26 -15.29 -34.02
CA HIS C 37 0.38 -16.41 -34.96
C HIS C 37 0.24 -17.74 -34.22
N TRP C 38 0.99 -17.91 -33.13
CA TRP C 38 0.91 -19.14 -32.31
C TRP C 38 -0.48 -19.35 -31.70
N ASP C 39 -1.12 -18.27 -31.25
CA ASP C 39 -2.51 -18.30 -30.75
C ASP C 39 -3.48 -18.82 -31.82
N GLU C 40 -3.48 -18.17 -32.98
CA GLU C 40 -4.47 -18.46 -34.03
C GLU C 40 -4.18 -19.77 -34.76
N LYS C 41 -2.92 -20.07 -35.05
CA LYS C 41 -2.56 -21.37 -35.64
C LYS C 41 -2.65 -22.57 -34.68
N ARG C 42 -2.72 -22.32 -33.36
CA ARG C 42 -2.76 -23.38 -32.33
C ARG C 42 -1.56 -24.31 -32.46
N THR C 43 -0.38 -23.71 -32.49
CA THR C 43 0.88 -24.39 -32.81
C THR C 43 1.26 -25.45 -31.79
N PHE C 44 1.16 -25.12 -30.50
CA PHE C 44 1.58 -26.00 -29.40
C PHE C 44 0.47 -26.85 -28.79
N GLU C 45 -0.74 -26.77 -29.36
CA GLU C 45 -1.81 -27.67 -28.98
C GLU C 45 -1.59 -29.03 -29.64
N VAL C 46 -1.67 -30.10 -28.84
CA VAL C 46 -1.34 -31.45 -29.30
C VAL C 46 -2.43 -32.48 -28.96
N THR C 47 -2.42 -33.59 -29.68
CA THR C 47 -3.34 -34.71 -29.45
C THR C 47 -2.54 -36.00 -29.24
N GLU C 48 -3.25 -37.10 -29.02
CA GLU C 48 -2.64 -38.40 -28.78
C GLU C 48 -2.38 -39.10 -30.11
N ASP C 49 -1.37 -38.60 -30.83
CA ASP C 49 -1.00 -39.14 -32.14
C ASP C 49 -0.14 -40.39 -31.95
N GLU C 50 -0.65 -41.54 -32.39
CA GLU C 50 0.05 -42.81 -32.22
C GLU C 50 1.25 -42.97 -33.16
N SER C 51 1.24 -42.30 -34.31
CA SER C 51 2.35 -42.37 -35.26
C SER C 51 3.61 -41.64 -34.77
N LYS C 52 3.43 -40.46 -34.20
CA LYS C 52 4.56 -39.70 -33.63
C LYS C 52 5.05 -40.27 -32.31
N GLU C 53 6.34 -40.06 -32.01
CA GLU C 53 6.90 -40.35 -30.70
C GLU C 53 6.61 -39.17 -29.77
N LYS C 54 6.18 -39.47 -28.55
CA LYS C 54 5.75 -38.46 -27.58
C LYS C 54 6.90 -37.89 -26.75
N TYR C 55 6.66 -36.72 -26.15
CA TYR C 55 7.51 -36.18 -25.08
C TYR C 55 6.71 -35.26 -24.16
N TYR C 56 6.68 -35.59 -22.87
CA TYR C 56 5.95 -34.82 -21.87
C TYR C 56 6.95 -34.00 -21.05
N CYS C 57 7.13 -32.74 -21.45
CA CYS C 57 7.94 -31.77 -20.70
C CYS C 57 7.04 -30.96 -19.77
N LEU C 58 7.27 -31.09 -18.47
CA LEU C 58 6.35 -30.57 -17.45
C LEU C 58 7.06 -29.64 -16.47
N SER C 59 6.45 -28.50 -16.20
CA SER C 59 6.89 -27.60 -15.14
C SER C 59 5.87 -27.62 -14.03
N MET C 60 6.30 -27.28 -12.81
CA MET C 60 5.40 -27.22 -11.66
C MET C 60 4.45 -26.03 -11.79
N LEU C 61 3.14 -26.30 -11.75
CA LEU C 61 2.13 -25.25 -11.93
C LEU C 61 2.17 -24.21 -10.80
N PRO C 62 2.06 -22.91 -11.14
CA PRO C 62 2.24 -21.84 -10.16
C PRO C 62 1.03 -21.59 -9.28
N TYR C 63 1.26 -21.05 -8.09
CA TYR C 63 0.20 -20.48 -7.26
C TYR C 63 -0.09 -19.06 -7.79
N PRO C 64 -1.38 -18.72 -8.02
CA PRO C 64 -1.69 -17.36 -8.50
C PRO C 64 -1.58 -16.36 -7.36
N SER C 65 -0.35 -15.93 -7.12
CA SER C 65 -0.02 -15.02 -6.02
C SER C 65 -0.39 -13.57 -6.34
N GLY C 66 -0.27 -13.17 -7.61
CA GLY C 66 -0.56 -11.80 -8.03
C GLY C 66 0.14 -11.46 -9.31
N ARG C 67 1.46 -11.66 -9.30
CA ARG C 67 2.31 -11.43 -10.47
C ARG C 67 3.48 -12.40 -10.48
N LEU C 68 4.11 -12.52 -11.65
CA LEU C 68 5.30 -13.35 -11.81
C LEU C 68 6.51 -12.66 -11.22
N HIS C 69 7.47 -13.45 -10.78
CA HIS C 69 8.77 -12.95 -10.33
C HIS C 69 9.83 -13.70 -11.15
N MET C 70 11.10 -13.40 -10.92
CA MET C 70 12.19 -13.94 -11.76
C MET C 70 12.42 -15.43 -11.54
N GLY C 71 12.04 -15.94 -10.36
CA GLY C 71 11.95 -17.37 -10.13
C GLY C 71 11.01 -18.10 -11.09
N HIS C 72 9.81 -17.55 -11.30
CA HIS C 72 8.83 -18.13 -12.23
C HIS C 72 9.40 -18.14 -13.66
N VAL C 73 10.00 -17.02 -14.06
CA VAL C 73 10.60 -16.86 -15.39
C VAL C 73 11.66 -17.93 -15.62
N ARG C 74 12.54 -18.13 -14.64
CA ARG C 74 13.60 -19.13 -14.74
C ARG C 74 13.04 -20.55 -14.88
N ASN C 75 12.09 -20.91 -14.02
CA ASN C 75 11.45 -22.23 -14.06
C ASN C 75 10.82 -22.51 -15.43
N TYR C 76 10.04 -21.54 -15.93
CA TYR C 76 9.24 -21.77 -17.14
C TYR C 76 10.01 -21.58 -18.44
N THR C 77 11.05 -20.74 -18.42
CA THR C 77 11.97 -20.64 -19.54
C THR C 77 12.75 -21.96 -19.74
N ILE C 78 13.22 -22.57 -18.65
CA ILE C 78 13.84 -23.91 -18.69
C ILE C 78 12.89 -24.93 -19.32
N GLY C 79 11.63 -24.89 -18.89
CA GLY C 79 10.61 -25.80 -19.40
C GLY C 79 10.36 -25.59 -20.87
N ASP C 80 10.27 -24.32 -21.28
CA ASP C 80 9.98 -23.98 -22.67
C ASP C 80 11.18 -24.25 -23.57
N VAL C 81 12.39 -24.04 -23.05
CA VAL C 81 13.62 -24.37 -23.79
C VAL C 81 13.58 -25.84 -24.19
N ILE C 82 13.39 -26.72 -23.22
CA ILE C 82 13.38 -28.16 -23.48
C ILE C 82 12.16 -28.57 -24.33
N ALA C 83 11.03 -27.90 -24.13
CA ALA C 83 9.80 -28.21 -24.89
C ALA C 83 9.97 -27.94 -26.40
N ARG C 84 10.51 -26.78 -26.73
CA ARG C 84 10.82 -26.41 -28.13
C ARG C 84 11.94 -27.25 -28.74
N TYR C 85 13.01 -27.49 -27.97
CA TYR C 85 14.12 -28.35 -28.40
C TYR C 85 13.65 -29.74 -28.84
N GLN C 86 12.79 -30.36 -28.04
CA GLN C 86 12.32 -31.72 -28.32
C GLN C 86 11.33 -31.77 -29.49
N ARG C 87 10.51 -30.72 -29.64
CA ARG C 87 9.67 -30.56 -30.84
C ARG C 87 10.51 -30.56 -32.10
N MET C 88 11.65 -29.87 -32.06
CA MET C 88 12.57 -29.79 -33.19
C MET C 88 13.26 -31.13 -33.50
N LEU C 89 13.43 -31.99 -32.50
CA LEU C 89 13.85 -33.38 -32.73
C LEU C 89 12.76 -34.26 -33.37
N GLY C 90 11.55 -33.73 -33.52
CA GLY C 90 10.47 -34.36 -34.30
C GLY C 90 9.45 -35.11 -33.47
N LYS C 91 9.10 -34.54 -32.31
CA LYS C 91 8.27 -35.22 -31.31
C LYS C 91 6.97 -34.48 -31.04
N ASN C 92 5.95 -35.23 -30.62
CA ASN C 92 4.67 -34.68 -30.22
C ASN C 92 4.79 -34.25 -28.76
N VAL C 93 4.95 -32.95 -28.53
CA VAL C 93 5.31 -32.42 -27.20
C VAL C 93 4.14 -31.79 -26.45
N LEU C 94 3.79 -32.39 -25.31
CA LEU C 94 2.84 -31.81 -24.36
C LEU C 94 3.61 -30.96 -23.35
N GLN C 95 3.36 -29.65 -23.37
CA GLN C 95 3.82 -28.74 -22.32
C GLN C 95 2.59 -28.02 -21.76
N PRO C 96 2.02 -28.54 -20.66
CA PRO C 96 0.80 -27.96 -20.13
C PRO C 96 1.07 -26.81 -19.16
N ILE C 97 0.01 -26.06 -18.87
CA ILE C 97 0.04 -25.04 -17.82
C ILE C 97 -1.30 -25.04 -17.09
N GLY C 98 -1.27 -24.61 -15.83
CA GLY C 98 -2.47 -24.51 -15.00
C GLY C 98 -2.22 -23.70 -13.74
N TRP C 99 -3.13 -23.80 -12.76
CA TRP C 99 -3.09 -22.94 -11.57
C TRP C 99 -3.44 -23.72 -10.29
N ASP C 100 -2.47 -23.83 -9.38
CA ASP C 100 -2.67 -24.39 -8.04
C ASP C 100 -3.40 -23.32 -7.23
N ALA C 101 -4.71 -23.18 -7.45
CA ALA C 101 -5.46 -21.97 -7.12
C ALA C 101 -5.89 -21.82 -5.65
N PHE C 102 -6.09 -22.94 -4.95
CA PHE C 102 -6.43 -22.91 -3.52
C PHE C 102 -5.20 -22.54 -2.70
N GLY C 103 -5.42 -21.99 -1.51
CA GLY C 103 -4.31 -21.51 -0.69
C GLY C 103 -4.68 -20.66 0.49
N LEU C 104 -3.69 -20.49 1.37
CA LEU C 104 -3.77 -19.63 2.56
C LEU C 104 -3.52 -18.14 2.29
N PRO C 105 -2.68 -17.79 1.29
CA PRO C 105 -2.49 -16.36 0.99
C PRO C 105 -3.75 -15.60 0.59
N ALA C 106 -4.62 -16.25 -0.19
CA ALA C 106 -5.87 -15.66 -0.66
C ALA C 106 -6.85 -15.26 0.46
N GLU C 107 -6.81 -16.02 1.57
CA GLU C 107 -7.63 -15.73 2.75
C GLU C 107 -7.24 -14.39 3.38
N GLY C 108 -5.96 -14.25 3.69
CA GLY C 108 -5.41 -13.03 4.30
C GLY C 108 -5.58 -11.80 3.42
N ALA C 109 -5.34 -11.96 2.12
CA ALA C 109 -5.55 -10.88 1.15
C ALA C 109 -7.02 -10.48 1.03
N ALA C 110 -7.92 -11.45 1.18
CA ALA C 110 -9.36 -11.19 1.22
C ALA C 110 -9.79 -10.45 2.50
N VAL C 111 -9.18 -10.83 3.63
CA VAL C 111 -9.52 -10.25 4.93
C VAL C 111 -8.85 -8.89 5.16
N LYS C 112 -7.55 -8.79 4.90
CA LYS C 112 -6.79 -7.52 5.07
C LYS C 112 -7.44 -6.39 4.29
N ASN C 113 -7.80 -6.69 3.03
CA ASN C 113 -8.49 -5.75 2.15
C ASN C 113 -9.99 -6.04 2.24
N ASN C 114 -10.73 -6.00 1.12
CA ASN C 114 -12.19 -6.10 1.16
C ASN C 114 -12.71 -6.94 -0.01
N THR C 115 -12.16 -8.14 -0.15
CA THR C 115 -12.51 -9.08 -1.22
C THR C 115 -12.84 -10.46 -0.64
N ALA C 116 -13.37 -11.34 -1.49
CA ALA C 116 -13.46 -12.77 -1.21
C ALA C 116 -12.25 -13.45 -1.85
N PRO C 117 -11.95 -14.70 -1.46
CA PRO C 117 -10.78 -15.39 -2.04
C PRO C 117 -10.93 -15.80 -3.51
N ALA C 118 -12.14 -16.18 -3.93
CA ALA C 118 -12.35 -16.59 -5.33
C ALA C 118 -12.05 -15.50 -6.37
N PRO C 119 -12.70 -14.31 -6.27
CA PRO C 119 -12.43 -13.27 -7.29
C PRO C 119 -10.98 -12.79 -7.29
N TRP C 120 -10.42 -12.58 -6.10
CA TRP C 120 -8.99 -12.26 -5.92
C TRP C 120 -8.11 -13.25 -6.67
N THR C 121 -8.40 -14.55 -6.50
CA THR C 121 -7.66 -15.63 -7.16
C THR C 121 -7.87 -15.60 -8.68
N TYR C 122 -9.13 -15.48 -9.11
CA TYR C 122 -9.43 -15.43 -10.55
C TYR C 122 -8.82 -14.23 -11.28
N ASP C 123 -8.76 -13.08 -10.62
CA ASP C 123 -8.05 -11.91 -11.18
C ASP C 123 -6.53 -12.15 -11.28
N ASN C 124 -5.96 -12.75 -10.24
CA ASN C 124 -4.54 -13.13 -10.26
C ASN C 124 -4.21 -14.09 -11.41
N ILE C 125 -5.10 -15.05 -11.68
CA ILE C 125 -4.93 -15.95 -12.84
C ILE C 125 -4.85 -15.16 -14.14
N ALA C 126 -5.79 -14.24 -14.34
CA ALA C 126 -5.84 -13.40 -15.55
C ALA C 126 -4.57 -12.59 -15.78
N TYR C 127 -4.13 -11.87 -14.75
CA TYR C 127 -2.92 -11.04 -14.85
C TYR C 127 -1.69 -11.89 -15.19
N MET C 128 -1.54 -13.03 -14.51
CA MET C 128 -0.38 -13.89 -14.69
C MET C 128 -0.40 -14.68 -15.99
N LYS C 129 -1.60 -15.08 -16.43
CA LYS C 129 -1.77 -15.70 -17.76
C LYS C 129 -1.25 -14.78 -18.85
N ASN C 130 -1.64 -13.52 -18.76
CA ASN C 130 -1.19 -12.50 -19.71
C ASN C 130 0.33 -12.31 -19.65
N GLN C 131 0.91 -12.30 -18.45
CA GLN C 131 2.38 -12.24 -18.30
C GLN C 131 3.08 -13.46 -18.91
N LEU C 132 2.49 -14.65 -18.74
CA LEU C 132 3.04 -15.89 -19.33
C LEU C 132 2.95 -15.89 -20.85
N LYS C 133 1.82 -15.43 -21.38
CA LYS C 133 1.63 -15.29 -22.82
C LYS C 133 2.63 -14.31 -23.46
N MET C 134 2.86 -13.19 -22.80
CA MET C 134 3.81 -12.19 -23.30
C MET C 134 5.28 -12.64 -23.26
N LEU C 135 5.61 -13.61 -22.41
CA LEU C 135 6.95 -14.22 -22.41
C LEU C 135 7.13 -15.25 -23.53
N GLY C 136 6.03 -15.66 -24.17
CA GLY C 136 6.09 -16.49 -25.36
C GLY C 136 6.39 -17.95 -25.10
N PHE C 137 5.89 -18.48 -24.00
CA PHE C 137 6.05 -19.90 -23.68
C PHE C 137 5.03 -20.69 -24.49
N GLY C 138 5.46 -21.78 -25.10
CA GLY C 138 4.62 -22.56 -26.02
C GLY C 138 3.81 -23.62 -25.30
N TYR C 139 2.74 -23.19 -24.64
CA TYR C 139 1.87 -24.11 -23.91
C TYR C 139 0.66 -24.53 -24.76
N ASP C 140 0.14 -25.72 -24.45
CA ASP C 140 -1.15 -26.17 -24.94
C ASP C 140 -2.21 -25.57 -24.01
N TRP C 141 -2.66 -24.38 -24.36
CA TRP C 141 -3.68 -23.66 -23.57
C TRP C 141 -5.07 -24.32 -23.59
N SER C 142 -5.32 -25.24 -24.53
CA SER C 142 -6.58 -26.03 -24.49
C SER C 142 -6.67 -26.95 -23.27
N ARG C 143 -5.52 -27.29 -22.69
CA ARG C 143 -5.44 -28.14 -21.49
C ARG C 143 -5.30 -27.37 -20.18
N GLU C 144 -5.55 -26.06 -20.19
CA GLU C 144 -5.44 -25.22 -18.98
C GLU C 144 -6.43 -25.68 -17.88
N LEU C 145 -5.98 -25.64 -16.63
CA LEU C 145 -6.76 -26.05 -15.47
C LEU C 145 -6.60 -25.08 -14.33
N ALA C 146 -7.70 -24.86 -13.61
CA ALA C 146 -7.66 -24.18 -12.32
C ALA C 146 -8.08 -25.22 -11.32
N THR C 147 -7.26 -25.43 -10.28
CA THR C 147 -7.52 -26.48 -9.29
C THR C 147 -8.68 -26.14 -8.34
N CYS C 148 -9.09 -24.87 -8.30
CA CYS C 148 -10.21 -24.42 -7.48
C CYS C 148 -11.58 -24.50 -8.16
N THR C 149 -11.62 -25.01 -9.38
CA THR C 149 -12.90 -25.23 -10.08
C THR C 149 -13.46 -26.63 -9.74
N PRO C 150 -14.79 -26.75 -9.57
CA PRO C 150 -15.39 -28.08 -9.30
C PRO C 150 -15.18 -29.13 -10.39
N GLU C 151 -14.87 -28.72 -11.62
CA GLU C 151 -14.55 -29.67 -12.71
C GLU C 151 -13.26 -30.44 -12.43
N TYR C 152 -12.35 -29.83 -11.66
CA TYR C 152 -11.11 -30.48 -11.23
C TYR C 152 -11.32 -31.29 -9.95
N TYR C 153 -11.68 -30.60 -8.87
CA TYR C 153 -11.67 -31.22 -7.52
C TYR C 153 -12.77 -32.22 -7.23
N ARG C 154 -13.77 -32.33 -8.10
CA ARG C 154 -14.74 -33.43 -8.01
C ARG C 154 -14.11 -34.82 -8.05
N TRP C 155 -13.00 -34.96 -8.79
CA TRP C 155 -12.38 -36.26 -9.01
C TRP C 155 -11.45 -36.68 -7.87
N GLU C 156 -10.87 -35.72 -7.15
CA GLU C 156 -10.11 -36.03 -5.92
C GLU C 156 -11.02 -36.37 -4.74
N GLN C 157 -12.21 -35.77 -4.70
CA GLN C 157 -13.20 -36.10 -3.68
C GLN C 157 -13.67 -37.55 -3.84
N LYS C 158 -13.95 -37.95 -5.08
CA LYS C 158 -14.35 -39.35 -5.38
C LYS C 158 -13.21 -40.32 -5.08
N PHE C 159 -11.97 -39.88 -5.29
CA PHE C 159 -10.77 -40.65 -4.94
C PHE C 159 -10.67 -40.88 -3.43
N PHE C 160 -10.95 -39.83 -2.66
CA PHE C 160 -10.91 -39.89 -1.20
C PHE C 160 -11.94 -40.87 -0.62
N THR C 161 -13.13 -40.93 -1.23
CA THR C 161 -14.16 -41.88 -0.80
C THR C 161 -13.76 -43.32 -1.14
N GLU C 162 -13.22 -43.51 -2.35
CA GLU C 162 -12.58 -44.78 -2.74
C GLU C 162 -11.46 -45.19 -1.78
N LEU C 163 -10.62 -44.23 -1.37
CA LEU C 163 -9.53 -44.51 -0.42
C LEU C 163 -10.01 -44.84 0.99
N TYR C 164 -11.13 -44.25 1.42
CA TYR C 164 -11.73 -44.59 2.71
C TYR C 164 -12.29 -46.01 2.70
N LYS C 165 -12.98 -46.37 1.62
CA LYS C 165 -13.51 -47.73 1.43
C LYS C 165 -12.45 -48.84 1.32
N LYS C 166 -11.22 -48.51 0.91
CA LYS C 166 -10.10 -49.47 0.87
C LYS C 166 -9.24 -49.46 2.14
N GLY C 167 -9.64 -48.70 3.16
CA GLY C 167 -8.89 -48.66 4.42
C GLY C 167 -7.59 -47.88 4.40
N LEU C 168 -7.43 -46.98 3.43
CA LEU C 168 -6.24 -46.12 3.32
C LEU C 168 -6.43 -44.74 3.97
N VAL C 169 -7.59 -44.48 4.58
CA VAL C 169 -7.88 -43.24 5.29
C VAL C 169 -8.43 -43.54 6.69
N TYR C 170 -8.00 -42.75 7.67
CA TYR C 170 -8.43 -42.91 9.06
C TYR C 170 -8.39 -41.56 9.81
N LYS C 171 -9.26 -41.42 10.79
CA LYS C 171 -9.31 -40.23 11.64
C LYS C 171 -8.51 -40.48 12.91
N LYS C 172 -7.63 -39.55 13.27
CA LYS C 172 -6.95 -39.59 14.55
C LYS C 172 -6.74 -38.19 15.10
N THR C 173 -6.55 -38.12 16.41
CA THR C 173 -6.33 -36.86 17.11
C THR C 173 -4.89 -36.38 16.87
N SER C 174 -4.73 -35.10 16.55
CA SER C 174 -3.45 -34.55 16.08
C SER C 174 -3.20 -33.11 16.54
N ALA C 175 -1.91 -32.76 16.63
CA ALA C 175 -1.47 -31.46 17.16
C ALA C 175 -1.72 -30.33 16.18
N VAL C 176 -1.96 -29.13 16.71
CA VAL C 176 -2.31 -27.95 15.91
C VAL C 176 -1.93 -26.68 16.69
N ASN C 177 -1.46 -25.66 15.98
CA ASN C 177 -1.25 -24.33 16.55
C ASN C 177 -2.62 -23.66 16.71
N TRP C 178 -3.03 -23.44 17.97
CA TRP C 178 -4.35 -22.89 18.28
C TRP C 178 -4.20 -21.55 19.00
N CYS C 179 -5.18 -20.67 18.77
CA CYS C 179 -5.26 -19.36 19.43
C CYS C 179 -6.49 -19.35 20.35
N PRO C 180 -6.28 -19.10 21.67
CA PRO C 180 -7.41 -19.09 22.61
C PRO C 180 -8.31 -17.86 22.48
N ASN C 181 -7.73 -16.72 22.13
CA ASN C 181 -8.46 -15.46 21.95
C ASN C 181 -9.46 -15.57 20.77
N ASP C 182 -8.96 -15.96 19.60
CA ASP C 182 -9.79 -16.09 18.39
C ASP C 182 -10.52 -17.42 18.24
N GLN C 183 -10.08 -18.46 18.96
CA GLN C 183 -10.60 -19.84 18.85
C GLN C 183 -10.31 -20.46 17.47
N THR C 184 -9.17 -20.09 16.88
CA THR C 184 -8.86 -20.39 15.46
C THR C 184 -7.49 -21.04 15.28
N VAL C 185 -7.39 -21.92 14.28
CA VAL C 185 -6.14 -22.61 13.96
C VAL C 185 -5.24 -21.71 13.12
N LEU C 186 -3.95 -21.66 13.48
CA LEU C 186 -2.94 -20.92 12.73
C LEU C 186 -1.99 -21.89 12.04
N ALA C 187 -1.37 -21.43 10.95
CA ALA C 187 -0.32 -22.18 10.25
C ALA C 187 1.03 -21.82 10.86
N ASN C 188 2.06 -22.61 10.53
CA ASN C 188 3.42 -22.38 11.04
C ASN C 188 3.97 -20.99 10.66
N GLU C 189 3.67 -20.54 9.43
CA GLU C 189 4.14 -19.24 8.95
C GLU C 189 3.46 -18.04 9.62
N GLN C 190 2.25 -18.24 10.14
CA GLN C 190 1.48 -17.18 10.81
C GLN C 190 1.85 -16.96 12.29
N VAL C 191 2.69 -17.81 12.86
CA VAL C 191 3.17 -17.66 14.23
C VAL C 191 4.51 -16.88 14.20
N ILE C 192 4.44 -15.56 14.42
CA ILE C 192 5.62 -14.68 14.36
C ILE C 192 6.38 -14.67 15.70
N ASP C 193 7.58 -15.29 15.70
CA ASP C 193 8.46 -15.37 16.88
C ASP C 193 7.83 -16.06 18.11
N GLY C 194 6.96 -17.04 17.88
CA GLY C 194 6.23 -17.73 18.95
C GLY C 194 4.86 -17.15 19.24
N CYS C 195 4.77 -15.82 19.32
CA CYS C 195 3.51 -15.10 19.53
C CYS C 195 2.69 -15.02 18.24
N CYS C 196 1.40 -14.73 18.39
CA CYS C 196 0.47 -14.62 17.25
C CYS C 196 0.70 -13.32 16.47
N TRP C 197 0.50 -13.39 15.15
CA TRP C 197 0.75 -12.24 14.25
C TRP C 197 -0.12 -10.97 14.45
N ARG C 198 -1.42 -11.15 14.70
CA ARG C 198 -2.36 -10.02 14.85
C ARG C 198 -2.45 -9.54 16.29
N CYS C 199 -2.85 -10.45 17.19
CA CYS C 199 -3.03 -10.17 18.63
C CYS C 199 -1.90 -10.73 19.47
N ASP C 200 -1.74 -10.21 20.68
CA ASP C 200 -0.67 -10.62 21.60
C ASP C 200 -1.21 -11.53 22.72
N THR C 201 -1.26 -12.83 22.41
CA THR C 201 -1.55 -13.89 23.38
C THR C 201 -0.68 -15.12 23.06
N LYS C 202 -0.67 -16.10 23.97
CA LYS C 202 0.12 -17.32 23.79
C LYS C 202 -0.50 -18.27 22.77
N VAL C 203 0.29 -18.63 21.75
CA VAL C 203 -0.10 -19.69 20.81
C VAL C 203 0.07 -21.01 21.57
N GLU C 204 -0.99 -21.81 21.59
CA GLU C 204 -1.00 -23.08 22.33
C GLU C 204 -1.09 -24.29 21.40
N ARG C 205 -0.83 -25.47 21.98
CA ARG C 205 -1.00 -26.75 21.30
C ARG C 205 -2.41 -27.25 21.63
N LYS C 206 -3.18 -27.63 20.61
CA LYS C 206 -4.50 -28.26 20.82
C LYS C 206 -4.69 -29.51 19.98
N GLU C 207 -5.41 -30.46 20.57
CA GLU C 207 -5.71 -31.75 19.97
C GLU C 207 -7.00 -31.66 19.15
N ILE C 208 -6.95 -32.03 17.87
CA ILE C 208 -8.13 -32.02 16.98
C ILE C 208 -8.20 -33.33 16.18
N PRO C 209 -9.41 -33.96 16.07
CA PRO C 209 -9.56 -35.16 15.23
C PRO C 209 -9.58 -34.83 13.72
N GLN C 210 -8.45 -35.06 13.07
CA GLN C 210 -8.25 -34.73 11.67
C GLN C 210 -8.19 -36.00 10.84
N TRP C 211 -8.39 -35.84 9.53
CA TRP C 211 -8.29 -36.94 8.57
C TRP C 211 -6.85 -37.15 8.09
N PHE C 212 -6.42 -38.42 8.05
CA PHE C 212 -5.08 -38.80 7.66
C PHE C 212 -5.12 -39.83 6.56
N ILE C 213 -4.36 -39.61 5.48
CA ILE C 213 -4.15 -40.64 4.46
C ILE C 213 -2.92 -41.47 4.85
N LYS C 214 -3.04 -42.79 4.66
CA LYS C 214 -2.05 -43.74 5.14
C LYS C 214 -0.90 -43.93 4.13
N ILE C 215 -0.06 -42.89 4.00
CA ILE C 215 1.12 -42.91 3.13
C ILE C 215 2.20 -43.92 3.59
N THR C 216 2.26 -44.21 4.89
CA THR C 216 3.21 -45.19 5.45
C THR C 216 3.00 -46.63 4.95
N ALA C 217 1.80 -46.92 4.45
CA ALA C 217 1.53 -48.15 3.71
C ALA C 217 2.40 -48.38 2.46
N TYR C 218 2.99 -47.31 1.92
CA TYR C 218 3.87 -47.40 0.75
C TYR C 218 5.31 -46.95 1.04
N ALA C 219 5.65 -46.75 2.31
CA ALA C 219 6.95 -46.21 2.71
C ALA C 219 8.14 -47.03 2.19
N ASP C 220 8.00 -48.36 2.18
CA ASP C 220 9.07 -49.25 1.70
C ASP C 220 9.27 -49.09 0.19
N GLU C 221 8.16 -49.10 -0.55
CA GLU C 221 8.20 -48.91 -2.01
C GLU C 221 8.70 -47.52 -2.40
N LEU C 222 8.23 -46.50 -1.69
CA LEU C 222 8.73 -45.13 -1.86
C LEU C 222 10.23 -45.00 -1.59
N LEU C 223 10.72 -45.71 -0.58
CA LEU C 223 12.14 -45.68 -0.26
C LEU C 223 13.00 -46.37 -1.32
N ASN C 224 12.63 -47.60 -1.67
CA ASN C 224 13.48 -48.46 -2.52
C ASN C 224 13.46 -48.08 -4.00
N ASP C 225 12.39 -47.44 -4.47
CA ASP C 225 12.29 -47.02 -5.88
C ASP C 225 13.22 -45.86 -6.25
N LEU C 226 13.72 -45.14 -5.24
CA LEU C 226 14.79 -44.13 -5.45
C LEU C 226 16.08 -44.73 -6.06
N ASP C 227 16.32 -46.02 -5.79
CA ASP C 227 17.49 -46.72 -6.35
C ASP C 227 17.32 -46.98 -7.85
N LYS C 228 16.06 -47.13 -8.30
CA LYS C 228 15.75 -47.25 -9.73
C LYS C 228 15.87 -45.92 -10.51
N LEU C 229 15.58 -44.79 -9.85
CA LEU C 229 15.56 -43.47 -10.49
C LEU C 229 16.96 -42.89 -10.70
N ASP C 230 17.57 -43.22 -11.84
CA ASP C 230 18.96 -42.79 -12.16
C ASP C 230 19.04 -41.41 -12.82
N HIS C 231 17.91 -40.91 -13.35
CA HIS C 231 17.83 -39.53 -13.87
C HIS C 231 17.19 -38.53 -12.87
N TRP C 232 17.03 -38.94 -11.61
CA TRP C 232 16.73 -38.02 -10.51
C TRP C 232 18.07 -37.68 -9.87
N PRO C 233 18.29 -36.41 -9.47
CA PRO C 233 19.58 -36.02 -8.90
C PRO C 233 19.79 -36.58 -7.49
N ASP C 234 21.05 -36.82 -7.12
CA ASP C 234 21.39 -37.46 -5.82
C ASP C 234 20.99 -36.64 -4.58
N THR C 235 20.90 -35.33 -4.73
CA THR C 235 20.49 -34.45 -3.63
C THR C 235 19.04 -34.74 -3.19
N VAL C 236 18.14 -34.84 -4.17
CA VAL C 236 16.72 -35.11 -3.91
C VAL C 236 16.55 -36.54 -3.37
N LYS C 237 17.38 -37.47 -3.83
CA LYS C 237 17.27 -38.87 -3.41
C LYS C 237 17.71 -39.11 -1.95
N THR C 238 18.81 -38.48 -1.56
CA THR C 238 19.27 -38.54 -0.17
C THR C 238 18.26 -37.91 0.79
N MET C 239 17.85 -36.68 0.48
CA MET C 239 16.87 -35.93 1.29
C MET C 239 15.58 -36.71 1.51
N GLN C 240 15.10 -37.38 0.46
CA GLN C 240 13.91 -38.23 0.58
C GLN C 240 14.16 -39.48 1.43
N ARG C 241 15.33 -40.10 1.29
CA ARG C 241 15.69 -41.26 2.13
C ARG C 241 15.69 -40.90 3.61
N ASN C 242 16.41 -39.82 3.95
CA ASN C 242 16.50 -39.35 5.34
C ASN C 242 15.13 -38.93 5.89
N TRP C 243 14.28 -38.37 5.03
CA TRP C 243 12.91 -38.01 5.40
C TRP C 243 12.10 -39.25 5.78
N ILE C 244 12.13 -40.25 4.90
CA ILE C 244 11.41 -41.52 5.13
C ILE C 244 12.02 -42.26 6.32
N GLY C 245 13.36 -42.22 6.40
CA GLY C 245 14.11 -42.60 7.60
C GLY C 245 13.77 -43.97 8.18
N ARG C 246 13.83 -44.99 7.34
CA ARG C 246 13.59 -46.38 7.77
C ARG C 246 14.60 -46.78 8.85
N SER C 247 14.12 -47.45 9.88
CA SER C 247 14.97 -47.97 10.97
C SER C 247 14.58 -49.41 11.31
N GLU C 248 15.54 -50.14 11.88
CA GLU C 248 15.29 -51.47 12.45
C GLU C 248 15.64 -51.44 13.93
N GLY C 249 14.76 -52.01 14.75
CA GLY C 249 14.91 -51.98 16.20
C GLY C 249 14.01 -52.97 16.91
N VAL C 250 14.07 -52.98 18.23
CA VAL C 250 13.33 -53.91 19.07
C VAL C 250 12.22 -53.14 19.80
N GLU C 251 11.05 -53.76 19.93
CA GLU C 251 9.96 -53.19 20.73
C GLU C 251 9.89 -53.94 22.07
N ILE C 252 10.50 -53.36 23.10
CA ILE C 252 10.67 -53.99 24.40
C ILE C 252 9.49 -53.70 25.30
N THR C 253 8.79 -54.76 25.74
CA THR C 253 7.62 -54.63 26.63
C THR C 253 8.04 -54.77 28.10
N PHE C 254 7.67 -53.79 28.92
CA PHE C 254 8.05 -53.72 30.35
C PHE C 254 6.88 -54.06 31.29
N ASN C 255 7.14 -54.95 32.24
CA ASN C 255 6.21 -55.19 33.37
C ASN C 255 6.43 -54.12 34.44
N VAL C 256 5.32 -53.60 35.00
CA VAL C 256 5.35 -52.52 35.98
C VAL C 256 4.77 -53.01 37.32
N ASN C 257 5.39 -52.60 38.43
CA ASN C 257 4.87 -52.87 39.77
C ASN C 257 3.75 -51.89 40.08
N ASP C 258 2.68 -52.38 40.73
CA ASP C 258 1.51 -51.58 41.12
C ASP C 258 0.52 -51.41 39.95
N TYR C 259 0.99 -50.85 38.85
CA TYR C 259 0.20 -50.69 37.61
C TYR C 259 -0.08 -52.06 36.98
N ASP C 260 -1.30 -52.23 36.47
CA ASP C 260 -1.77 -53.53 35.95
C ASP C 260 -1.10 -53.90 34.62
N ASN C 261 -1.22 -53.00 33.65
CA ASN C 261 -0.79 -53.27 32.27
C ASN C 261 0.70 -53.01 32.04
N THR C 262 1.17 -53.33 30.83
CA THR C 262 2.59 -53.18 30.46
C THR C 262 2.86 -51.88 29.68
N LEU C 263 4.13 -51.48 29.64
CA LEU C 263 4.60 -50.30 28.89
C LEU C 263 5.60 -50.75 27.81
N THR C 264 5.18 -50.71 26.56
CA THR C 264 6.06 -51.08 25.44
C THR C 264 6.75 -49.83 24.89
N VAL C 265 8.05 -49.96 24.60
CA VAL C 265 8.86 -48.87 24.03
C VAL C 265 9.61 -49.36 22.79
N TYR C 266 9.92 -48.43 21.89
CA TYR C 266 10.74 -48.69 20.69
C TYR C 266 12.12 -48.04 20.81
N THR C 267 13.14 -48.79 20.38
CA THR C 267 14.53 -48.32 20.41
C THR C 267 15.29 -48.92 19.22
N THR C 268 16.10 -48.09 18.56
CA THR C 268 16.99 -48.54 17.48
C THR C 268 18.36 -48.98 18.00
N ARG C 269 18.61 -48.79 19.31
CA ARG C 269 19.86 -49.19 19.95
C ARG C 269 19.61 -50.18 21.10
N PRO C 270 19.30 -51.46 20.75
CA PRO C 270 19.20 -52.49 21.77
C PRO C 270 20.56 -52.90 22.36
N ASP C 271 21.66 -52.66 21.64
CA ASP C 271 23.02 -52.85 22.20
C ASP C 271 23.25 -52.07 23.50
N ALA C 272 22.72 -50.85 23.59
CA ALA C 272 22.88 -49.98 24.76
C ALA C 272 21.85 -50.21 25.86
N PHE C 273 21.15 -51.35 25.82
CA PHE C 273 20.01 -51.60 26.72
C PHE C 273 20.39 -51.72 28.20
N MET C 274 21.62 -52.12 28.49
CA MET C 274 22.08 -52.28 29.88
C MET C 274 22.43 -50.95 30.57
N GLY C 275 22.51 -49.85 29.80
CA GLY C 275 22.67 -48.49 30.36
C GLY C 275 21.36 -47.73 30.57
N CYS C 276 20.23 -48.43 30.44
CA CYS C 276 18.91 -47.83 30.63
C CYS C 276 18.61 -47.62 32.11
N THR C 277 18.58 -46.35 32.52
CA THR C 277 18.35 -45.96 33.92
C THR C 277 16.93 -45.46 34.22
N TYR C 278 16.16 -45.10 33.19
CA TYR C 278 14.74 -44.73 33.34
C TYR C 278 13.93 -44.87 32.04
N LEU C 279 12.60 -44.77 32.17
CA LEU C 279 11.66 -44.82 31.05
C LEU C 279 10.84 -43.52 31.00
N ALA C 280 11.05 -42.72 29.95
CA ALA C 280 10.24 -41.53 29.71
C ALA C 280 8.91 -41.91 29.06
N VAL C 281 7.81 -41.41 29.63
CA VAL C 281 6.47 -41.69 29.14
C VAL C 281 5.81 -40.37 28.72
N ALA C 282 4.80 -40.44 27.85
CA ALA C 282 4.12 -39.26 27.33
C ALA C 282 3.20 -38.63 28.37
N ALA C 283 2.93 -37.33 28.22
CA ALA C 283 1.98 -36.61 29.07
C ALA C 283 0.57 -37.17 28.95
N GLY C 284 0.17 -37.53 27.73
CA GLY C 284 -1.12 -38.18 27.47
C GLY C 284 -1.04 -39.70 27.36
N HIS C 285 -0.35 -40.33 28.30
CA HIS C 285 -0.16 -41.78 28.37
C HIS C 285 -1.08 -42.34 29.45
N PRO C 286 -1.64 -43.57 29.25
CA PRO C 286 -2.50 -44.20 30.27
C PRO C 286 -1.94 -44.22 31.71
N LEU C 287 -0.65 -44.52 31.85
CA LEU C 287 0.04 -44.48 33.16
C LEU C 287 0.19 -43.06 33.73
N ALA C 288 0.44 -42.08 32.87
CA ALA C 288 0.50 -40.67 33.29
C ALA C 288 -0.87 -40.13 33.72
N GLN C 289 -1.94 -40.65 33.11
CA GLN C 289 -3.33 -40.27 33.44
C GLN C 289 -3.81 -40.98 34.71
N LYS C 290 -3.41 -42.25 34.88
CA LYS C 290 -3.70 -43.03 36.09
C LYS C 290 -3.00 -42.46 37.33
N ALA C 291 -1.77 -41.98 37.15
CA ALA C 291 -0.97 -41.38 38.23
C ALA C 291 -1.36 -39.94 38.57
N ALA C 292 -2.06 -39.26 37.66
CA ALA C 292 -2.45 -37.86 37.86
C ALA C 292 -3.49 -37.63 38.96
N GLU C 293 -4.28 -38.66 39.31
CA GLU C 293 -5.28 -38.54 40.39
C GLU C 293 -4.63 -38.25 41.74
N ASN C 294 -3.72 -39.15 42.14
CA ASN C 294 -3.00 -39.00 43.41
C ASN C 294 -1.89 -37.93 43.40
N ASN C 295 -1.41 -37.51 42.22
CA ASN C 295 -0.34 -36.50 42.10
C ASN C 295 -0.86 -35.17 41.51
N PRO C 296 -0.92 -34.10 42.35
CA PRO C 296 -1.37 -32.79 41.84
C PRO C 296 -0.31 -32.04 41.01
N GLU C 297 0.97 -32.31 41.26
CA GLU C 297 2.07 -31.75 40.46
C GLU C 297 2.14 -32.36 39.04
N LEU C 298 1.68 -33.61 38.90
CA LEU C 298 1.61 -34.30 37.61
C LEU C 298 0.43 -33.82 36.77
N ALA C 299 -0.74 -33.70 37.39
CA ALA C 299 -1.94 -33.18 36.72
C ALA C 299 -1.77 -31.73 36.26
N ALA C 300 -1.03 -30.94 37.05
CA ALA C 300 -0.65 -29.57 36.67
C ALA C 300 0.32 -29.54 35.49
N PHE C 301 1.26 -30.48 35.47
CA PHE C 301 2.22 -30.61 34.37
C PHE C 301 1.56 -31.02 33.04
N ILE C 302 0.60 -31.94 33.08
CA ILE C 302 -0.08 -32.42 31.86
C ILE C 302 -0.91 -31.32 31.17
N ASP C 303 -1.45 -30.39 31.96
CA ASP C 303 -2.08 -29.18 31.44
C ASP C 303 -1.04 -28.23 30.80
N GLU C 304 0.13 -28.12 31.44
CA GLU C 304 1.26 -27.32 30.94
C GLU C 304 1.82 -27.81 29.59
N CYS C 305 1.69 -29.11 29.32
CA CYS C 305 2.08 -29.70 28.02
C CYS C 305 1.26 -29.19 26.81
N ARG C 306 0.11 -28.57 27.06
CA ARG C 306 -0.62 -27.81 26.02
C ARG C 306 -0.16 -26.34 25.97
N ASN C 307 1.16 -26.13 26.07
CA ASN C 307 1.81 -24.86 25.76
C ASN C 307 3.22 -25.12 25.18
N THR C 308 3.30 -26.14 24.32
CA THR C 308 4.55 -26.56 23.65
C THR C 308 4.40 -26.41 22.14
N LYS C 309 5.51 -26.12 21.46
CA LYS C 309 5.51 -25.88 20.00
C LYS C 309 5.23 -27.16 19.21
N VAL C 310 4.50 -27.00 18.10
CA VAL C 310 4.10 -28.13 17.24
C VAL C 310 5.21 -28.52 16.25
N ALA C 311 5.83 -27.52 15.62
CA ALA C 311 6.83 -27.75 14.56
C ALA C 311 8.12 -28.39 15.08
N GLU C 312 8.69 -29.28 14.26
CA GLU C 312 9.85 -30.11 14.65
C GLU C 312 11.10 -29.32 15.02
N ALA C 313 11.34 -28.20 14.31
CA ALA C 313 12.48 -27.33 14.58
C ALA C 313 12.43 -26.73 16.00
N GLU C 314 11.27 -26.20 16.38
CA GLU C 314 11.04 -25.67 17.73
C GLU C 314 10.85 -26.77 18.78
N MET C 315 10.19 -27.86 18.40
CA MET C 315 9.94 -28.99 19.30
C MET C 315 11.23 -29.73 19.71
N ALA C 316 12.29 -29.61 18.90
CA ALA C 316 13.59 -30.19 19.21
C ALA C 316 14.42 -29.31 20.14
N THR C 317 14.64 -28.05 19.76
CA THR C 317 15.53 -27.13 20.52
C THR C 317 14.98 -26.69 21.90
N MET C 318 13.65 -26.73 22.05
CA MET C 318 12.98 -26.32 23.31
C MET C 318 13.42 -27.07 24.57
N GLU C 319 13.08 -26.49 25.72
CA GLU C 319 13.49 -27.00 27.03
C GLU C 319 12.73 -28.28 27.38
N LYS C 320 13.45 -29.23 27.99
CA LYS C 320 12.89 -30.52 28.37
C LYS C 320 12.48 -30.47 29.85
N LYS C 321 11.23 -30.84 30.12
CA LYS C 321 10.67 -30.79 31.48
C LYS C 321 10.07 -32.14 31.87
N GLY C 322 9.99 -32.39 33.18
CA GLY C 322 9.42 -33.65 33.67
C GLY C 322 9.13 -33.73 35.16
N VAL C 323 8.25 -34.68 35.50
CA VAL C 323 7.83 -34.98 36.87
C VAL C 323 7.86 -36.49 37.07
N ASP C 324 8.36 -36.94 38.23
CA ASP C 324 8.42 -38.37 38.56
C ASP C 324 7.01 -38.89 38.84
N THR C 325 6.58 -39.91 38.10
CA THR C 325 5.23 -40.49 38.26
C THR C 325 5.05 -41.28 39.57
N GLY C 326 6.14 -41.81 40.10
CA GLY C 326 6.10 -42.63 41.32
C GLY C 326 6.18 -44.12 41.01
N PHE C 327 5.56 -44.52 39.90
CA PHE C 327 5.60 -45.91 39.43
C PHE C 327 7.02 -46.30 39.03
N LYS C 328 7.29 -47.60 39.13
CA LYS C 328 8.62 -48.16 38.87
C LYS C 328 8.45 -49.41 38.00
N ALA C 329 9.15 -49.43 36.86
CA ALA C 329 9.11 -50.56 35.92
C ALA C 329 10.29 -51.50 36.14
N VAL C 330 10.03 -52.80 35.94
CA VAL C 330 11.04 -53.84 36.13
C VAL C 330 11.83 -54.02 34.83
N HIS C 331 13.14 -53.85 34.93
CA HIS C 331 14.05 -54.08 33.80
C HIS C 331 14.17 -55.60 33.57
N PRO C 332 13.90 -56.08 32.33
CA PRO C 332 13.83 -57.54 32.12
C PRO C 332 15.14 -58.32 32.28
N LEU C 333 16.27 -57.74 31.84
CA LEU C 333 17.58 -58.39 31.98
C LEU C 333 18.21 -58.17 33.34
N THR C 334 18.28 -56.91 33.78
CA THR C 334 18.91 -56.54 35.06
C THR C 334 18.06 -56.95 36.27
N GLY C 335 16.73 -56.81 36.16
CA GLY C 335 15.81 -57.14 37.25
C GLY C 335 15.47 -55.96 38.14
N GLU C 336 16.41 -55.04 38.33
CA GLU C 336 16.23 -53.87 39.21
C GLU C 336 15.13 -52.92 38.73
N GLU C 337 14.49 -52.25 39.69
CA GLU C 337 13.43 -51.28 39.41
C GLU C 337 14.03 -49.93 38.97
N ILE C 338 13.36 -49.29 38.01
CA ILE C 338 13.83 -48.02 37.43
C ILE C 338 12.68 -47.00 37.36
N PRO C 339 12.96 -45.71 37.65
CA PRO C 339 11.91 -44.68 37.72
C PRO C 339 11.22 -44.40 36.39
N VAL C 340 9.91 -44.14 36.43
CA VAL C 340 9.15 -43.74 35.23
C VAL C 340 8.85 -42.24 35.36
N TRP C 341 9.27 -41.48 34.34
CA TRP C 341 9.09 -40.01 34.32
C TRP C 341 8.19 -39.60 33.15
N ALA C 342 7.37 -38.57 33.37
CA ALA C 342 6.59 -37.95 32.31
C ALA C 342 7.46 -36.89 31.62
N ALA C 343 7.48 -36.91 30.29
CA ALA C 343 8.29 -35.98 29.50
C ALA C 343 7.42 -35.29 28.45
N ASN C 344 7.70 -34.01 28.19
CA ASN C 344 6.97 -33.23 27.19
C ASN C 344 7.30 -33.64 25.74
N PHE C 345 8.59 -33.85 25.46
CA PHE C 345 9.05 -34.24 24.11
C PHE C 345 8.54 -35.62 23.66
N VAL C 346 8.32 -36.53 24.62
CA VAL C 346 7.73 -37.83 24.34
C VAL C 346 6.24 -37.61 24.07
N LEU C 347 5.77 -38.04 22.90
CA LEU C 347 4.39 -37.79 22.45
C LEU C 347 3.67 -39.09 22.08
N MET C 348 2.37 -39.13 22.33
CA MET C 348 1.54 -40.31 22.06
C MET C 348 1.26 -40.47 20.55
N GLU C 349 0.99 -39.36 19.86
CA GLU C 349 0.73 -39.39 18.41
C GLU C 349 1.91 -39.97 17.60
N TYR C 350 3.13 -39.70 18.07
CA TYR C 350 4.36 -40.20 17.44
C TYR C 350 4.89 -41.41 18.20
N GLY C 351 4.63 -42.61 17.67
CA GLY C 351 5.09 -43.87 18.30
C GLY C 351 4.09 -44.43 19.31
N THR C 352 4.60 -45.17 20.30
CA THR C 352 3.76 -45.80 21.34
C THR C 352 3.52 -44.93 22.58
N GLY C 353 4.02 -43.68 22.58
CA GLY C 353 3.86 -42.78 23.73
C GLY C 353 4.78 -43.08 24.90
N ALA C 354 5.81 -43.90 24.67
CA ALA C 354 6.74 -44.30 25.71
C ALA C 354 8.04 -44.73 25.05
N VAL C 355 9.16 -44.17 25.54
CA VAL C 355 10.50 -44.48 25.02
C VAL C 355 11.43 -44.79 26.20
N MET C 356 12.45 -45.62 25.97
CA MET C 356 13.47 -45.86 26.98
C MET C 356 14.64 -44.90 26.81
N ALA C 357 15.24 -44.51 27.93
CA ALA C 357 16.29 -43.50 27.95
C ALA C 357 17.61 -44.15 28.35
N VAL C 358 18.64 -43.89 27.55
CA VAL C 358 20.01 -44.33 27.83
C VAL C 358 20.89 -43.07 27.88
N PRO C 359 20.87 -42.35 29.02
CA PRO C 359 21.57 -41.05 29.15
C PRO C 359 22.99 -41.01 28.60
N GLY C 360 23.77 -42.06 28.87
CA GLY C 360 25.16 -42.14 28.44
C GLY C 360 25.41 -42.08 26.94
N HIS C 361 24.41 -42.45 26.13
CA HIS C 361 24.57 -42.52 24.66
C HIS C 361 23.38 -41.96 23.89
N ASP C 362 22.83 -40.86 24.41
CA ASP C 362 21.71 -40.16 23.77
C ASP C 362 21.69 -38.77 24.41
N GLN C 363 21.86 -37.73 23.59
CA GLN C 363 22.03 -36.38 24.09
C GLN C 363 20.72 -35.74 24.60
N ARG C 364 19.59 -36.16 24.03
CA ARG C 364 18.26 -35.83 24.58
C ARG C 364 18.05 -36.46 25.97
N ASP C 365 18.51 -37.71 26.12
CA ASP C 365 18.40 -38.42 27.40
C ASP C 365 19.44 -37.93 28.41
N TYR C 366 20.61 -37.51 27.92
CA TYR C 366 21.69 -36.94 28.74
C TYR C 366 21.25 -35.66 29.46
N GLU C 367 20.74 -34.71 28.68
CA GLU C 367 20.33 -33.39 29.20
C GLU C 367 19.14 -33.49 30.18
N PHE C 368 18.23 -34.42 29.92
CA PHE C 368 17.10 -34.71 30.81
C PHE C 368 17.58 -35.29 32.15
N ALA C 369 18.47 -36.29 32.07
CA ALA C 369 19.07 -36.89 33.27
C ALA C 369 20.06 -35.96 34.00
N SER C 370 20.68 -35.02 33.25
CA SER C 370 21.58 -34.02 33.84
C SER C 370 20.86 -33.06 34.78
N LYS C 371 19.75 -32.50 34.30
CA LYS C 371 18.98 -31.49 35.05
C LYS C 371 18.09 -32.06 36.17
N TYR C 372 17.63 -33.31 36.03
CA TYR C 372 16.81 -33.98 37.05
C TYR C 372 17.57 -35.05 37.86
N GLY C 373 18.91 -34.96 37.90
CA GLY C 373 19.76 -35.76 38.79
C GLY C 373 19.65 -37.27 38.69
N LEU C 374 19.31 -37.78 37.51
CA LEU C 374 19.09 -39.21 37.31
C LEU C 374 20.43 -39.91 37.00
N ASN C 375 20.41 -41.25 37.02
CA ASN C 375 21.62 -42.05 36.79
C ASN C 375 22.07 -41.99 35.34
N ILE C 376 23.36 -41.70 35.12
CA ILE C 376 23.99 -41.79 33.81
C ILE C 376 24.95 -42.99 33.87
N LYS C 377 24.50 -44.13 33.33
CA LYS C 377 25.29 -45.37 33.34
C LYS C 377 25.84 -45.68 31.92
N PRO C 378 27.19 -45.82 31.79
CA PRO C 378 27.81 -46.16 30.51
C PRO C 378 27.88 -47.67 30.22
N VAL C 379 27.67 -48.04 28.95
CA VAL C 379 27.79 -49.42 28.48
C VAL C 379 28.51 -49.65 27.11
N ILE C 380 28.83 -48.58 26.38
CA ILE C 380 29.48 -48.68 25.07
C ILE C 380 30.88 -48.06 25.20
N LEU C 381 31.91 -48.75 24.72
CA LEU C 381 33.28 -48.24 24.77
C LEU C 381 33.55 -47.22 23.66
N ALA C 382 34.56 -46.39 23.88
CA ALA C 382 35.00 -45.36 22.92
C ALA C 382 35.73 -45.96 21.72
N ALA C 383 36.06 -45.11 20.74
CA ALA C 383 36.77 -45.52 19.50
C ALA C 383 38.11 -46.22 19.76
N ASP C 384 38.87 -45.70 20.72
CA ASP C 384 40.12 -46.34 21.17
C ASP C 384 39.88 -47.65 21.94
N GLY C 385 38.88 -47.66 22.82
CA GLY C 385 38.56 -48.81 23.67
C GLY C 385 38.61 -48.60 25.18
N SER C 386 38.72 -47.34 25.64
CA SER C 386 38.67 -47.01 27.08
C SER C 386 37.25 -46.59 27.49
N GLU C 387 37.04 -46.48 28.80
CA GLU C 387 35.77 -45.96 29.36
C GLU C 387 35.53 -44.56 28.80
N PRO C 388 34.36 -44.34 28.14
CA PRO C 388 34.08 -42.99 27.63
C PRO C 388 33.76 -42.03 28.77
N ASP C 389 34.37 -40.84 28.74
CA ASP C 389 34.14 -39.82 29.77
C ASP C 389 32.80 -39.13 29.54
N LEU C 390 31.93 -39.15 30.56
CA LEU C 390 30.59 -38.56 30.48
C LEU C 390 30.43 -37.40 31.48
N SER C 391 31.43 -36.54 31.54
CA SER C 391 31.40 -35.35 32.41
C SER C 391 30.47 -34.27 31.85
N GLN C 392 30.61 -33.97 30.56
CA GLN C 392 29.83 -32.91 29.89
C GLN C 392 28.84 -33.40 28.82
N GLN C 393 29.06 -34.57 28.22
CA GLN C 393 28.20 -35.02 27.10
C GLN C 393 28.14 -36.54 26.91
N ALA C 394 27.13 -36.98 26.17
CA ALA C 394 26.92 -38.40 25.88
C ALA C 394 27.86 -38.90 24.80
N LEU C 395 27.99 -40.22 24.70
CA LEU C 395 28.77 -40.89 23.66
C LEU C 395 27.84 -41.54 22.63
N THR C 396 27.49 -40.78 21.59
CA THR C 396 26.48 -41.20 20.60
C THR C 396 26.96 -42.29 19.63
N GLU C 397 28.28 -42.50 19.53
CA GLU C 397 28.84 -43.50 18.61
C GLU C 397 28.52 -44.93 19.03
N LYS C 398 28.55 -45.84 18.05
CA LYS C 398 28.35 -47.26 18.27
C LYS C 398 29.71 -47.93 18.43
N GLY C 399 29.79 -48.92 19.32
CA GLY C 399 31.07 -49.58 19.63
C GLY C 399 30.98 -50.92 20.32
N VAL C 400 32.00 -51.22 21.13
CA VAL C 400 32.13 -52.49 21.84
C VAL C 400 31.51 -52.34 23.23
N LEU C 401 30.85 -53.39 23.72
CA LEU C 401 30.13 -53.35 25.01
C LEU C 401 31.01 -53.63 26.23
N PHE C 402 30.70 -52.95 27.33
CA PHE C 402 31.19 -53.29 28.68
C PHE C 402 30.07 -52.97 29.67
N ASN C 403 30.25 -53.30 30.95
CA ASN C 403 29.21 -53.09 31.99
C ASN C 403 27.82 -53.64 31.62
N SER C 404 27.79 -54.67 30.77
CA SER C 404 26.54 -55.24 30.25
C SER C 404 26.38 -56.73 30.63
N GLY C 405 27.23 -57.25 31.51
CA GLY C 405 27.21 -58.66 31.91
C GLY C 405 27.49 -59.64 30.76
N GLU C 406 26.49 -60.47 30.44
CA GLU C 406 26.62 -61.56 29.46
C GLU C 406 26.89 -61.15 28.00
N PHE C 407 26.82 -59.85 27.69
CA PHE C 407 27.08 -59.34 26.33
C PHE C 407 28.39 -58.54 26.22
N ASN C 408 29.23 -58.57 27.26
CA ASN C 408 30.46 -57.77 27.27
C ASN C 408 31.42 -58.19 26.16
N GLY C 409 32.13 -57.22 25.60
CA GLY C 409 33.10 -57.46 24.53
C GLY C 409 32.57 -57.61 23.11
N LEU C 410 31.25 -57.67 22.94
CA LEU C 410 30.65 -57.84 21.61
C LEU C 410 30.64 -56.51 20.87
N ASP C 411 30.85 -56.58 19.54
CA ASP C 411 30.72 -55.41 18.67
C ASP C 411 29.24 -55.02 18.53
N HIS C 412 28.99 -53.88 17.89
CA HIS C 412 27.64 -53.35 17.73
C HIS C 412 26.65 -54.33 17.08
N GLU C 413 27.08 -54.97 15.99
CA GLU C 413 26.22 -55.91 15.25
C GLU C 413 25.84 -57.14 16.08
N ALA C 414 26.84 -57.78 16.69
CA ALA C 414 26.60 -58.95 17.56
C ALA C 414 25.83 -58.56 18.81
N ALA C 415 26.15 -57.40 19.38
CA ALA C 415 25.42 -56.87 20.54
C ALA C 415 23.94 -56.58 20.25
N PHE C 416 23.68 -56.08 19.03
CA PHE C 416 22.30 -55.90 18.54
C PHE C 416 21.59 -57.25 18.54
N ASN C 417 22.19 -58.25 17.90
CA ASN C 417 21.58 -59.57 17.72
C ASN C 417 21.40 -60.36 19.03
N ALA C 418 22.47 -60.41 19.82
CA ALA C 418 22.47 -61.16 21.09
C ALA C 418 21.39 -60.67 22.05
N ILE C 419 21.30 -59.35 22.23
CA ILE C 419 20.29 -58.75 23.11
C ILE C 419 18.88 -58.86 22.50
N ALA C 420 18.78 -58.78 21.17
CA ALA C 420 17.49 -58.95 20.50
C ALA C 420 16.93 -60.35 20.66
N ASP C 421 17.75 -61.36 20.34
CA ASP C 421 17.35 -62.78 20.46
C ASP C 421 17.07 -63.23 21.90
N LYS C 422 17.85 -62.71 22.85
CA LYS C 422 17.60 -62.90 24.29
C LYS C 422 16.19 -62.44 24.68
N LEU C 423 15.87 -61.20 24.31
CA LEU C 423 14.54 -60.63 24.55
C LEU C 423 13.43 -61.38 23.78
N THR C 424 13.76 -61.90 22.59
CA THR C 424 12.83 -62.75 21.83
C THR C 424 12.53 -64.05 22.56
N ALA C 425 13.59 -64.67 23.12
CA ALA C 425 13.46 -65.91 23.90
C ALA C 425 12.61 -65.72 25.16
N MET C 426 12.81 -64.59 25.83
CA MET C 426 12.04 -64.26 27.05
C MET C 426 10.60 -63.81 26.77
N GLY C 427 10.27 -63.50 25.51
CA GLY C 427 8.92 -63.08 25.13
C GLY C 427 8.54 -61.67 25.58
N VAL C 428 9.54 -60.83 25.85
CA VAL C 428 9.33 -59.44 26.28
C VAL C 428 9.90 -58.44 25.26
N GLY C 429 10.14 -58.91 24.04
CA GLY C 429 10.65 -58.06 22.97
C GLY C 429 10.65 -58.78 21.63
N GLU C 430 10.52 -58.01 20.55
CA GLU C 430 10.62 -58.55 19.19
C GLU C 430 11.14 -57.48 18.23
N ARG C 431 11.83 -57.91 17.17
CA ARG C 431 12.36 -57.01 16.16
C ARG C 431 11.21 -56.37 15.40
N LYS C 432 11.36 -55.08 15.08
CA LYS C 432 10.34 -54.32 14.37
C LYS C 432 10.92 -53.20 13.51
N VAL C 433 10.33 -53.02 12.33
CA VAL C 433 10.66 -51.91 11.43
C VAL C 433 9.84 -50.70 11.85
N ASN C 434 10.44 -49.52 11.71
CA ASN C 434 9.79 -48.26 12.10
C ASN C 434 10.33 -47.08 11.28
N TYR C 435 9.42 -46.38 10.60
CA TYR C 435 9.78 -45.23 9.75
C TYR C 435 9.68 -43.90 10.48
N ARG C 436 10.62 -43.00 10.18
CA ARG C 436 10.53 -41.59 10.58
C ARG C 436 9.30 -40.93 9.93
N LEU C 437 8.96 -41.39 8.71
CA LEU C 437 7.76 -40.95 7.98
C LEU C 437 6.48 -41.18 8.77
N ARG C 438 5.76 -40.08 9.02
CA ARG C 438 4.41 -40.13 9.59
C ARG C 438 3.37 -40.02 8.47
N ASP C 439 2.13 -40.36 8.80
CA ASP C 439 1.03 -40.26 7.85
C ASP C 439 0.69 -38.80 7.50
N TRP C 440 0.03 -38.64 6.35
CA TRP C 440 -0.22 -37.34 5.71
C TRP C 440 -1.53 -36.72 6.22
N GLY C 441 -1.41 -35.69 7.04
CA GLY C 441 -2.57 -35.00 7.64
C GLY C 441 -3.15 -33.97 6.69
N VAL C 442 -4.37 -34.25 6.20
CA VAL C 442 -4.99 -33.48 5.11
C VAL C 442 -6.16 -32.57 5.51
N SER C 443 -6.52 -32.52 6.80
CA SER C 443 -7.61 -31.67 7.26
C SER C 443 -7.13 -30.25 7.53
N ARG C 444 -7.86 -29.27 7.03
CA ARG C 444 -7.58 -27.86 7.29
C ARG C 444 -8.88 -27.17 7.66
N GLN C 445 -8.82 -26.35 8.71
CA GLN C 445 -10.00 -25.67 9.24
C GLN C 445 -9.95 -24.25 8.68
N ARG C 446 -10.22 -24.19 7.37
CA ARG C 446 -9.99 -23.02 6.55
C ARG C 446 -10.99 -23.08 5.39
N TYR C 447 -11.39 -21.92 4.88
CA TYR C 447 -12.44 -21.86 3.83
C TYR C 447 -11.91 -22.24 2.44
N TRP C 448 -10.85 -21.56 2.00
CA TRP C 448 -10.39 -21.61 0.60
C TRP C 448 -9.64 -22.91 0.34
N GLY C 449 -10.42 -23.97 0.14
CA GLY C 449 -9.92 -25.29 -0.15
C GLY C 449 -11.03 -26.19 -0.63
N ALA C 450 -10.66 -27.34 -1.21
CA ALA C 450 -11.64 -28.35 -1.62
C ALA C 450 -12.23 -28.99 -0.36
N PRO C 451 -13.56 -29.05 -0.25
CA PRO C 451 -14.14 -29.62 0.97
C PRO C 451 -14.01 -31.14 0.99
N ILE C 452 -13.83 -31.68 2.20
CA ILE C 452 -13.55 -33.10 2.41
C ILE C 452 -14.88 -33.87 2.35
N PRO C 453 -14.96 -34.91 1.49
CA PRO C 453 -16.26 -35.54 1.23
C PRO C 453 -16.64 -36.61 2.26
N MET C 454 -16.88 -36.16 3.50
CA MET C 454 -17.31 -37.03 4.59
C MET C 454 -18.57 -36.45 5.26
N VAL C 455 -19.32 -37.33 5.91
CA VAL C 455 -20.60 -36.98 6.52
C VAL C 455 -20.70 -37.63 7.90
N THR C 456 -21.23 -36.89 8.87
CA THR C 456 -21.62 -37.42 10.17
C THR C 456 -23.17 -37.51 10.23
N LEU C 457 -23.70 -38.73 10.21
CA LEU C 457 -25.15 -38.96 10.32
C LEU C 457 -25.67 -38.60 11.72
N GLU C 458 -26.98 -38.35 11.82
CA GLU C 458 -27.60 -37.99 13.12
C GLU C 458 -27.50 -39.10 14.19
N ASP C 459 -27.43 -40.35 13.75
CA ASP C 459 -27.25 -41.50 14.66
C ASP C 459 -25.85 -41.61 15.30
N GLY C 460 -24.87 -40.87 14.79
CA GLY C 460 -23.51 -40.85 15.34
C GLY C 460 -22.44 -41.39 14.38
N THR C 461 -22.86 -42.22 13.42
CA THR C 461 -21.93 -42.85 12.47
C THR C 461 -21.35 -41.85 11.47
N VAL C 462 -20.11 -42.10 11.05
CA VAL C 462 -19.40 -41.27 10.09
C VAL C 462 -19.14 -42.11 8.85
N MET C 463 -19.65 -41.66 7.70
CA MET C 463 -19.46 -42.37 6.43
C MET C 463 -19.15 -41.41 5.28
N PRO C 464 -18.60 -41.92 4.14
CA PRO C 464 -18.30 -41.04 3.01
C PRO C 464 -19.55 -40.42 2.37
N THR C 465 -19.36 -39.30 1.68
CA THR C 465 -20.45 -38.63 0.97
C THR C 465 -20.93 -39.56 -0.17
N PRO C 466 -22.26 -39.78 -0.28
CA PRO C 466 -22.79 -40.56 -1.41
C PRO C 466 -22.35 -40.04 -2.78
N ASP C 467 -22.27 -40.94 -3.76
CA ASP C 467 -21.83 -40.57 -5.11
C ASP C 467 -22.80 -39.62 -5.83
N ASP C 468 -24.10 -39.74 -5.54
CA ASP C 468 -25.11 -38.80 -6.06
C ASP C 468 -24.98 -37.35 -5.51
N GLN C 469 -24.31 -37.18 -4.37
CA GLN C 469 -24.05 -35.84 -3.80
C GLN C 469 -22.63 -35.31 -4.08
N LEU C 470 -21.90 -35.97 -4.97
CA LEU C 470 -20.59 -35.51 -5.41
C LEU C 470 -20.74 -34.71 -6.70
N PRO C 471 -20.02 -33.61 -6.88
CA PRO C 471 -19.07 -33.06 -5.89
C PRO C 471 -19.76 -32.25 -4.79
N VAL C 472 -19.06 -32.06 -3.70
CA VAL C 472 -19.47 -31.12 -2.66
C VAL C 472 -18.82 -29.80 -3.06
N ILE C 473 -19.65 -28.84 -3.49
CA ILE C 473 -19.19 -27.60 -4.10
C ILE C 473 -18.91 -26.54 -3.02
N LEU C 474 -17.67 -26.05 -2.98
CA LEU C 474 -17.33 -24.90 -2.12
C LEU C 474 -17.99 -23.67 -2.73
N PRO C 475 -18.79 -22.93 -1.93
CA PRO C 475 -19.48 -21.75 -2.46
C PRO C 475 -18.54 -20.54 -2.54
N GLU C 476 -18.52 -19.87 -3.68
CA GLU C 476 -17.60 -18.74 -3.92
C GLU C 476 -18.07 -17.42 -3.30
N ASP C 477 -19.36 -17.12 -3.45
CA ASP C 477 -19.93 -15.85 -2.97
C ASP C 477 -20.17 -15.91 -1.45
N VAL C 478 -19.17 -15.49 -0.68
CA VAL C 478 -19.21 -15.48 0.78
C VAL C 478 -18.64 -14.18 1.35
N VAL C 479 -18.87 -13.99 2.65
CA VAL C 479 -18.34 -12.85 3.38
C VAL C 479 -17.30 -13.37 4.37
N MET C 480 -16.07 -12.90 4.23
CA MET C 480 -14.97 -13.32 5.09
C MET C 480 -14.89 -12.43 6.32
N ASP C 481 -15.38 -12.93 7.45
CA ASP C 481 -14.90 -12.47 8.75
C ASP C 481 -13.62 -13.28 9.03
N GLY C 482 -12.59 -12.61 9.53
CA GLY C 482 -11.29 -13.26 9.80
C GLY C 482 -11.26 -14.36 10.85
N ILE C 483 -12.32 -14.47 11.67
CA ILE C 483 -12.34 -15.36 12.84
C ILE C 483 -12.49 -16.83 12.42
N THR C 484 -13.61 -17.16 11.77
CA THR C 484 -13.87 -18.54 11.31
C THR C 484 -14.34 -18.57 9.85
N SER C 485 -14.28 -19.76 9.28
CA SER C 485 -14.69 -20.01 7.89
C SER C 485 -16.19 -19.70 7.67
N PRO C 486 -16.56 -19.17 6.48
CA PRO C 486 -17.97 -19.00 6.10
C PRO C 486 -18.82 -20.28 6.13
N ILE C 487 -18.28 -21.40 5.68
CA ILE C 487 -19.03 -22.67 5.69
C ILE C 487 -19.25 -23.27 7.09
N LYS C 488 -18.37 -22.90 8.04
CA LYS C 488 -18.56 -23.25 9.45
C LYS C 488 -19.58 -22.34 10.14
N ALA C 489 -19.52 -21.04 9.86
CA ALA C 489 -20.36 -20.03 10.52
C ALA C 489 -21.86 -20.11 10.19
N ASP C 490 -22.19 -20.33 8.92
CA ASP C 490 -23.58 -20.57 8.52
C ASP C 490 -23.93 -22.03 8.84
N PRO C 491 -24.91 -22.26 9.74
CA PRO C 491 -25.26 -23.65 10.05
C PRO C 491 -26.02 -24.39 8.93
N GLU C 492 -26.61 -23.64 8.00
CA GLU C 492 -27.39 -24.21 6.92
C GLU C 492 -26.57 -24.96 5.85
N TRP C 493 -25.29 -24.61 5.68
CA TRP C 493 -24.47 -25.27 4.63
C TRP C 493 -24.18 -26.74 4.94
N ALA C 494 -23.96 -27.06 6.21
CA ALA C 494 -23.68 -28.43 6.65
C ALA C 494 -24.88 -29.40 6.51
N LYS C 495 -26.11 -28.88 6.52
CA LYS C 495 -27.32 -29.73 6.44
C LYS C 495 -27.46 -30.48 5.11
N THR C 496 -27.79 -31.77 5.22
CA THR C 496 -27.98 -32.64 4.06
C THR C 496 -28.69 -33.91 4.51
N THR C 497 -29.17 -34.69 3.54
CA THR C 497 -29.93 -35.92 3.83
C THR C 497 -29.27 -37.17 3.24
N VAL C 498 -28.54 -37.91 4.08
CA VAL C 498 -27.86 -39.16 3.71
C VAL C 498 -28.54 -40.37 4.36
N ASN C 499 -28.76 -41.41 3.57
CA ASN C 499 -29.52 -42.61 3.99
C ASN C 499 -30.93 -42.27 4.48
N GLY C 500 -31.55 -41.25 3.89
CA GLY C 500 -32.90 -40.82 4.25
C GLY C 500 -33.09 -40.14 5.60
N MET C 501 -32.00 -39.79 6.29
CA MET C 501 -32.06 -39.14 7.60
C MET C 501 -31.16 -37.89 7.60
N PRO C 502 -31.37 -36.96 8.56
CA PRO C 502 -30.50 -35.77 8.63
C PRO C 502 -29.02 -36.07 8.79
N ALA C 503 -28.17 -35.19 8.23
CA ALA C 503 -26.73 -35.39 8.21
C ALA C 503 -25.98 -34.06 8.17
N LEU C 504 -24.73 -34.09 8.63
CA LEU C 504 -23.86 -32.91 8.67
C LEU C 504 -22.55 -33.17 7.89
N ARG C 505 -22.29 -32.35 6.88
CA ARG C 505 -21.06 -32.44 6.08
C ARG C 505 -19.85 -31.93 6.84
N GLU C 506 -18.67 -32.41 6.45
CA GLU C 506 -17.40 -31.94 7.00
C GLU C 506 -17.13 -30.54 6.46
N THR C 507 -16.85 -29.62 7.38
CA THR C 507 -16.54 -28.22 7.04
C THR C 507 -15.03 -27.94 6.92
N ASP C 508 -14.19 -28.89 7.35
CA ASP C 508 -12.75 -28.85 7.03
C ASP C 508 -12.52 -29.05 5.54
N THR C 509 -11.43 -28.48 5.05
CA THR C 509 -11.06 -28.53 3.64
C THR C 509 -9.71 -29.22 3.46
N PHE C 510 -9.44 -29.62 2.21
CA PHE C 510 -8.23 -30.36 1.88
C PHE C 510 -6.97 -29.48 1.93
N ASP C 511 -5.90 -30.06 2.44
CA ASP C 511 -4.53 -29.60 2.24
C ASP C 511 -4.35 -29.37 0.74
N THR C 512 -3.83 -28.20 0.36
CA THR C 512 -3.66 -27.84 -1.05
C THR C 512 -2.63 -28.69 -1.81
N PHE C 513 -1.76 -29.38 -1.08
CA PHE C 513 -0.91 -30.42 -1.68
C PHE C 513 -1.72 -31.54 -2.36
N MET C 514 -2.94 -31.77 -1.89
CA MET C 514 -3.87 -32.71 -2.53
C MET C 514 -4.00 -32.46 -4.03
N GLU C 515 -4.22 -31.19 -4.40
CA GLU C 515 -4.46 -30.83 -5.80
C GLU C 515 -3.19 -30.93 -6.66
N SER C 516 -2.06 -30.51 -6.11
CA SER C 516 -0.78 -30.60 -6.80
C SER C 516 -0.21 -32.03 -6.92
N SER C 517 -0.78 -33.00 -6.22
CA SER C 517 -0.28 -34.37 -6.29
C SER C 517 -0.76 -35.17 -7.49
N TRP C 518 -1.83 -34.72 -8.17
CA TRP C 518 -2.36 -35.45 -9.35
C TRP C 518 -2.67 -34.62 -10.62
N TYR C 519 -2.34 -33.32 -10.62
CA TYR C 519 -2.58 -32.42 -11.77
C TYR C 519 -1.85 -32.84 -13.06
N TYR C 520 -0.64 -33.37 -12.90
CA TYR C 520 0.22 -33.84 -14.01
C TYR C 520 -0.47 -34.90 -14.92
N ALA C 521 -1.29 -35.75 -14.32
CA ALA C 521 -2.01 -36.80 -15.04
C ALA C 521 -3.36 -36.28 -15.55
N ARG C 522 -3.97 -35.34 -14.83
CA ARG C 522 -5.19 -34.69 -15.29
C ARG C 522 -4.96 -33.81 -16.55
N TYR C 523 -3.73 -33.30 -16.72
CA TYR C 523 -3.34 -32.57 -17.95
C TYR C 523 -3.45 -33.37 -19.26
N THR C 524 -3.39 -34.70 -19.17
CA THR C 524 -3.52 -35.57 -20.33
C THR C 524 -4.95 -35.64 -20.85
N CYS C 525 -5.94 -35.31 -19.99
CA CYS C 525 -7.35 -35.42 -20.35
C CYS C 525 -8.24 -34.48 -19.52
N PRO C 526 -7.95 -33.17 -19.53
CA PRO C 526 -8.55 -32.22 -18.59
C PRO C 526 -10.02 -31.87 -18.83
N GLN C 527 -10.55 -32.18 -20.01
CA GLN C 527 -11.98 -32.02 -20.28
C GLN C 527 -12.75 -33.35 -20.27
N TYR C 528 -12.09 -34.45 -19.90
CA TYR C 528 -12.72 -35.79 -19.82
C TYR C 528 -13.75 -35.84 -18.70
N LYS C 529 -15.03 -36.01 -19.08
CA LYS C 529 -16.17 -35.88 -18.17
C LYS C 529 -16.58 -37.17 -17.46
N GLU C 530 -16.24 -38.33 -18.05
CA GLU C 530 -16.73 -39.62 -17.54
C GLU C 530 -15.65 -40.36 -16.72
N GLY C 531 -15.02 -39.66 -15.78
CA GLY C 531 -14.07 -40.24 -14.83
C GLY C 531 -12.88 -39.35 -14.53
N MET C 532 -12.13 -39.71 -13.48
CA MET C 532 -10.94 -38.97 -13.04
C MET C 532 -9.87 -38.87 -14.14
N LEU C 533 -9.60 -40.00 -14.82
CA LEU C 533 -8.64 -40.04 -15.92
C LEU C 533 -9.21 -40.80 -17.12
N ASP C 534 -8.68 -40.49 -18.29
CA ASP C 534 -8.85 -41.30 -19.48
C ASP C 534 -7.58 -42.13 -19.53
N SER C 535 -7.70 -43.43 -19.28
CA SER C 535 -6.53 -44.32 -19.21
C SER C 535 -5.80 -44.45 -20.54
N GLU C 536 -6.54 -44.45 -21.66
CA GLU C 536 -5.93 -44.40 -23.00
C GLU C 536 -5.00 -43.22 -23.11
N ALA C 537 -5.55 -42.02 -22.90
CA ALA C 537 -4.81 -40.76 -23.01
C ALA C 537 -3.65 -40.67 -22.02
N ALA C 538 -3.90 -41.02 -20.76
CA ALA C 538 -2.90 -40.88 -19.69
C ALA C 538 -1.65 -41.75 -19.93
N ASN C 539 -1.88 -43.01 -20.31
CA ASN C 539 -0.80 -43.97 -20.55
C ASN C 539 -0.01 -43.69 -21.83
N TYR C 540 -0.60 -42.98 -22.79
CA TYR C 540 0.15 -42.45 -23.94
C TYR C 540 1.20 -41.43 -23.47
N TRP C 541 0.76 -40.43 -22.73
CA TRP C 541 1.64 -39.33 -22.27
C TRP C 541 2.59 -39.72 -21.12
N LEU C 542 2.07 -40.41 -20.11
CA LEU C 542 2.87 -40.82 -18.95
C LEU C 542 3.80 -42.01 -19.28
N PRO C 543 4.93 -42.17 -18.58
CA PRO C 543 5.41 -41.27 -17.51
C PRO C 543 5.93 -39.94 -18.03
N VAL C 544 5.99 -38.95 -17.14
CA VAL C 544 6.48 -37.61 -17.49
C VAL C 544 7.96 -37.78 -17.84
N ASP C 545 8.38 -37.24 -18.98
CA ASP C 545 9.77 -37.43 -19.43
C ASP C 545 10.75 -36.57 -18.66
N ILE C 546 10.39 -35.31 -18.43
CA ILE C 546 11.15 -34.41 -17.57
C ILE C 546 10.20 -33.55 -16.73
N TYR C 547 10.47 -33.45 -15.43
CA TYR C 547 9.68 -32.63 -14.51
C TYR C 547 10.59 -31.55 -13.96
N ILE C 548 10.21 -30.30 -14.16
CA ILE C 548 11.06 -29.15 -13.86
C ILE C 548 10.44 -28.31 -12.75
N GLY C 549 11.21 -28.04 -11.71
CA GLY C 549 10.71 -27.32 -10.56
C GLY C 549 11.77 -27.01 -9.54
N GLY C 550 11.41 -26.25 -8.52
CA GLY C 550 12.35 -25.79 -7.51
C GLY C 550 12.82 -26.87 -6.55
N ILE C 551 14.07 -26.74 -6.10
CA ILE C 551 14.65 -27.58 -5.05
C ILE C 551 13.90 -27.52 -3.69
N GLU C 552 13.15 -26.43 -3.45
CA GLU C 552 12.23 -26.32 -2.31
C GLU C 552 11.24 -27.49 -2.18
N HIS C 553 10.82 -28.05 -3.31
CA HIS C 553 9.91 -29.20 -3.35
C HIS C 553 10.62 -30.55 -3.42
N ALA C 554 11.90 -30.61 -3.04
CA ALA C 554 12.66 -31.88 -3.02
C ALA C 554 11.92 -32.99 -2.27
N ILE C 555 11.45 -32.68 -1.07
CA ILE C 555 10.82 -33.67 -0.21
C ILE C 555 9.30 -33.59 -0.32
N MET C 556 8.70 -32.57 0.30
CA MET C 556 7.25 -32.49 0.54
C MET C 556 6.39 -32.92 -0.65
N HIS C 557 6.39 -32.09 -1.70
CA HIS C 557 5.51 -32.30 -2.86
C HIS C 557 5.90 -33.53 -3.66
N LEU C 558 7.19 -33.66 -3.97
CA LEU C 558 7.66 -34.76 -4.81
C LEU C 558 7.33 -36.15 -4.23
N LEU C 559 7.28 -36.26 -2.90
CA LEU C 559 6.90 -37.50 -2.22
C LEU C 559 5.40 -37.80 -2.32
N TYR C 560 4.57 -36.80 -1.99
CA TYR C 560 3.11 -36.88 -2.16
C TYR C 560 2.73 -37.23 -3.61
N PHE C 561 3.45 -36.63 -4.55
CA PHE C 561 3.24 -36.80 -5.99
C PHE C 561 3.65 -38.20 -6.48
N ARG C 562 4.74 -38.73 -5.95
CA ARG C 562 5.12 -40.14 -6.15
C ARG C 562 4.06 -41.08 -5.56
N PHE C 563 3.72 -40.84 -4.29
CA PHE C 563 2.68 -41.60 -3.57
C PHE C 563 1.38 -41.67 -4.36
N PHE C 564 0.86 -40.51 -4.78
CA PHE C 564 -0.41 -40.43 -5.52
C PHE C 564 -0.38 -41.20 -6.84
N HIS C 565 0.78 -41.21 -7.51
CA HIS C 565 0.93 -41.99 -8.74
C HIS C 565 0.66 -43.47 -8.49
N LYS C 566 1.30 -44.01 -7.44
CA LYS C 566 1.21 -45.43 -7.11
C LYS C 566 -0.19 -45.83 -6.68
N LEU C 567 -0.95 -44.91 -6.08
CA LEU C 567 -2.36 -45.15 -5.79
C LEU C 567 -3.16 -45.30 -7.09
N MET C 568 -2.95 -44.41 -8.04
CA MET C 568 -3.62 -44.47 -9.35
C MET C 568 -3.22 -45.71 -10.15
N ARG C 569 -1.94 -46.11 -10.05
CA ARG C 569 -1.44 -47.34 -10.68
C ARG C 569 -2.17 -48.59 -10.17
N ASP C 570 -2.30 -48.67 -8.85
CA ASP C 570 -2.94 -49.82 -8.19
C ASP C 570 -4.43 -49.94 -8.49
N ALA C 571 -5.10 -48.81 -8.70
CA ALA C 571 -6.51 -48.80 -9.10
C ALA C 571 -6.72 -49.14 -10.60
N GLY C 572 -5.64 -49.13 -11.38
CA GLY C 572 -5.70 -49.49 -12.80
C GLY C 572 -5.72 -48.30 -13.73
N MET C 573 -5.64 -47.08 -13.19
CA MET C 573 -5.73 -45.83 -13.97
C MET C 573 -4.48 -45.56 -14.81
N VAL C 574 -3.29 -45.83 -14.26
CA VAL C 574 -2.00 -45.65 -14.96
C VAL C 574 -1.18 -46.94 -14.97
N ASN C 575 -0.13 -46.98 -15.80
CA ASN C 575 0.67 -48.19 -16.04
C ASN C 575 2.14 -48.21 -15.61
N SER C 576 2.69 -47.08 -15.15
CA SER C 576 4.08 -47.02 -14.66
C SER C 576 4.13 -47.01 -13.13
N ASP C 577 5.32 -47.35 -12.60
CA ASP C 577 5.55 -47.39 -11.15
C ASP C 577 5.96 -46.03 -10.57
N GLU C 578 6.64 -45.22 -11.39
CA GLU C 578 7.06 -43.88 -11.01
C GLU C 578 6.51 -42.86 -12.01
N PRO C 579 6.07 -41.69 -11.51
CA PRO C 579 5.45 -40.69 -12.38
C PRO C 579 6.40 -39.95 -13.34
N ALA C 580 7.67 -39.78 -12.96
CA ALA C 580 8.64 -39.01 -13.75
C ALA C 580 9.96 -39.74 -13.98
N LYS C 581 10.39 -39.82 -15.24
CA LYS C 581 11.70 -40.40 -15.62
C LYS C 581 12.85 -39.53 -15.12
N GLN C 582 12.92 -38.30 -15.64
CA GLN C 582 13.95 -37.33 -15.25
C GLN C 582 13.34 -36.23 -14.37
N LEU C 583 14.16 -35.69 -13.48
CA LEU C 583 13.78 -34.56 -12.65
C LEU C 583 14.91 -33.54 -12.73
N LEU C 584 14.58 -32.28 -13.01
CA LEU C 584 15.55 -31.20 -12.92
C LEU C 584 15.07 -30.23 -11.86
N CYS C 585 15.72 -30.26 -10.70
CA CYS C 585 15.43 -29.34 -9.62
C CYS C 585 16.29 -28.11 -9.81
N GLN C 586 15.73 -27.10 -10.46
CA GLN C 586 16.40 -25.81 -10.67
C GLN C 586 16.64 -25.04 -9.37
N GLY C 587 17.72 -24.27 -9.33
CA GLY C 587 18.14 -23.55 -8.13
C GLY C 587 17.21 -22.40 -7.81
N MET C 588 17.18 -22.01 -6.54
CA MET C 588 16.33 -20.90 -6.08
C MET C 588 16.93 -19.59 -6.52
N VAL C 589 16.07 -18.70 -7.03
CA VAL C 589 16.41 -17.30 -7.25
C VAL C 589 16.13 -16.61 -5.92
N LEU C 590 17.15 -15.96 -5.38
CA LEU C 590 17.04 -15.21 -4.12
C LEU C 590 17.06 -13.70 -4.38
N ALA C 591 16.50 -12.93 -3.44
CA ALA C 591 16.64 -11.46 -3.42
C ALA C 591 16.60 -10.93 -1.98
N ASP C 592 17.11 -9.72 -1.77
CA ASP C 592 17.11 -9.10 -0.44
C ASP C 592 15.67 -8.89 0.06
N ALA C 593 15.48 -9.01 1.38
CA ALA C 593 14.16 -8.81 1.99
C ALA C 593 14.22 -7.70 3.07
N PHE C 594 13.25 -6.78 3.01
CA PHE C 594 13.13 -5.65 3.95
C PHE C 594 11.71 -5.52 4.47
N TYR C 595 11.58 -5.12 5.74
CA TYR C 595 10.29 -4.76 6.33
C TYR C 595 10.44 -3.57 7.29
N TYR C 596 9.34 -2.85 7.53
CA TYR C 596 9.25 -1.89 8.63
C TYR C 596 8.03 -2.23 9.50
N VAL C 597 8.13 -1.94 10.79
CA VAL C 597 7.07 -2.27 11.74
C VAL C 597 5.91 -1.30 11.58
N GLY C 598 4.70 -1.83 11.42
CA GLY C 598 3.51 -1.01 11.19
C GLY C 598 2.98 -0.32 12.43
N GLU C 599 1.82 0.32 12.27
CA GLU C 599 1.15 1.06 13.37
C GLU C 599 0.80 0.11 14.52
N ASN C 600 0.12 -0.98 14.17
CA ASN C 600 -0.30 -2.02 15.13
C ASN C 600 0.84 -2.95 15.60
N GLY C 601 1.90 -3.07 14.80
CA GLY C 601 3.02 -3.98 15.09
C GLY C 601 3.25 -5.03 14.03
N GLU C 602 2.32 -5.17 13.09
CA GLU C 602 2.45 -6.08 11.95
C GLU C 602 3.54 -5.60 10.98
N ARG C 603 4.31 -6.57 10.45
CA ARG C 603 5.42 -6.29 9.52
C ARG C 603 4.91 -5.91 8.12
N ASN C 604 5.31 -4.72 7.65
CA ASN C 604 5.00 -4.27 6.28
C ASN C 604 6.25 -4.46 5.40
N TRP C 605 6.19 -5.44 4.50
CA TRP C 605 7.35 -5.83 3.69
C TRP C 605 7.55 -4.92 2.48
N VAL C 606 8.76 -4.39 2.32
CA VAL C 606 9.11 -3.49 1.21
C VAL C 606 9.97 -4.22 0.18
N SER C 607 9.68 -3.96 -1.10
CA SER C 607 10.38 -4.57 -2.22
C SER C 607 11.78 -3.98 -2.38
N PRO C 608 12.78 -4.80 -2.82
CA PRO C 608 14.15 -4.29 -3.11
C PRO C 608 14.21 -3.16 -4.16
N VAL C 609 13.26 -3.13 -5.08
CA VAL C 609 13.15 -2.04 -6.07
C VAL C 609 12.96 -0.68 -5.39
N ASP C 610 12.25 -0.68 -4.25
CA ASP C 610 11.94 0.55 -3.49
C ASP C 610 12.82 0.85 -2.28
N ALA C 611 13.68 -0.09 -1.86
CA ALA C 611 14.61 0.14 -0.76
C ALA C 611 15.78 1.00 -1.20
N ILE C 612 16.36 1.73 -0.24
CA ILE C 612 17.54 2.58 -0.47
C ILE C 612 18.57 2.19 0.59
N VAL C 613 19.64 1.51 0.16
CA VAL C 613 20.58 0.86 1.08
C VAL C 613 21.96 1.53 1.13
N GLU C 614 22.65 1.32 2.25
CA GLU C 614 23.98 1.85 2.48
C GLU C 614 24.88 0.68 2.91
N ARG C 615 25.84 0.32 2.06
CA ARG C 615 26.73 -0.84 2.29
C ARG C 615 28.12 -0.42 2.78
N ASP C 616 28.76 -1.32 3.53
CA ASP C 616 30.17 -1.16 3.94
C ASP C 616 31.10 -1.80 2.87
N GLU C 617 32.41 -1.79 3.13
CA GLU C 617 33.39 -2.35 2.19
C GLU C 617 33.20 -3.86 1.94
N LYS C 618 32.91 -4.61 3.00
CA LYS C 618 32.76 -6.08 2.93
C LYS C 618 31.55 -6.56 2.10
N GLY C 619 30.53 -5.72 1.97
CA GLY C 619 29.31 -6.05 1.22
C GLY C 619 28.03 -6.05 2.04
N ARG C 620 28.17 -6.07 3.37
CA ARG C 620 27.02 -6.05 4.29
C ARG C 620 26.28 -4.71 4.21
N ILE C 621 24.95 -4.78 4.22
CA ILE C 621 24.12 -3.57 4.24
C ILE C 621 24.08 -3.04 5.67
N VAL C 622 24.48 -1.79 5.86
CA VAL C 622 24.54 -1.17 7.19
C VAL C 622 23.17 -0.66 7.60
N LYS C 623 22.49 0.05 6.70
CA LYS C 623 21.15 0.58 6.97
C LYS C 623 20.33 0.76 5.69
N ALA C 624 19.01 0.78 5.86
CA ALA C 624 18.08 0.88 4.74
C ALA C 624 16.92 1.82 5.05
N LYS C 625 16.39 2.44 4.00
CA LYS C 625 15.16 3.24 4.06
C LYS C 625 14.36 3.10 2.77
N ASP C 626 13.09 3.50 2.80
CA ASP C 626 12.23 3.46 1.60
C ASP C 626 11.95 4.88 1.09
N ALA C 627 11.07 4.98 0.08
CA ALA C 627 10.68 6.26 -0.54
C ALA C 627 10.20 7.30 0.49
N ALA C 628 9.27 6.89 1.35
CA ALA C 628 8.69 7.75 2.38
C ALA C 628 9.65 8.09 3.52
N GLY C 629 10.54 7.16 3.86
CA GLY C 629 11.54 7.33 4.94
C GLY C 629 11.38 6.43 6.17
N HIS C 630 10.78 5.25 6.00
CA HIS C 630 10.72 4.24 7.07
C HIS C 630 12.10 3.62 7.20
N GLU C 631 12.61 3.46 8.43
CA GLU C 631 13.85 2.71 8.66
C GLU C 631 13.54 1.23 8.51
N LEU C 632 14.14 0.59 7.51
CA LEU C 632 13.85 -0.82 7.21
C LEU C 632 14.76 -1.78 7.98
N VAL C 633 14.24 -2.96 8.30
CA VAL C 633 15.00 -4.06 8.88
C VAL C 633 15.33 -5.05 7.76
N TYR C 634 16.63 -5.29 7.57
CA TYR C 634 17.15 -6.20 6.54
C TYR C 634 17.23 -7.63 7.09
N THR C 635 16.35 -8.50 6.61
CA THR C 635 16.28 -9.90 7.04
C THR C 635 17.19 -10.86 6.23
N GLY C 636 17.89 -10.34 5.21
CA GLY C 636 18.86 -11.12 4.44
C GLY C 636 18.37 -11.51 3.06
N MET C 637 19.24 -12.21 2.32
CA MET C 637 18.84 -12.91 1.09
C MET C 637 17.86 -14.05 1.44
N SER C 638 16.85 -14.23 0.59
CA SER C 638 15.96 -15.38 0.67
C SER C 638 15.19 -15.54 -0.63
N LYS C 639 14.54 -16.70 -0.83
CA LYS C 639 13.83 -16.97 -2.07
C LYS C 639 12.80 -15.88 -2.36
N MET C 640 12.67 -15.52 -3.63
CA MET C 640 11.61 -14.63 -4.06
C MET C 640 10.23 -15.24 -3.78
N SER C 641 9.37 -14.46 -3.15
CA SER C 641 7.95 -14.78 -2.99
C SER C 641 7.16 -13.52 -2.68
N LYS C 642 5.85 -13.56 -2.91
CA LYS C 642 4.96 -12.49 -2.44
C LYS C 642 4.90 -12.42 -0.91
N SER C 643 5.22 -13.53 -0.24
CA SER C 643 5.16 -13.64 1.21
C SER C 643 6.04 -12.60 1.93
N LYS C 644 7.26 -12.39 1.43
CA LYS C 644 8.18 -11.35 1.95
C LYS C 644 8.37 -10.15 0.99
N ASN C 645 7.59 -10.12 -0.09
CA ASN C 645 7.53 -9.01 -1.05
C ASN C 645 8.81 -8.77 -1.85
N ASN C 646 9.70 -9.76 -1.86
CA ASN C 646 11.01 -9.64 -2.53
C ASN C 646 11.00 -10.23 -3.94
N GLY C 647 9.82 -10.58 -4.45
CA GLY C 647 9.67 -10.89 -5.87
C GLY C 647 9.94 -9.67 -6.71
N ILE C 648 10.59 -9.86 -7.85
CA ILE C 648 10.85 -8.80 -8.82
C ILE C 648 10.14 -9.15 -10.14
N ASP C 649 9.19 -8.30 -10.51
CA ASP C 649 8.33 -8.51 -11.68
C ASP C 649 9.16 -8.30 -12.94
N PRO C 650 9.08 -9.25 -13.90
CA PRO C 650 9.83 -9.09 -15.14
C PRO C 650 9.34 -8.00 -16.12
N GLN C 651 8.14 -7.44 -15.93
CA GLN C 651 7.51 -6.61 -16.96
C GLN C 651 8.24 -5.30 -17.29
N VAL C 652 9.05 -4.79 -16.35
CA VAL C 652 9.88 -3.60 -16.61
C VAL C 652 11.02 -3.90 -17.59
N MET C 653 11.67 -5.06 -17.42
CA MET C 653 12.69 -5.52 -18.36
C MET C 653 12.12 -5.92 -19.72
N VAL C 654 10.95 -6.57 -19.71
CA VAL C 654 10.26 -6.98 -20.95
C VAL C 654 9.83 -5.76 -21.77
N GLU C 655 9.45 -4.67 -21.09
CA GLU C 655 9.17 -3.41 -21.78
C GLU C 655 10.44 -2.75 -22.30
N ARG C 656 11.49 -2.68 -21.49
CA ARG C 656 12.75 -2.04 -21.89
C ARG C 656 13.52 -2.80 -22.98
N TYR C 657 13.67 -4.12 -22.83
CA TYR C 657 14.50 -4.92 -23.76
C TYR C 657 13.76 -5.95 -24.62
N GLY C 658 12.54 -6.34 -24.23
CA GLY C 658 11.81 -7.41 -24.92
C GLY C 658 11.95 -8.77 -24.25
N ALA C 659 10.99 -9.65 -24.50
CA ALA C 659 10.93 -10.98 -23.87
C ALA C 659 12.12 -11.90 -24.18
N ASP C 660 12.58 -11.88 -25.43
CA ASP C 660 13.74 -12.68 -25.85
C ASP C 660 15.04 -12.32 -25.08
N THR C 661 15.24 -11.04 -24.82
CA THR C 661 16.40 -10.58 -24.04
C THR C 661 16.39 -11.11 -22.59
N VAL C 662 15.22 -11.06 -21.95
CA VAL C 662 15.08 -11.50 -20.55
C VAL C 662 15.29 -13.00 -20.43
N ARG C 663 14.64 -13.76 -21.30
CA ARG C 663 14.80 -15.21 -21.37
C ARG C 663 16.27 -15.63 -21.56
N LEU C 664 16.95 -15.01 -22.52
CA LEU C 664 18.34 -15.35 -22.83
C LEU C 664 19.26 -15.06 -21.66
N PHE C 665 19.11 -13.88 -21.08
CA PHE C 665 19.85 -13.47 -19.87
C PHE C 665 19.68 -14.46 -18.71
N MET C 666 18.45 -14.95 -18.51
CA MET C 666 18.14 -15.87 -17.40
C MET C 666 18.75 -17.28 -17.57
N MET C 667 18.83 -17.77 -18.80
CA MET C 667 19.48 -19.07 -19.07
C MET C 667 21.00 -18.98 -19.17
N PHE C 668 21.53 -17.76 -19.32
CA PHE C 668 22.98 -17.50 -19.45
C PHE C 668 23.68 -17.15 -18.13
N ALA C 669 22.92 -16.65 -17.16
CA ALA C 669 23.48 -16.13 -15.90
C ALA C 669 24.11 -17.20 -15.01
N SER C 670 23.52 -18.39 -15.00
CA SER C 670 23.92 -19.46 -14.08
C SER C 670 23.42 -20.81 -14.60
N PRO C 671 24.10 -21.92 -14.25
CA PRO C 671 23.53 -23.23 -14.63
C PRO C 671 22.24 -23.51 -13.85
N ALA C 672 21.33 -24.24 -14.47
CA ALA C 672 19.94 -24.39 -13.98
C ALA C 672 19.84 -24.72 -12.49
N ASP C 673 20.64 -25.67 -12.02
CA ASP C 673 20.59 -26.16 -10.63
C ASP C 673 21.27 -25.27 -9.56
N MET C 674 22.12 -24.33 -9.99
CA MET C 674 22.81 -23.44 -9.07
C MET C 674 21.87 -22.33 -8.60
N THR C 675 21.89 -22.03 -7.30
CA THR C 675 21.07 -20.97 -6.73
C THR C 675 21.60 -19.59 -7.17
N LEU C 676 20.68 -18.69 -7.50
CA LEU C 676 20.99 -17.39 -8.10
C LEU C 676 20.64 -16.25 -7.15
N GLU C 677 21.60 -15.39 -6.89
CA GLU C 677 21.34 -14.14 -6.19
C GLU C 677 21.05 -13.13 -7.28
N TRP C 678 19.78 -12.78 -7.42
CA TRP C 678 19.30 -11.98 -8.55
C TRP C 678 20.00 -10.62 -8.69
N GLN C 679 20.38 -10.31 -9.93
CA GLN C 679 21.11 -9.11 -10.27
C GLN C 679 20.74 -8.76 -11.70
N GLU C 680 20.38 -7.49 -11.94
CA GLU C 680 19.99 -7.06 -13.29
C GLU C 680 21.20 -6.75 -14.16
N SER C 681 22.31 -6.33 -13.53
CA SER C 681 23.59 -6.17 -14.24
C SER C 681 23.93 -7.46 -14.97
N GLY C 682 24.11 -7.35 -16.29
CA GLY C 682 24.25 -8.51 -17.19
C GLY C 682 23.27 -8.47 -18.37
N VAL C 683 22.06 -7.95 -18.14
CA VAL C 683 20.99 -7.92 -19.17
C VAL C 683 21.43 -7.36 -20.52
N GLU C 684 22.26 -6.32 -20.48
CA GLU C 684 22.67 -5.59 -21.69
C GLU C 684 23.52 -6.46 -22.63
N GLY C 685 24.26 -7.42 -22.06
CA GLY C 685 25.03 -8.39 -22.85
C GLY C 685 24.19 -9.30 -23.72
N ALA C 686 23.04 -9.73 -23.19
CA ALA C 686 22.06 -10.49 -23.96
C ALA C 686 21.34 -9.63 -24.99
N ASN C 687 21.03 -8.39 -24.62
CA ASN C 687 20.40 -7.43 -25.54
C ASN C 687 21.31 -7.14 -26.73
N ARG C 688 22.56 -6.77 -26.43
CA ARG C 688 23.57 -6.52 -27.47
C ARG C 688 23.86 -7.74 -28.36
N PHE C 689 23.85 -8.93 -27.77
CA PHE C 689 24.11 -10.16 -28.52
C PHE C 689 23.05 -10.39 -29.61
N LEU C 690 21.79 -10.21 -29.27
CA LEU C 690 20.70 -10.40 -30.23
C LEU C 690 20.73 -9.35 -31.37
N LYS C 691 21.16 -8.13 -31.06
CA LYS C 691 21.35 -7.09 -32.07
C LYS C 691 22.36 -7.52 -33.13
N ARG C 692 23.47 -8.11 -32.68
CA ARG C 692 24.52 -8.61 -33.58
C ARG C 692 24.05 -9.77 -34.44
N VAL C 693 23.19 -10.62 -33.87
CA VAL C 693 22.60 -11.74 -34.63
C VAL C 693 21.65 -11.21 -35.71
N TRP C 694 20.84 -10.22 -35.35
CA TRP C 694 19.95 -9.54 -36.30
C TRP C 694 20.75 -8.73 -37.35
N LYS C 695 21.85 -8.11 -36.92
CA LYS C 695 22.74 -7.36 -37.81
C LYS C 695 23.35 -8.25 -38.89
N LEU C 696 23.94 -9.37 -38.46
CA LEU C 696 24.60 -10.32 -39.36
C LEU C 696 23.66 -10.93 -40.40
N VAL C 697 22.41 -11.16 -40.02
CA VAL C 697 21.38 -11.71 -40.92
C VAL C 697 20.86 -10.65 -41.90
N TYR C 698 20.78 -9.40 -41.45
CA TYR C 698 20.41 -8.29 -42.35
C TYR C 698 21.48 -8.05 -43.41
N GLU C 699 22.74 -8.01 -42.98
CA GLU C 699 23.88 -7.84 -43.88
C GLU C 699 24.04 -9.02 -44.85
N HIS C 700 23.68 -10.22 -44.40
CA HIS C 700 23.77 -11.43 -45.21
C HIS C 700 22.61 -11.59 -46.22
N THR C 701 21.38 -11.30 -45.79
CA THR C 701 20.20 -11.43 -46.67
C THR C 701 20.13 -10.34 -47.74
N ALA C 702 20.55 -9.12 -47.39
CA ALA C 702 20.61 -7.99 -48.34
C ALA C 702 21.53 -8.25 -49.55
N LYS C 703 22.52 -9.12 -49.38
CA LYS C 703 23.41 -9.55 -50.47
C LYS C 703 22.86 -10.74 -51.29
N GLY C 704 21.53 -10.86 -51.38
CA GLY C 704 20.91 -11.80 -52.31
C GLY C 704 20.97 -13.26 -51.88
N ASP C 705 20.67 -14.14 -52.83
CA ASP C 705 20.53 -15.58 -52.58
C ASP C 705 21.90 -16.27 -52.56
N VAL C 706 21.91 -17.59 -52.35
CA VAL C 706 23.16 -18.38 -52.36
C VAL C 706 23.03 -19.64 -53.23
N ALA C 707 24.14 -20.02 -53.86
CA ALA C 707 24.25 -21.31 -54.57
C ALA C 707 24.80 -22.35 -53.61
N ALA C 708 24.47 -23.61 -53.86
CA ALA C 708 24.80 -24.74 -52.97
C ALA C 708 26.29 -24.81 -52.62
N LEU C 709 26.58 -25.28 -51.41
CA LEU C 709 27.96 -25.34 -50.91
C LEU C 709 28.70 -26.54 -51.48
N ASN C 710 29.86 -26.29 -52.10
CA ASN C 710 30.75 -27.35 -52.55
C ASN C 710 31.54 -27.82 -51.33
N VAL C 711 31.24 -29.04 -50.88
CA VAL C 711 31.81 -29.59 -49.65
C VAL C 711 33.28 -29.99 -49.89
N ASP C 712 33.50 -30.78 -50.95
CA ASP C 712 34.85 -31.27 -51.32
C ASP C 712 35.84 -30.19 -51.80
N ALA C 713 35.34 -29.07 -52.33
CA ALA C 713 36.21 -27.94 -52.72
C ALA C 713 36.00 -26.75 -51.78
N LEU C 714 36.94 -26.57 -50.85
CA LEU C 714 36.91 -25.47 -49.87
C LEU C 714 38.31 -24.98 -49.53
N THR C 715 38.40 -23.75 -49.01
CA THR C 715 39.67 -23.18 -48.53
C THR C 715 40.06 -23.83 -47.20
N GLU C 716 41.37 -23.83 -46.91
CA GLU C 716 41.90 -24.37 -45.63
C GLU C 716 41.45 -23.56 -44.41
N ASN C 717 41.39 -22.23 -44.56
CA ASN C 717 40.88 -21.35 -43.51
C ASN C 717 39.34 -21.45 -43.36
N GLN C 718 38.64 -21.72 -44.46
CA GLN C 718 37.18 -21.92 -44.46
C GLN C 718 36.76 -23.25 -43.82
N LYS C 719 37.44 -24.33 -44.23
CA LYS C 719 37.19 -25.70 -43.72
C LYS C 719 37.33 -25.81 -42.19
N ALA C 720 38.20 -24.98 -41.59
CA ALA C 720 38.31 -24.88 -40.13
C ALA C 720 37.10 -24.19 -39.48
N LEU C 721 36.50 -23.23 -40.19
CA LEU C 721 35.33 -22.50 -39.69
C LEU C 721 34.06 -23.37 -39.68
N ARG C 722 33.89 -24.19 -40.71
CA ARG C 722 32.79 -25.17 -40.76
C ARG C 722 32.94 -26.23 -39.66
N ARG C 723 34.19 -26.60 -39.37
CA ARG C 723 34.53 -27.50 -38.25
C ARG C 723 34.06 -26.92 -36.91
N ASP C 724 34.27 -25.62 -36.71
CA ASP C 724 33.78 -24.93 -35.50
C ASP C 724 32.25 -24.81 -35.46
N VAL C 725 31.61 -24.59 -36.62
CA VAL C 725 30.13 -24.58 -36.73
C VAL C 725 29.53 -25.92 -36.31
N HIS C 726 30.16 -27.02 -36.71
CA HIS C 726 29.66 -28.37 -36.41
C HIS C 726 30.03 -28.86 -35.00
N LYS C 727 31.21 -28.50 -34.51
CA LYS C 727 31.58 -28.76 -33.10
C LYS C 727 30.64 -28.05 -32.12
N THR C 728 30.20 -26.85 -32.48
CA THR C 728 29.22 -26.08 -31.70
C THR C 728 27.83 -26.76 -31.68
N ILE C 729 27.40 -27.30 -32.82
CA ILE C 729 26.14 -28.05 -32.89
C ILE C 729 26.19 -29.25 -31.94
N ALA C 730 27.26 -30.02 -32.04
CA ALA C 730 27.50 -31.16 -31.16
C ALA C 730 27.40 -30.75 -29.69
N LYS C 731 28.16 -29.72 -29.31
CA LYS C 731 28.21 -29.26 -27.91
C LYS C 731 26.87 -28.70 -27.42
N VAL C 732 26.22 -27.89 -28.25
CA VAL C 732 24.91 -27.33 -27.90
C VAL C 732 23.84 -28.42 -27.77
N THR C 733 23.92 -29.48 -28.59
CA THR C 733 22.98 -30.60 -28.49
C THR C 733 23.19 -31.41 -27.20
N ASP C 734 24.45 -31.56 -26.79
CA ASP C 734 24.78 -32.23 -25.53
C ASP C 734 24.39 -31.38 -24.31
N ASP C 735 24.76 -30.09 -24.35
CA ASP C 735 24.46 -29.14 -23.26
C ASP C 735 22.96 -28.96 -22.98
N ILE C 736 22.14 -29.04 -24.02
CA ILE C 736 20.67 -28.92 -23.88
C ILE C 736 20.06 -30.29 -23.55
N GLY C 737 20.42 -31.30 -24.33
CA GLY C 737 19.82 -32.63 -24.23
C GLY C 737 20.19 -33.43 -23.00
N ARG C 738 21.45 -33.36 -22.58
CA ARG C 738 21.98 -34.22 -21.51
C ARG C 738 22.32 -33.43 -20.24
N ARG C 739 23.25 -32.48 -20.36
CA ARG C 739 23.80 -31.78 -19.20
C ARG C 739 22.83 -30.78 -18.55
N GLN C 740 21.93 -30.21 -19.35
CA GLN C 740 21.08 -29.07 -18.95
C GLN C 740 21.88 -27.90 -18.34
N THR C 741 23.05 -27.63 -18.91
CA THR C 741 23.83 -26.43 -18.61
C THR C 741 23.64 -25.49 -19.80
N PHE C 742 22.56 -24.71 -19.74
CA PHE C 742 22.18 -23.83 -20.84
C PHE C 742 23.11 -22.63 -20.99
N ASN C 743 23.69 -22.17 -19.88
CA ASN C 743 24.70 -21.11 -19.90
C ASN C 743 25.89 -21.44 -20.82
N THR C 744 26.45 -22.65 -20.71
CA THR C 744 27.58 -23.06 -21.56
C THR C 744 27.20 -23.29 -23.03
N ALA C 745 25.93 -23.60 -23.29
CA ALA C 745 25.40 -23.70 -24.65
C ALA C 745 25.31 -22.33 -25.31
N ILE C 746 24.84 -21.35 -24.56
CA ILE C 746 24.72 -19.96 -25.03
C ILE C 746 26.11 -19.40 -25.35
N ALA C 747 27.06 -19.59 -24.44
CA ALA C 747 28.44 -19.14 -24.64
C ALA C 747 29.07 -19.74 -25.89
N ALA C 748 28.86 -21.04 -26.08
CA ALA C 748 29.32 -21.73 -27.29
C ALA C 748 28.78 -21.08 -28.57
N ILE C 749 27.53 -20.59 -28.53
CA ILE C 749 26.94 -19.87 -29.65
C ILE C 749 27.49 -18.44 -29.73
N MET C 750 27.73 -17.80 -28.60
CA MET C 750 28.39 -16.47 -28.59
C MET C 750 29.80 -16.51 -29.18
N GLU C 751 30.56 -17.56 -28.89
CA GLU C 751 31.90 -17.76 -29.48
C GLU C 751 31.86 -17.95 -30.99
N LEU C 752 30.93 -18.78 -31.46
CA LEU C 752 30.72 -19.00 -32.89
C LEU C 752 30.34 -17.71 -33.61
N MET C 753 29.48 -16.90 -32.99
CA MET C 753 29.03 -15.64 -33.59
C MET C 753 30.13 -14.60 -33.74
N ASN C 754 31.08 -14.60 -32.82
CA ASN C 754 32.26 -13.72 -32.93
C ASN C 754 33.15 -14.16 -34.09
N LYS C 755 33.28 -15.48 -34.28
CA LYS C 755 33.99 -16.05 -35.43
C LYS C 755 33.29 -15.80 -36.77
N LEU C 756 31.97 -15.93 -36.80
CA LEU C 756 31.18 -15.61 -38.00
C LEU C 756 31.22 -14.12 -38.36
N ALA C 757 31.32 -13.26 -37.35
CA ALA C 757 31.39 -11.81 -37.56
C ALA C 757 32.71 -11.33 -38.17
N LYS C 758 33.80 -12.06 -37.94
CA LYS C 758 35.12 -11.72 -38.48
C LYS C 758 35.49 -12.47 -39.77
N ALA C 759 34.55 -13.24 -40.33
CA ALA C 759 34.78 -13.97 -41.58
C ALA C 759 34.45 -13.07 -42.79
N PRO C 760 35.11 -13.33 -43.96
CA PRO C 760 34.80 -12.56 -45.16
C PRO C 760 33.59 -13.15 -45.89
N THR C 761 32.52 -12.36 -45.98
CA THR C 761 31.26 -12.77 -46.61
C THR C 761 31.10 -12.04 -47.95
N ASP C 762 32.10 -12.22 -48.82
CA ASP C 762 32.18 -11.53 -50.12
C ASP C 762 32.09 -12.52 -51.27
N GLY C 763 33.03 -13.47 -51.31
CA GLY C 763 33.03 -14.52 -52.33
C GLY C 763 31.77 -15.35 -52.27
N GLU C 764 31.27 -15.75 -53.44
CA GLU C 764 29.99 -16.47 -53.54
C GLU C 764 30.04 -17.95 -53.08
N GLN C 765 31.20 -18.41 -52.60
CA GLN C 765 31.31 -19.67 -51.82
C GLN C 765 31.33 -19.42 -50.31
N ASP C 766 31.97 -18.33 -49.88
CA ASP C 766 31.93 -17.90 -48.46
C ASP C 766 30.52 -17.65 -47.95
N ARG C 767 29.67 -17.11 -48.83
CA ARG C 767 28.27 -16.84 -48.51
C ARG C 767 27.44 -18.13 -48.37
N ALA C 768 27.75 -19.13 -49.19
CA ALA C 768 27.13 -20.46 -49.05
C ALA C 768 27.47 -21.11 -47.69
N LEU C 769 28.72 -20.92 -47.24
CA LEU C 769 29.16 -21.35 -45.90
C LEU C 769 28.44 -20.58 -44.80
N MET C 770 28.30 -19.26 -45.01
CA MET C 770 27.59 -18.38 -44.08
C MET C 770 26.09 -18.73 -43.95
N GLN C 771 25.50 -19.24 -45.03
CA GLN C 771 24.10 -19.70 -45.01
C GLN C 771 23.94 -20.93 -44.10
N GLU C 772 24.80 -21.92 -44.26
CA GLU C 772 24.75 -23.15 -43.44
C GLU C 772 24.93 -22.85 -41.94
N ALA C 773 25.85 -21.95 -41.61
CA ALA C 773 26.10 -21.55 -40.22
C ALA C 773 24.94 -20.76 -39.63
N LEU C 774 24.43 -19.78 -40.37
CA LEU C 774 23.30 -18.95 -39.90
C LEU C 774 22.00 -19.73 -39.72
N LEU C 775 21.71 -20.66 -40.63
CA LEU C 775 20.55 -21.57 -40.48
C LEU C 775 20.67 -22.44 -39.24
N ALA C 776 21.87 -22.92 -38.95
CA ALA C 776 22.14 -23.67 -37.71
C ALA C 776 22.08 -22.78 -36.46
N VAL C 777 22.66 -21.59 -36.54
CA VAL C 777 22.72 -20.65 -35.41
C VAL C 777 21.32 -20.20 -34.98
N VAL C 778 20.47 -19.87 -35.95
CA VAL C 778 19.09 -19.44 -35.67
C VAL C 778 18.28 -20.56 -35.00
N ARG C 779 18.40 -21.79 -35.51
CA ARG C 779 17.72 -22.95 -34.93
C ARG C 779 18.24 -23.29 -33.54
N MET C 780 19.56 -23.25 -33.36
CA MET C 780 20.17 -23.48 -32.03
C MET C 780 19.75 -22.45 -30.99
N LEU C 781 19.48 -21.22 -31.43
CA LEU C 781 19.10 -20.13 -30.53
C LEU C 781 17.57 -20.03 -30.31
N ASN C 782 16.77 -20.75 -31.10
CA ASN C 782 15.30 -20.70 -31.07
C ASN C 782 14.66 -21.02 -29.72
N PRO C 783 15.09 -22.11 -29.07
CA PRO C 783 14.47 -22.43 -27.77
C PRO C 783 14.67 -21.36 -26.69
N PHE C 784 15.75 -20.58 -26.80
CA PHE C 784 16.02 -19.49 -25.88
C PHE C 784 15.21 -18.26 -26.25
N THR C 785 15.34 -17.84 -27.51
CA THR C 785 14.72 -16.64 -28.03
C THR C 785 13.86 -17.02 -29.23
N PRO C 786 12.61 -17.49 -28.99
CA PRO C 786 11.79 -18.03 -30.08
C PRO C 786 11.12 -16.99 -31.00
N HIS C 787 11.02 -15.72 -30.58
CA HIS C 787 10.36 -14.70 -31.39
C HIS C 787 11.26 -14.17 -32.51
N ILE C 788 12.47 -13.76 -32.13
CA ILE C 788 13.48 -13.31 -33.10
C ILE C 788 13.82 -14.40 -34.13
N CYS C 789 14.00 -15.63 -33.67
CA CYS C 789 14.38 -16.73 -34.55
C CYS C 789 13.27 -17.11 -35.53
N PHE C 790 12.01 -16.88 -35.13
CA PHE C 790 10.86 -17.05 -36.04
C PHE C 790 10.98 -16.11 -37.23
N THR C 791 11.30 -14.84 -36.95
CA THR C 791 11.51 -13.84 -37.99
C THR C 791 12.70 -14.17 -38.86
N LEU C 792 13.87 -14.35 -38.25
CA LEU C 792 15.12 -14.57 -38.98
C LEU C 792 15.04 -15.76 -39.93
N TRP C 793 14.40 -16.83 -39.46
CA TRP C 793 14.18 -18.05 -40.25
C TRP C 793 13.43 -17.78 -41.56
N GLN C 794 12.41 -16.92 -41.51
CA GLN C 794 11.67 -16.49 -42.71
C GLN C 794 12.54 -15.63 -43.64
N GLU C 795 13.40 -14.81 -43.06
CA GLU C 795 14.30 -13.92 -43.82
C GLU C 795 15.46 -14.67 -44.46
N LEU C 796 15.85 -15.81 -43.88
CA LEU C 796 16.80 -16.74 -44.50
C LEU C 796 16.14 -17.72 -45.49
N LYS C 797 14.86 -17.49 -45.83
CA LYS C 797 14.06 -18.36 -46.70
C LYS C 797 14.03 -19.82 -46.24
N GLY C 798 13.97 -20.02 -44.92
CA GLY C 798 13.93 -21.35 -44.33
C GLY C 798 12.59 -22.01 -44.56
N GLU C 799 12.59 -23.31 -44.78
CA GLU C 799 11.38 -24.04 -45.14
C GLU C 799 10.51 -24.26 -43.91
N GLY C 800 9.24 -23.85 -44.01
CA GLY C 800 8.28 -23.99 -42.92
C GLY C 800 8.52 -22.99 -41.81
N ASP C 801 7.83 -23.18 -40.70
CA ASP C 801 8.07 -22.38 -39.49
C ASP C 801 9.15 -23.01 -38.60
N ILE C 802 9.94 -22.13 -37.97
CA ILE C 802 11.07 -22.51 -37.11
C ILE C 802 10.72 -23.53 -36.01
N ASP C 803 9.49 -23.46 -35.51
CA ASP C 803 9.01 -24.35 -34.45
C ASP C 803 8.94 -25.83 -34.88
N ASN C 804 8.54 -26.07 -36.12
CA ASN C 804 8.47 -27.43 -36.70
C ASN C 804 9.67 -27.79 -37.60
N ALA C 805 10.70 -26.93 -37.60
CA ALA C 805 11.94 -27.21 -38.34
C ALA C 805 12.76 -28.28 -37.61
N PRO C 806 13.64 -28.99 -38.34
CA PRO C 806 14.45 -30.01 -37.70
C PRO C 806 15.70 -29.42 -37.02
N TRP C 807 16.03 -29.94 -35.84
CA TRP C 807 17.22 -29.52 -35.08
C TRP C 807 18.50 -29.89 -35.86
N PRO C 808 19.53 -29.01 -35.85
CA PRO C 808 20.77 -29.31 -36.60
C PRO C 808 21.60 -30.47 -36.04
N VAL C 809 22.07 -31.32 -36.96
CA VAL C 809 22.91 -32.47 -36.63
C VAL C 809 24.35 -32.15 -37.07
N ALA C 810 25.32 -32.46 -36.22
CA ALA C 810 26.72 -32.30 -36.59
C ALA C 810 27.14 -33.41 -37.56
N ASP C 811 27.33 -33.06 -38.84
CA ASP C 811 27.95 -33.97 -39.83
C ASP C 811 29.38 -34.32 -39.39
N GLU C 812 29.59 -35.59 -39.04
CA GLU C 812 30.84 -36.06 -38.45
C GLU C 812 32.08 -35.75 -39.28
N LYS C 813 31.98 -35.96 -40.60
CA LYS C 813 33.09 -35.72 -41.52
C LYS C 813 33.51 -34.24 -41.58
N ALA C 814 32.57 -33.34 -41.32
CA ALA C 814 32.84 -31.89 -41.31
C ALA C 814 33.74 -31.39 -40.16
N MET C 815 33.87 -32.18 -39.09
CA MET C 815 34.60 -31.76 -37.88
C MET C 815 35.70 -32.75 -37.46
N VAL C 816 36.50 -33.19 -38.43
CA VAL C 816 37.66 -34.05 -38.19
C VAL C 816 38.85 -33.17 -37.76
N GLU C 817 39.55 -33.57 -36.70
CA GLU C 817 40.72 -32.84 -36.20
C GLU C 817 42.00 -33.38 -36.84
N ASP C 818 42.76 -32.50 -37.46
CA ASP C 818 44.06 -32.86 -38.07
C ASP C 818 45.19 -32.94 -37.03
N SER C 819 45.14 -32.07 -36.01
CA SER C 819 46.10 -32.04 -34.92
C SER C 819 45.39 -31.89 -33.56
N THR C 820 46.16 -31.76 -32.48
CA THR C 820 45.61 -31.58 -31.14
C THR C 820 46.61 -30.88 -30.21
N LEU C 821 46.09 -30.05 -29.31
CA LEU C 821 46.92 -29.31 -28.36
C LEU C 821 47.43 -30.23 -27.25
N VAL C 822 48.68 -30.01 -26.84
CA VAL C 822 49.29 -30.75 -25.72
C VAL C 822 49.97 -29.79 -24.76
N VAL C 823 49.51 -29.79 -23.51
CA VAL C 823 50.07 -28.93 -22.47
C VAL C 823 51.32 -29.62 -21.92
N VAL C 824 52.40 -28.86 -21.79
CA VAL C 824 53.67 -29.38 -21.27
C VAL C 824 53.90 -28.81 -19.88
N GLN C 825 54.05 -29.70 -18.90
CA GLN C 825 54.27 -29.32 -17.50
C GLN C 825 55.60 -29.84 -16.97
N VAL C 826 56.27 -29.02 -16.17
CA VAL C 826 57.50 -29.37 -15.46
C VAL C 826 57.23 -29.18 -13.95
N ASN C 827 57.28 -30.27 -13.18
CA ASN C 827 56.89 -30.30 -11.75
C ASN C 827 55.42 -29.90 -11.54
N GLY C 828 54.56 -30.23 -12.50
CA GLY C 828 53.16 -29.81 -12.50
C GLY C 828 52.87 -28.38 -12.97
N LYS C 829 53.90 -27.53 -13.08
CA LYS C 829 53.74 -26.14 -13.53
C LYS C 829 53.78 -26.10 -15.05
N VAL C 830 52.88 -25.31 -15.64
CA VAL C 830 52.76 -25.23 -17.11
C VAL C 830 53.89 -24.37 -17.67
N ARG C 831 54.48 -24.82 -18.78
CA ARG C 831 55.61 -24.13 -19.42
C ARG C 831 55.46 -23.85 -20.93
N ALA C 832 54.82 -24.76 -21.68
CA ALA C 832 54.59 -24.56 -23.12
C ALA C 832 53.40 -25.35 -23.64
N LYS C 833 52.72 -24.77 -24.62
CA LYS C 833 51.57 -25.40 -25.26
C LYS C 833 51.94 -25.58 -26.73
N ILE C 834 51.78 -26.81 -27.24
CA ILE C 834 52.28 -27.21 -28.54
C ILE C 834 51.24 -27.99 -29.33
N THR C 835 51.38 -27.99 -30.66
CA THR C 835 50.47 -28.70 -31.55
C THR C 835 51.11 -30.00 -32.01
N VAL C 836 50.33 -31.08 -31.98
CA VAL C 836 50.79 -32.45 -32.17
C VAL C 836 49.84 -33.18 -33.13
N PRO C 837 50.35 -34.04 -34.04
CA PRO C 837 49.48 -34.82 -34.94
C PRO C 837 48.40 -35.65 -34.22
N VAL C 838 47.24 -35.80 -34.86
CA VAL C 838 46.04 -36.44 -34.26
C VAL C 838 46.33 -37.71 -33.47
N ASP C 839 47.25 -38.52 -33.97
CA ASP C 839 47.77 -39.68 -33.24
C ASP C 839 49.30 -39.69 -33.33
N ALA C 840 49.96 -39.42 -32.21
CA ALA C 840 51.41 -39.44 -32.10
C ALA C 840 51.82 -40.14 -30.81
N THR C 841 52.96 -40.84 -30.86
CA THR C 841 53.43 -41.63 -29.72
C THR C 841 54.00 -40.73 -28.62
N GLU C 842 54.20 -41.32 -27.45
CA GLU C 842 54.74 -40.63 -26.28
C GLU C 842 56.08 -39.94 -26.57
N GLU C 843 56.93 -40.60 -27.36
CA GLU C 843 58.27 -40.08 -27.67
C GLU C 843 58.26 -38.97 -28.72
N GLN C 844 57.33 -39.04 -29.68
CA GLN C 844 57.13 -37.95 -30.66
C GLN C 844 56.70 -36.63 -29.99
N VAL C 845 55.85 -36.75 -28.97
CA VAL C 845 55.41 -35.61 -28.18
C VAL C 845 56.52 -35.15 -27.21
N ARG C 846 57.22 -36.10 -26.61
CA ARG C 846 58.32 -35.81 -25.67
C ARG C 846 59.51 -35.11 -26.36
N GLU C 847 59.78 -35.50 -27.61
CA GLU C 847 60.79 -34.84 -28.44
C GLU C 847 60.42 -33.41 -28.78
N ARG C 848 59.21 -33.22 -29.32
CA ARG C 848 58.74 -31.90 -29.77
C ARG C 848 58.61 -30.89 -28.60
N ALA C 849 58.32 -31.39 -27.40
CA ALA C 849 58.23 -30.56 -26.20
C ALA C 849 59.59 -30.06 -25.72
N GLY C 850 60.61 -30.92 -25.81
CA GLY C 850 61.98 -30.58 -25.37
C GLY C 850 62.67 -29.45 -26.11
N GLN C 851 62.25 -29.20 -27.35
CA GLN C 851 62.80 -28.11 -28.16
C GLN C 851 62.46 -26.70 -27.64
N GLU C 852 61.36 -26.56 -26.89
CA GLU C 852 60.92 -25.26 -26.34
C GLU C 852 61.94 -24.63 -25.37
N HIS C 853 62.11 -23.31 -25.48
CA HIS C 853 63.03 -22.55 -24.62
C HIS C 853 62.62 -22.52 -23.14
N LEU C 854 61.31 -22.46 -22.88
CA LEU C 854 60.76 -22.54 -21.52
C LEU C 854 60.90 -23.94 -20.92
N VAL C 855 60.79 -24.97 -21.77
CA VAL C 855 60.96 -26.36 -21.35
C VAL C 855 62.45 -26.68 -21.13
N ALA C 856 63.30 -26.25 -22.07
CA ALA C 856 64.75 -26.44 -21.98
C ALA C 856 65.41 -25.70 -20.80
N LYS C 857 64.79 -24.62 -20.33
CA LYS C 857 65.25 -23.89 -19.14
C LYS C 857 65.24 -24.76 -17.88
N TYR C 858 64.19 -25.56 -17.73
CA TYR C 858 64.04 -26.48 -16.59
C TYR C 858 64.33 -27.97 -16.94
N LEU C 859 65.15 -28.17 -17.98
CA LEU C 859 65.75 -29.48 -18.32
C LEU C 859 67.31 -29.46 -18.24
N ASP C 860 67.90 -28.30 -17.92
CA ASP C 860 69.37 -28.13 -17.92
C ASP C 860 70.06 -28.99 -16.86
N GLY C 861 70.54 -30.16 -17.27
CA GLY C 861 71.32 -31.05 -16.41
C GLY C 861 70.58 -31.56 -15.20
N VAL C 862 69.38 -32.10 -15.44
CA VAL C 862 68.53 -32.65 -14.38
C VAL C 862 67.90 -33.98 -14.83
N THR C 863 67.85 -34.95 -13.92
CA THR C 863 67.33 -36.29 -14.22
C THR C 863 65.80 -36.29 -14.18
N VAL C 864 65.19 -37.04 -15.08
CA VAL C 864 63.75 -37.19 -15.15
C VAL C 864 63.35 -38.38 -14.27
N ARG C 865 62.58 -38.15 -13.21
CA ARG C 865 62.09 -39.21 -12.33
C ARG C 865 61.12 -40.12 -13.08
N LYS C 866 60.08 -39.51 -13.65
CA LYS C 866 59.14 -40.23 -14.53
C LYS C 866 58.38 -39.29 -15.47
N VAL C 867 57.69 -39.91 -16.43
CA VAL C 867 56.92 -39.20 -17.47
C VAL C 867 55.47 -39.69 -17.46
N ILE C 868 54.54 -38.75 -17.31
CA ILE C 868 53.11 -39.04 -17.36
C ILE C 868 52.56 -38.40 -18.62
N TYR C 869 51.85 -39.20 -19.43
CA TYR C 869 51.37 -38.76 -20.74
C TYR C 869 49.90 -39.14 -20.92
N VAL C 870 49.04 -38.12 -20.91
CA VAL C 870 47.63 -38.28 -21.24
C VAL C 870 47.54 -38.12 -22.77
N PRO C 871 47.13 -39.18 -23.51
CA PRO C 871 47.16 -39.16 -24.99
C PRO C 871 46.48 -37.96 -25.67
N GLY C 872 47.29 -37.06 -26.23
CA GLY C 872 46.81 -35.87 -26.94
C GLY C 872 46.16 -34.81 -26.06
N LYS C 873 46.65 -34.65 -24.83
CA LYS C 873 46.10 -33.70 -23.87
C LYS C 873 47.14 -33.07 -22.92
N LEU C 874 47.96 -33.90 -22.27
CA LEU C 874 48.95 -33.41 -21.30
C LEU C 874 50.20 -34.28 -21.16
N LEU C 875 51.32 -33.63 -20.85
CA LEU C 875 52.60 -34.28 -20.59
C LEU C 875 53.31 -33.62 -19.40
N ASN C 876 53.26 -34.27 -18.24
CA ASN C 876 53.95 -33.81 -17.03
C ASN C 876 55.32 -34.48 -16.97
N LEU C 877 56.33 -33.71 -16.55
CA LEU C 877 57.72 -34.16 -16.48
C LEU C 877 58.31 -33.79 -15.12
N VAL C 878 58.68 -34.79 -14.33
CA VAL C 878 59.11 -34.55 -12.93
C VAL C 878 60.64 -34.47 -12.84
N VAL C 879 61.12 -33.52 -12.04
CA VAL C 879 62.56 -33.24 -11.89
C VAL C 879 63.07 -33.70 -10.53
N GLY C 880 64.26 -34.29 -10.53
CA GLY C 880 64.91 -34.78 -9.30
C GLY C 880 65.87 -33.77 -8.71
#